data_9MUX
# 
_entry.id   9MUX 
# 
_audit_conform.dict_name       mmcif_pdbx.dic 
_audit_conform.dict_version    5.404 
_audit_conform.dict_location   http://mmcif.pdb.org/dictionaries/ascii/mmcif_pdbx.dic 
# 
loop_
_database_2.database_id 
_database_2.database_code 
_database_2.pdbx_database_accession 
_database_2.pdbx_DOI 
PDB   9MUX         pdb_00009mux 10.2210/pdb9mux/pdb 
WWPDB D_1000291219 ?            ?                   
# 
_pdbx_audit_revision_history.ordinal             1 
_pdbx_audit_revision_history.data_content_type   'Structure model' 
_pdbx_audit_revision_history.major_revision      1 
_pdbx_audit_revision_history.minor_revision      0 
_pdbx_audit_revision_history.revision_date       2025-08-13 
_pdbx_audit_revision_history.part_number         ? 
# 
_pdbx_audit_revision_details.ordinal             1 
_pdbx_audit_revision_details.revision_ordinal    1 
_pdbx_audit_revision_details.data_content_type   'Structure model' 
_pdbx_audit_revision_details.provider            repository 
_pdbx_audit_revision_details.type                'Initial release' 
_pdbx_audit_revision_details.description         ? 
_pdbx_audit_revision_details.details             ? 
# 
_pdbx_database_status.status_code                     REL 
_pdbx_database_status.status_code_sf                  REL 
_pdbx_database_status.status_code_mr                  ? 
_pdbx_database_status.entry_id                        9MUX 
_pdbx_database_status.recvd_initial_deposition_date   2025-01-14 
_pdbx_database_status.SG_entry                        N 
_pdbx_database_status.deposit_site                    RCSB 
_pdbx_database_status.process_site                    RCSB 
_pdbx_database_status.status_code_cs                  ? 
_pdbx_database_status.status_code_nmr_data            ? 
_pdbx_database_status.methods_development_category    ? 
_pdbx_database_status.pdb_format_compatible           Y 
# 
loop_
_pdbx_database_related.db_name 
_pdbx_database_related.details 
_pdbx_database_related.db_id 
_pdbx_database_related.content_type 
PDB . 9DNO unspecified 
PDB . 9DNP unspecified 
PDB . 9DNQ unspecified 
PDB . 9DNR unspecified 
# 
_pdbx_contact_author.id                 3 
_pdbx_contact_author.email              yuc020@health.ucsd.edu 
_pdbx_contact_author.name_first         Yuan 
_pdbx_contact_author.name_last          Chen 
_pdbx_contact_author.name_mi            ? 
_pdbx_contact_author.role               'principal investigator/group leader' 
_pdbx_contact_author.identifier_ORCID   0000-0002-1510-182X 
# 
loop_
_audit_author.name 
_audit_author.pdbx_ordinal 
_audit_author.identifier_ORCID 
'Huang, S.'  1 0000-0003-3862-564X 
'Wu, J.'     2 0000-0002-8031-9462 
'Taylor, S.' 3 0000-0002-7702-6108 
'Chen, Y.'   4 0000-0002-1510-182X 
# 
_citation.abstract                  ? 
_citation.abstract_id_CAS           ? 
_citation.book_id_ISBN              ? 
_citation.book_publisher            ? 
_citation.book_publisher_city       ? 
_citation.book_title                ? 
_citation.coordinate_linkage        ? 
_citation.country                   ? 
_citation.database_id_Medline       ? 
_citation.details                   ? 
_citation.id                        primary 
_citation.journal_abbrev            'To Be Published' 
_citation.journal_id_ASTM           ? 
_citation.journal_id_CSD            0353 
_citation.journal_id_ISSN           ? 
_citation.journal_full              ? 
_citation.journal_issue             ? 
_citation.journal_volume            ? 
_citation.language                  ? 
_citation.page_first                ? 
_citation.page_last                 ? 
_citation.title                     'Structural Flexibility and Selectivity of N-End Rule Ligases' 
_citation.year                      ? 
_citation.database_id_CSD           ? 
_citation.pdbx_database_id_DOI      ? 
_citation.pdbx_database_id_PubMed   ? 
_citation.pdbx_database_id_patent   ? 
_citation.unpublished_flag          ? 
# 
loop_
_citation_author.citation_id 
_citation_author.name 
_citation_author.ordinal 
_citation_author.identifier_ORCID 
primary 'Huang, S.'    1 0000-0003-3862-564X 
primary 'Wu, J.'       2 0000-0002-8031-9462 
primary 'Taylor, S.'   3 0000-0002-7702-6108 
primary 'Chen, Y.'     4 0000-0002-1510-182X 
primary 'Chen, D.'     5 ?                   
primary 'Ren, T.'      6 ?                   
primary 'Thomas, N.'   7 ?                   
primary 'Sankaran, B.' 8 0000-0002-3266-8131 
primary 'Jones, R.'    9 ?                   
# 
loop_
_entity.id 
_entity.type 
_entity.src_method 
_entity.pdbx_description 
_entity.formula_weight 
_entity.pdbx_number_of_molecules 
_entity.pdbx_ec 
_entity.pdbx_mutation 
_entity.pdbx_fragment 
_entity.details 
1 polymer     man 'E3 ubiquitin-protein ligase UBR1' 8449.517 1  2.3.2.27 ? 'UBR-box domain (UNP residues 97-168)' ? 
2 polymer     syn 'ARG-TRP-ALA-NH2 peptide'          430.504  1  ?        ? ?                                      ? 
3 non-polymer syn 'ZINC ION'                         65.409   3  ?        ? ?                                      ? 
4 water       nat water                              18.015   81 ?        ? ?                                      ? 
# 
_entity_name_com.entity_id   1 
_entity_name_com.name        'N-recognin-1,Ubiquitin-protein ligase E3-alpha-1,Ubiquitin-protein ligase E3-alpha-I' 
# 
loop_
_entity_poly.entity_id 
_entity_poly.type 
_entity_poly.nstd_linkage 
_entity_poly.nstd_monomer 
_entity_poly.pdbx_seq_one_letter_code 
_entity_poly.pdbx_seq_one_letter_code_can 
_entity_poly.pdbx_strand_id 
_entity_poly.pdbx_target_identifier 
1 'polypeptide(L)' no no  GPLGSQLCGRVFKSGETTYSCRDCAIDPTCVLCMDCFQDSVHKNHRYKMHTSTGGGFCDCGDTEAWKTGPFCVNHEP 
GPLGSQLCGRVFKSGETTYSCRDCAIDPTCVLCMDCFQDSVHKNHRYKMHTSTGGGFCDCGDTEAWKTGPFCVNHEP A ? 
2 'polypeptide(L)' no yes 'RWA(NH2)'                                                                    RWAX D ? 
# 
loop_
_pdbx_entity_nonpoly.entity_id 
_pdbx_entity_nonpoly.name 
_pdbx_entity_nonpoly.comp_id 
3 'ZINC ION' ZN  
4 water      HOH 
# 
loop_
_entity_poly_seq.entity_id 
_entity_poly_seq.num 
_entity_poly_seq.mon_id 
_entity_poly_seq.hetero 
1 1  GLY n 
1 2  PRO n 
1 3  LEU n 
1 4  GLY n 
1 5  SER n 
1 6  GLN n 
1 7  LEU n 
1 8  CYS n 
1 9  GLY n 
1 10 ARG n 
1 11 VAL n 
1 12 PHE n 
1 13 LYS n 
1 14 SER n 
1 15 GLY n 
1 16 GLU n 
1 17 THR n 
1 18 THR n 
1 19 TYR n 
1 20 SER n 
1 21 CYS n 
1 22 ARG n 
1 23 ASP n 
1 24 CYS n 
1 25 ALA n 
1 26 ILE n 
1 27 ASP n 
1 28 PRO n 
1 29 THR n 
1 30 CYS n 
1 31 VAL n 
1 32 LEU n 
1 33 CYS n 
1 34 MET n 
1 35 ASP n 
1 36 CYS n 
1 37 PHE n 
1 38 GLN n 
1 39 ASP n 
1 40 SER n 
1 41 VAL n 
1 42 HIS n 
1 43 LYS n 
1 44 ASN n 
1 45 HIS n 
1 46 ARG n 
1 47 TYR n 
1 48 LYS n 
1 49 MET n 
1 50 HIS n 
1 51 THR n 
1 52 SER n 
1 53 THR n 
1 54 GLY n 
1 55 GLY n 
1 56 GLY n 
1 57 PHE n 
1 58 CYS n 
1 59 ASP n 
1 60 CYS n 
1 61 GLY n 
1 62 ASP n 
1 63 THR n 
1 64 GLU n 
1 65 ALA n 
1 66 TRP n 
1 67 LYS n 
1 68 THR n 
1 69 GLY n 
1 70 PRO n 
1 71 PHE n 
1 72 CYS n 
1 73 VAL n 
1 74 ASN n 
1 75 HIS n 
1 76 GLU n 
1 77 PRO n 
2 1  ARG n 
2 2  TRP n 
2 3  ALA n 
2 4  NH2 n 
# 
_entity_src_gen.entity_id                          1 
_entity_src_gen.pdbx_src_id                        1 
_entity_src_gen.pdbx_alt_source_flag               sample 
_entity_src_gen.pdbx_seq_type                      'Biological sequence' 
_entity_src_gen.pdbx_beg_seq_num                   1 
_entity_src_gen.pdbx_end_seq_num                   77 
_entity_src_gen.gene_src_common_name               human 
_entity_src_gen.gene_src_genus                     ? 
_entity_src_gen.pdbx_gene_src_gene                 UBR1 
_entity_src_gen.gene_src_species                   ? 
_entity_src_gen.gene_src_strain                    ? 
_entity_src_gen.gene_src_tissue                    ? 
_entity_src_gen.gene_src_tissue_fraction           ? 
_entity_src_gen.gene_src_details                   ? 
_entity_src_gen.pdbx_gene_src_fragment             ? 
_entity_src_gen.pdbx_gene_src_scientific_name      'Homo sapiens' 
_entity_src_gen.pdbx_gene_src_ncbi_taxonomy_id     9606 
_entity_src_gen.pdbx_gene_src_variant              ? 
_entity_src_gen.pdbx_gene_src_cell_line            ? 
_entity_src_gen.pdbx_gene_src_atcc                 ? 
_entity_src_gen.pdbx_gene_src_organ                ? 
_entity_src_gen.pdbx_gene_src_organelle            ? 
_entity_src_gen.pdbx_gene_src_cell                 ? 
_entity_src_gen.pdbx_gene_src_cellular_location    ? 
_entity_src_gen.host_org_common_name               ? 
_entity_src_gen.pdbx_host_org_scientific_name      'Escherichia coli BL21(DE3)' 
_entity_src_gen.pdbx_host_org_ncbi_taxonomy_id     469008 
_entity_src_gen.host_org_genus                     ? 
_entity_src_gen.pdbx_host_org_gene                 ? 
_entity_src_gen.pdbx_host_org_organ                ? 
_entity_src_gen.host_org_species                   ? 
_entity_src_gen.pdbx_host_org_tissue               ? 
_entity_src_gen.pdbx_host_org_tissue_fraction      ? 
_entity_src_gen.pdbx_host_org_strain               ? 
_entity_src_gen.pdbx_host_org_variant              ? 
_entity_src_gen.pdbx_host_org_cell_line            ? 
_entity_src_gen.pdbx_host_org_atcc                 ? 
_entity_src_gen.pdbx_host_org_culture_collection   ? 
_entity_src_gen.pdbx_host_org_cell                 ? 
_entity_src_gen.pdbx_host_org_organelle            ? 
_entity_src_gen.pdbx_host_org_cellular_location    ? 
_entity_src_gen.pdbx_host_org_vector_type          plasmid 
_entity_src_gen.pdbx_host_org_vector               ? 
_entity_src_gen.host_org_details                   'Amp resistance, N-terminal GST tag' 
_entity_src_gen.expression_system_id               ? 
_entity_src_gen.plasmid_name                       pGEX-6p-1-hUBR1-UBRbox 
_entity_src_gen.plasmid_details                    ? 
_entity_src_gen.pdbx_description                   ? 
# 
_pdbx_entity_src_syn.entity_id              2 
_pdbx_entity_src_syn.pdbx_src_id            1 
_pdbx_entity_src_syn.pdbx_alt_source_flag   sample 
_pdbx_entity_src_syn.pdbx_beg_seq_num       1 
_pdbx_entity_src_syn.pdbx_end_seq_num       4 
_pdbx_entity_src_syn.organism_scientific    'synthetic construct' 
_pdbx_entity_src_syn.organism_common_name   ? 
_pdbx_entity_src_syn.ncbi_taxonomy_id       32630 
_pdbx_entity_src_syn.details                ? 
# 
loop_
_chem_comp.id 
_chem_comp.type 
_chem_comp.mon_nstd_flag 
_chem_comp.name 
_chem_comp.pdbx_synonyms 
_chem_comp.formula 
_chem_comp.formula_weight 
ALA 'L-peptide linking' y ALANINE         ? 'C3 H7 N O2'     89.093  
ARG 'L-peptide linking' y ARGININE        ? 'C6 H15 N4 O2 1' 175.209 
ASN 'L-peptide linking' y ASPARAGINE      ? 'C4 H8 N2 O3'    132.118 
ASP 'L-peptide linking' y 'ASPARTIC ACID' ? 'C4 H7 N O4'     133.103 
CYS 'L-peptide linking' y CYSTEINE        ? 'C3 H7 N O2 S'   121.158 
GLN 'L-peptide linking' y GLUTAMINE       ? 'C5 H10 N2 O3'   146.144 
GLU 'L-peptide linking' y 'GLUTAMIC ACID' ? 'C5 H9 N O4'     147.129 
GLY 'peptide linking'   y GLYCINE         ? 'C2 H5 N O2'     75.067  
HIS 'L-peptide linking' y HISTIDINE       ? 'C6 H10 N3 O2 1' 156.162 
HOH non-polymer         . WATER           ? 'H2 O'           18.015  
ILE 'L-peptide linking' y ISOLEUCINE      ? 'C6 H13 N O2'    131.173 
LEU 'L-peptide linking' y LEUCINE         ? 'C6 H13 N O2'    131.173 
LYS 'L-peptide linking' y LYSINE          ? 'C6 H15 N2 O2 1' 147.195 
MET 'L-peptide linking' y METHIONINE      ? 'C5 H11 N O2 S'  149.211 
NH2 non-polymer         . 'AMINO GROUP'   ? 'H2 N'           16.023  
PHE 'L-peptide linking' y PHENYLALANINE   ? 'C9 H11 N O2'    165.189 
PRO 'L-peptide linking' y PROLINE         ? 'C5 H9 N O2'     115.130 
SER 'L-peptide linking' y SERINE          ? 'C3 H7 N O3'     105.093 
THR 'L-peptide linking' y THREONINE       ? 'C4 H9 N O3'     119.119 
TRP 'L-peptide linking' y TRYPTOPHAN      ? 'C11 H12 N2 O2'  204.225 
TYR 'L-peptide linking' y TYROSINE        ? 'C9 H11 N O3'    181.189 
VAL 'L-peptide linking' y VALINE          ? 'C5 H11 N O2'    117.146 
ZN  non-polymer         . 'ZINC ION'      ? 'Zn 2'           65.409  
# 
loop_
_pdbx_poly_seq_scheme.asym_id 
_pdbx_poly_seq_scheme.entity_id 
_pdbx_poly_seq_scheme.seq_id 
_pdbx_poly_seq_scheme.mon_id 
_pdbx_poly_seq_scheme.ndb_seq_num 
_pdbx_poly_seq_scheme.pdb_seq_num 
_pdbx_poly_seq_scheme.auth_seq_num 
_pdbx_poly_seq_scheme.pdb_mon_id 
_pdbx_poly_seq_scheme.auth_mon_id 
_pdbx_poly_seq_scheme.pdb_strand_id 
_pdbx_poly_seq_scheme.pdb_ins_code 
_pdbx_poly_seq_scheme.hetero 
A 1 1  GLY 1  92  92  GLY GLY A . n 
A 1 2  PRO 2  93  93  PRO PRO A . n 
A 1 3  LEU 3  94  94  LEU LEU A . n 
A 1 4  GLY 4  95  95  GLY GLY A . n 
A 1 5  SER 5  96  96  SER SER A . n 
A 1 6  GLN 6  97  97  GLN GLN A . n 
A 1 7  LEU 7  98  98  LEU LEU A . n 
A 1 8  CYS 8  99  99  CYS CYS A . n 
A 1 9  GLY 9  100 100 GLY GLY A . n 
A 1 10 ARG 10 101 101 ARG ARG A . n 
A 1 11 VAL 11 102 102 VAL VAL A . n 
A 1 12 PHE 12 103 103 PHE PHE A . n 
A 1 13 LYS 13 104 104 LYS LYS A . n 
A 1 14 SER 14 105 105 SER SER A . n 
A 1 15 GLY 15 106 106 GLY GLY A . n 
A 1 16 GLU 16 107 107 GLU GLU A . n 
A 1 17 THR 17 108 108 THR THR A . n 
A 1 18 THR 18 109 109 THR THR A . n 
A 1 19 TYR 19 110 110 TYR TYR A . n 
A 1 20 SER 20 111 111 SER SER A . n 
A 1 21 CYS 21 112 112 CYS CYS A . n 
A 1 22 ARG 22 113 113 ARG ARG A . n 
A 1 23 ASP 23 114 114 ASP ASP A . n 
A 1 24 CYS 24 115 115 CYS CYS A . n 
A 1 25 ALA 25 116 116 ALA ALA A . n 
A 1 26 ILE 26 117 117 ILE ILE A . n 
A 1 27 ASP 27 118 118 ASP ASP A . n 
A 1 28 PRO 28 119 119 PRO PRO A . n 
A 1 29 THR 29 120 120 THR THR A . n 
A 1 30 CYS 30 121 121 CYS CYS A . n 
A 1 31 VAL 31 122 122 VAL VAL A . n 
A 1 32 LEU 32 123 123 LEU LEU A . n 
A 1 33 CYS 33 124 124 CYS CYS A . n 
A 1 34 MET 34 125 125 MET MET A . n 
A 1 35 ASP 35 126 126 ASP ASP A . n 
A 1 36 CYS 36 127 127 CYS CYS A . n 
A 1 37 PHE 37 128 128 PHE PHE A . n 
A 1 38 GLN 38 129 129 GLN GLN A . n 
A 1 39 ASP 39 130 130 ASP ASP A . n 
A 1 40 SER 40 131 131 SER SER A . n 
A 1 41 VAL 41 132 132 VAL VAL A . n 
A 1 42 HIS 42 133 133 HIS HIS A . n 
A 1 43 LYS 43 134 134 LYS LYS A . n 
A 1 44 ASN 44 135 135 ASN ASN A . n 
A 1 45 HIS 45 136 136 HIS HIS A . n 
A 1 46 ARG 46 137 137 ARG ARG A . n 
A 1 47 TYR 47 138 138 TYR TYR A . n 
A 1 48 LYS 48 139 139 LYS LYS A . n 
A 1 49 MET 49 140 140 MET MET A . n 
A 1 50 HIS 50 141 141 HIS HIS A . n 
A 1 51 THR 51 142 142 THR THR A . n 
A 1 52 SER 52 143 143 SER SER A . n 
A 1 53 THR 53 144 144 THR THR A . n 
A 1 54 GLY 54 145 145 GLY GLY A . n 
A 1 55 GLY 55 146 146 GLY GLY A . n 
A 1 56 GLY 56 147 147 GLY GLY A . n 
A 1 57 PHE 57 148 148 PHE PHE A . n 
A 1 58 CYS 58 149 149 CYS CYS A . n 
A 1 59 ASP 59 150 150 ASP ASP A . n 
A 1 60 CYS 60 151 151 CYS CYS A . n 
A 1 61 GLY 61 152 152 GLY GLY A . n 
A 1 62 ASP 62 153 153 ASP ASP A . n 
A 1 63 THR 63 154 154 THR THR A . n 
A 1 64 GLU 64 155 155 GLU GLU A . n 
A 1 65 ALA 65 156 156 ALA ALA A . n 
A 1 66 TRP 66 157 157 TRP TRP A . n 
A 1 67 LYS 67 158 158 LYS LYS A . n 
A 1 68 THR 68 159 159 THR THR A . n 
A 1 69 GLY 69 160 160 GLY GLY A . n 
A 1 70 PRO 70 161 161 PRO PRO A . n 
A 1 71 PHE 71 162 162 PHE PHE A . n 
A 1 72 CYS 72 163 163 CYS CYS A . n 
A 1 73 VAL 73 164 164 VAL VAL A . n 
A 1 74 ASN 74 165 165 ASN ASN A . n 
A 1 75 HIS 75 166 166 HIS HIS A . n 
A 1 76 GLU 76 167 167 GLU GLU A . n 
A 1 77 PRO 77 168 168 PRO PRO A . n 
B 2 1  ARG 1  1   1   ARG ARG D . n 
B 2 2  TRP 2  2   2   TRP TRP D . n 
B 2 3  ALA 3  3   3   ALA ALA D . n 
B 2 4  NH2 4  4   4   NH2 AlA D . n 
# 
_pdbx_entity_instance_feature.ordinal        1 
_pdbx_entity_instance_feature.comp_id        ZN 
_pdbx_entity_instance_feature.asym_id        ? 
_pdbx_entity_instance_feature.seq_num        ? 
_pdbx_entity_instance_feature.auth_comp_id   ZN 
_pdbx_entity_instance_feature.auth_asym_id   ? 
_pdbx_entity_instance_feature.auth_seq_num   ? 
_pdbx_entity_instance_feature.feature_type   'SUBJECT OF INVESTIGATION' 
_pdbx_entity_instance_feature.details        ? 
# 
loop_
_pdbx_nonpoly_scheme.asym_id 
_pdbx_nonpoly_scheme.entity_id 
_pdbx_nonpoly_scheme.mon_id 
_pdbx_nonpoly_scheme.ndb_seq_num 
_pdbx_nonpoly_scheme.pdb_seq_num 
_pdbx_nonpoly_scheme.auth_seq_num 
_pdbx_nonpoly_scheme.pdb_mon_id 
_pdbx_nonpoly_scheme.auth_mon_id 
_pdbx_nonpoly_scheme.pdb_strand_id 
_pdbx_nonpoly_scheme.pdb_ins_code 
C 3 ZN  1  201 1   ZN  ZN  A . 
D 3 ZN  1  202 2   ZN  ZN  A . 
E 3 ZN  1  203 3   ZN  ZN  A . 
F 4 HOH 1  301 146 HOH HOH A . 
F 4 HOH 2  302 202 HOH HOH A . 
F 4 HOH 3  303 15  HOH HOH A . 
F 4 HOH 4  304 144 HOH HOH A . 
F 4 HOH 5  305 37  HOH HOH A . 
F 4 HOH 6  306 154 HOH HOH A . 
F 4 HOH 7  307 186 HOH HOH A . 
F 4 HOH 8  308 78  HOH HOH A . 
F 4 HOH 9  309 32  HOH HOH A . 
F 4 HOH 10 310 55  HOH HOH A . 
F 4 HOH 11 311 153 HOH HOH A . 
F 4 HOH 12 312 23  HOH HOH A . 
F 4 HOH 13 313 67  HOH HOH A . 
F 4 HOH 14 314 19  HOH HOH A . 
F 4 HOH 15 315 13  HOH HOH A . 
F 4 HOH 16 316 24  HOH HOH A . 
F 4 HOH 17 317 57  HOH HOH A . 
F 4 HOH 18 318 18  HOH HOH A . 
F 4 HOH 19 319 34  HOH HOH A . 
F 4 HOH 20 320 2   HOH HOH A . 
F 4 HOH 21 321 75  HOH HOH A . 
F 4 HOH 22 322 77  HOH HOH A . 
F 4 HOH 23 323 7   HOH HOH A . 
F 4 HOH 24 324 9   HOH HOH A . 
F 4 HOH 25 325 28  HOH HOH A . 
F 4 HOH 26 326 22  HOH HOH A . 
F 4 HOH 27 327 90  HOH HOH A . 
F 4 HOH 28 328 76  HOH HOH A . 
F 4 HOH 29 329 42  HOH HOH A . 
F 4 HOH 30 330 8   HOH HOH A . 
F 4 HOH 31 331 1   HOH HOH A . 
F 4 HOH 32 332 31  HOH HOH A . 
F 4 HOH 33 333 40  HOH HOH A . 
F 4 HOH 34 334 59  HOH HOH A . 
F 4 HOH 35 335 217 HOH HOH A . 
F 4 HOH 36 336 6   HOH HOH A . 
F 4 HOH 37 337 3   HOH HOH A . 
F 4 HOH 38 338 5   HOH HOH A . 
F 4 HOH 39 339 107 HOH HOH A . 
F 4 HOH 40 340 183 HOH HOH A . 
F 4 HOH 41 341 10  HOH HOH A . 
F 4 HOH 42 342 199 HOH HOH A . 
F 4 HOH 43 343 4   HOH HOH A . 
F 4 HOH 44 344 50  HOH HOH A . 
F 4 HOH 45 345 45  HOH HOH A . 
F 4 HOH 46 346 145 HOH HOH A . 
F 4 HOH 47 347 43  HOH HOH A . 
F 4 HOH 48 348 160 HOH HOH A . 
F 4 HOH 49 349 69  HOH HOH A . 
F 4 HOH 50 350 129 HOH HOH A . 
F 4 HOH 51 351 29  HOH HOH A . 
F 4 HOH 52 352 143 HOH HOH A . 
F 4 HOH 53 353 12  HOH HOH A . 
F 4 HOH 54 354 21  HOH HOH A . 
F 4 HOH 55 355 16  HOH HOH A . 
F 4 HOH 56 356 14  HOH HOH A . 
F 4 HOH 57 357 65  HOH HOH A . 
F 4 HOH 58 358 17  HOH HOH A . 
F 4 HOH 59 359 11  HOH HOH A . 
F 4 HOH 60 360 112 HOH HOH A . 
F 4 HOH 61 361 99  HOH HOH A . 
F 4 HOH 62 362 119 HOH HOH A . 
F 4 HOH 63 363 88  HOH HOH A . 
F 4 HOH 64 364 194 HOH HOH A . 
F 4 HOH 65 365 105 HOH HOH A . 
F 4 HOH 66 366 180 HOH HOH A . 
F 4 HOH 67 367 51  HOH HOH A . 
F 4 HOH 68 368 222 HOH HOH A . 
F 4 HOH 69 369 204 HOH HOH A . 
F 4 HOH 70 370 25  HOH HOH A . 
F 4 HOH 71 371 92  HOH HOH A . 
F 4 HOH 72 372 179 HOH HOH A . 
F 4 HOH 73 373 164 HOH HOH A . 
F 4 HOH 74 374 82  HOH HOH A . 
F 4 HOH 75 375 44  HOH HOH A . 
F 4 HOH 76 376 101 HOH HOH A . 
F 4 HOH 77 377 197 HOH HOH A . 
F 4 HOH 78 378 134 HOH HOH A . 
G 4 HOH 1  101 27  HOH HOH D . 
G 4 HOH 2  102 212 HOH HOH D . 
G 4 HOH 3  103 35  HOH HOH D . 
# 
loop_
_pdbx_unobs_or_zero_occ_atoms.id 
_pdbx_unobs_or_zero_occ_atoms.PDB_model_num 
_pdbx_unobs_or_zero_occ_atoms.polymer_flag 
_pdbx_unobs_or_zero_occ_atoms.occupancy_flag 
_pdbx_unobs_or_zero_occ_atoms.auth_asym_id 
_pdbx_unobs_or_zero_occ_atoms.auth_comp_id 
_pdbx_unobs_or_zero_occ_atoms.auth_seq_id 
_pdbx_unobs_or_zero_occ_atoms.PDB_ins_code 
_pdbx_unobs_or_zero_occ_atoms.auth_atom_id 
_pdbx_unobs_or_zero_occ_atoms.label_alt_id 
_pdbx_unobs_or_zero_occ_atoms.label_asym_id 
_pdbx_unobs_or_zero_occ_atoms.label_comp_id 
_pdbx_unobs_or_zero_occ_atoms.label_seq_id 
_pdbx_unobs_or_zero_occ_atoms.label_atom_id 
1 1 Y 0 A VAL 122 ? N   A A VAL 31 N   
2 1 Y 0 A VAL 122 ? CA  A A VAL 31 CA  
3 1 Y 0 A VAL 122 ? C   A A VAL 31 C   
4 1 Y 0 A VAL 122 ? O   A A VAL 31 O   
5 1 Y 0 A VAL 122 ? CB  A A VAL 31 CB  
6 1 Y 0 A VAL 122 ? CG1 A A VAL 31 CG1 
7 1 Y 0 A VAL 122 ? CG2 A A VAL 31 CG2 
# 
loop_
_software.citation_id 
_software.classification 
_software.compiler_name 
_software.compiler_version 
_software.contact_author 
_software.contact_author_email 
_software.date 
_software.description 
_software.dependencies 
_software.hardware 
_software.language 
_software.location 
_software.mods 
_software.name 
_software.os 
_software.os_version 
_software.type 
_software.version 
_software.pdbx_ordinal 
? refinement       ? ? ? ? ? ? ? ? ? ? ? PHENIX   ? ? ? '(1.21.2_5419: ???)' 1 
? 'data scaling'   ? ? ? ? ? ? ? ? ? ? ? DIALS    ? ? ? .                    2 
? 'data reduction' ? ? ? ? ? ? ? ? ? ? ? HKL-2000 ? ? ? .                    3 
? phasing          ? ? ? ? ? ? ? ? ? ? ? PHASER   ? ? ? .                    4 
# 
_cell.angle_alpha                  90.00 
_cell.angle_alpha_esd              ? 
_cell.angle_beta                   111.27 
_cell.angle_beta_esd               ? 
_cell.angle_gamma                  90.00 
_cell.angle_gamma_esd              ? 
_cell.entry_id                     9MUX 
_cell.details                      ? 
_cell.formula_units_Z              ? 
_cell.length_a                     27.091 
_cell.length_a_esd                 ? 
_cell.length_b                     43.809 
_cell.length_b_esd                 ? 
_cell.length_c                     27.085 
_cell.length_c_esd                 ? 
_cell.volume                       ? 
_cell.volume_esd                   ? 
_cell.Z_PDB                        2 
_cell.reciprocal_angle_alpha       ? 
_cell.reciprocal_angle_beta        ? 
_cell.reciprocal_angle_gamma       ? 
_cell.reciprocal_angle_alpha_esd   ? 
_cell.reciprocal_angle_beta_esd    ? 
_cell.reciprocal_angle_gamma_esd   ? 
_cell.reciprocal_length_a          ? 
_cell.reciprocal_length_b          ? 
_cell.reciprocal_length_c          ? 
_cell.reciprocal_length_a_esd      ? 
_cell.reciprocal_length_b_esd      ? 
_cell.reciprocal_length_c_esd      ? 
_cell.pdbx_unique_axis             ? 
_cell.pdbx_esd_method              ? 
# 
_symmetry.entry_id                         9MUX 
_symmetry.cell_setting                     ? 
_symmetry.Int_Tables_number                4 
_symmetry.space_group_name_Hall            ? 
_symmetry.space_group_name_H-M             'P 1 21 1' 
_symmetry.pdbx_full_space_group_name_H-M   ? 
# 
_exptl.absorpt_coefficient_mu     ? 
_exptl.absorpt_correction_T_max   ? 
_exptl.absorpt_correction_T_min   ? 
_exptl.absorpt_correction_type    ? 
_exptl.absorpt_process_details    ? 
_exptl.entry_id                   9MUX 
_exptl.crystals_number            1 
_exptl.details                    ? 
_exptl.method                     'X-RAY DIFFRACTION' 
_exptl.method_details             ? 
# 
_exptl_crystal.colour                       ? 
_exptl_crystal.density_diffrn               ? 
_exptl_crystal.density_Matthews             1.8 
_exptl_crystal.density_method               ? 
_exptl_crystal.density_percent_sol          31.68 
_exptl_crystal.description                  ? 
_exptl_crystal.F_000                        ? 
_exptl_crystal.id                           1 
_exptl_crystal.preparation                  ? 
_exptl_crystal.size_max                     ? 
_exptl_crystal.size_mid                     ? 
_exptl_crystal.size_min                     ? 
_exptl_crystal.size_rad                     ? 
_exptl_crystal.colour_lustre                ? 
_exptl_crystal.colour_modifier              ? 
_exptl_crystal.colour_primary               ? 
_exptl_crystal.density_meas                 ? 
_exptl_crystal.density_meas_esd             ? 
_exptl_crystal.density_meas_gt              ? 
_exptl_crystal.density_meas_lt              ? 
_exptl_crystal.density_meas_temp            ? 
_exptl_crystal.density_meas_temp_esd        ? 
_exptl_crystal.density_meas_temp_gt         ? 
_exptl_crystal.density_meas_temp_lt         ? 
_exptl_crystal.pdbx_crystal_image_url       ? 
_exptl_crystal.pdbx_crystal_image_format    ? 
_exptl_crystal.pdbx_mosaicity               ? 
_exptl_crystal.pdbx_mosaicity_esd           ? 
_exptl_crystal.pdbx_mosaic_method           ? 
_exptl_crystal.pdbx_mosaic_block_size       ? 
_exptl_crystal.pdbx_mosaic_block_size_esd   ? 
# 
_exptl_crystal_grow.apparatus       ? 
_exptl_crystal_grow.atmosphere      ? 
_exptl_crystal_grow.crystal_id      1 
_exptl_crystal_grow.details         ? 
_exptl_crystal_grow.method          'VAPOR DIFFUSION, HANGING DROP' 
_exptl_crystal_grow.method_ref      ? 
_exptl_crystal_grow.pH              7.0 
_exptl_crystal_grow.pressure        ? 
_exptl_crystal_grow.pressure_esd    ? 
_exptl_crystal_grow.seeding         ? 
_exptl_crystal_grow.seeding_ref     ? 
_exptl_crystal_grow.temp_details    ? 
_exptl_crystal_grow.temp_esd        ? 
_exptl_crystal_grow.time            ? 
_exptl_crystal_grow.pdbx_details    '0.1M HEPES buffer 25%PEG3350' 
_exptl_crystal_grow.pdbx_pH_range   ? 
_exptl_crystal_grow.temp            283.15 
# 
_diffrn.ambient_environment              ? 
_diffrn.ambient_temp                     77 
_diffrn.ambient_temp_details             ? 
_diffrn.ambient_temp_esd                 ? 
_diffrn.crystal_id                       1 
_diffrn.crystal_support                  ? 
_diffrn.crystal_treatment                ? 
_diffrn.details                          ? 
_diffrn.id                               1 
_diffrn.ambient_pressure                 ? 
_diffrn.ambient_pressure_esd             ? 
_diffrn.ambient_pressure_gt              ? 
_diffrn.ambient_pressure_lt              ? 
_diffrn.ambient_temp_gt                  ? 
_diffrn.ambient_temp_lt                  ? 
_diffrn.pdbx_serial_crystal_experiment   N 
# 
_diffrn_detector.details                      ? 
_diffrn_detector.detector                     PIXEL 
_diffrn_detector.diffrn_id                    1 
_diffrn_detector.type                         'DECTRIS PILATUS3 6M' 
_diffrn_detector.area_resol_mean              ? 
_diffrn_detector.dtime                        ? 
_diffrn_detector.pdbx_frames_total            ? 
_diffrn_detector.pdbx_collection_time_total   ? 
_diffrn_detector.pdbx_collection_date         2024-11-08 
_diffrn_detector.pdbx_frequency               ? 
_diffrn_detector.id                           ? 
_diffrn_detector.number_of_axes               ? 
# 
_diffrn_radiation.collimation                      ? 
_diffrn_radiation.diffrn_id                        1 
_diffrn_radiation.filter_edge                      ? 
_diffrn_radiation.inhomogeneity                    ? 
_diffrn_radiation.monochromator                    ? 
_diffrn_radiation.polarisn_norm                    ? 
_diffrn_radiation.polarisn_ratio                   ? 
_diffrn_radiation.probe                            ? 
_diffrn_radiation.type                             ? 
_diffrn_radiation.xray_symbol                      ? 
_diffrn_radiation.wavelength_id                    1 
_diffrn_radiation.pdbx_monochromatic_or_laue_m_l   M 
_diffrn_radiation.pdbx_wavelength_list             ? 
_diffrn_radiation.pdbx_wavelength                  ? 
_diffrn_radiation.pdbx_diffrn_protocol             'SINGLE WAVELENGTH' 
_diffrn_radiation.pdbx_analyzer                    ? 
_diffrn_radiation.pdbx_scattering_type             x-ray 
# 
_diffrn_radiation_wavelength.id           1 
_diffrn_radiation_wavelength.wavelength   0.97741 
_diffrn_radiation_wavelength.wt           1.0 
# 
_diffrn_source.current                     ? 
_diffrn_source.details                     ? 
_diffrn_source.diffrn_id                   1 
_diffrn_source.power                       ? 
_diffrn_source.size                        ? 
_diffrn_source.source                      SYNCHROTRON 
_diffrn_source.target                      ? 
_diffrn_source.type                        'ALS BEAMLINE 8.2.1' 
_diffrn_source.voltage                     ? 
_diffrn_source.take-off_angle              ? 
_diffrn_source.pdbx_wavelength_list        0.97741 
_diffrn_source.pdbx_wavelength             ? 
_diffrn_source.pdbx_synchrotron_beamline   8.2.1 
_diffrn_source.pdbx_synchrotron_site       ALS 
# 
_reflns.B_iso_Wilson_estimate                          ? 
_reflns.entry_id                                       9MUX 
_reflns.data_reduction_details                         ? 
_reflns.data_reduction_method                          ? 
_reflns.d_resolution_high                              1.29 
_reflns.d_resolution_low                               50 
_reflns.details                                        ? 
_reflns.limit_h_max                                    ? 
_reflns.limit_h_min                                    ? 
_reflns.limit_k_max                                    ? 
_reflns.limit_k_min                                    ? 
_reflns.limit_l_max                                    ? 
_reflns.limit_l_min                                    ? 
_reflns.number_all                                     ? 
_reflns.number_obs                                     14074 
_reflns.observed_criterion                             ? 
_reflns.observed_criterion_F_max                       ? 
_reflns.observed_criterion_F_min                       ? 
_reflns.observed_criterion_I_max                       ? 
_reflns.observed_criterion_I_min                       ? 
_reflns.observed_criterion_sigma_F                     ? 
_reflns.observed_criterion_sigma_I                     ? 
_reflns.percent_possible_obs                           94.24 
_reflns.R_free_details                                 ? 
_reflns.Rmerge_F_all                                   ? 
_reflns.Rmerge_F_obs                                   ? 
_reflns.Friedel_coverage                               ? 
_reflns.number_gt                                      ? 
_reflns.threshold_expression                           ? 
_reflns.pdbx_redundancy                                4.7 
_reflns.pdbx_netI_over_av_sigmaI                       ? 
_reflns.pdbx_netI_over_sigmaI                          19.471 
_reflns.pdbx_res_netI_over_av_sigmaI_2                 ? 
_reflns.pdbx_res_netI_over_sigmaI_2                    ? 
_reflns.pdbx_chi_squared                               .986 
_reflns.pdbx_scaling_rejects                           ? 
_reflns.pdbx_d_res_high_opt                            ? 
_reflns.pdbx_d_res_low_opt                             ? 
_reflns.pdbx_d_res_opt_method                          ? 
_reflns.phase_calculation_details                      ? 
_reflns.pdbx_Rrim_I_all                                ? 
_reflns.pdbx_Rpim_I_all                                0.021 
_reflns.pdbx_d_opt                                     ? 
_reflns.pdbx_number_measured_all                       ? 
_reflns.pdbx_diffrn_id                                 1 
_reflns.pdbx_ordinal                                   1 
_reflns.pdbx_CC_half                                   ? 
_reflns.pdbx_CC_star                                   ? 
_reflns.pdbx_R_split                                   ? 
_reflns.pdbx_Rmerge_I_obs                              0.042 
_reflns.pdbx_Rmerge_I_all                              ? 
_reflns.pdbx_Rsym_value                                0.042 
_reflns.pdbx_CC_split_method                           ? 
_reflns.pdbx_aniso_diffraction_limit_axis_1_ortho[1]   ? 
_reflns.pdbx_aniso_diffraction_limit_axis_1_ortho[2]   ? 
_reflns.pdbx_aniso_diffraction_limit_axis_1_ortho[3]   ? 
_reflns.pdbx_aniso_diffraction_limit_axis_2_ortho[1]   ? 
_reflns.pdbx_aniso_diffraction_limit_axis_2_ortho[2]   ? 
_reflns.pdbx_aniso_diffraction_limit_axis_2_ortho[3]   ? 
_reflns.pdbx_aniso_diffraction_limit_axis_3_ortho[1]   ? 
_reflns.pdbx_aniso_diffraction_limit_axis_3_ortho[2]   ? 
_reflns.pdbx_aniso_diffraction_limit_axis_3_ortho[3]   ? 
_reflns.pdbx_aniso_diffraction_limit_1                 ? 
_reflns.pdbx_aniso_diffraction_limit_2                 ? 
_reflns.pdbx_aniso_diffraction_limit_3                 ? 
_reflns.pdbx_aniso_B_tensor_eigenvector_1_ortho[1]     ? 
_reflns.pdbx_aniso_B_tensor_eigenvector_1_ortho[2]     ? 
_reflns.pdbx_aniso_B_tensor_eigenvector_1_ortho[3]     ? 
_reflns.pdbx_aniso_B_tensor_eigenvector_2_ortho[1]     ? 
_reflns.pdbx_aniso_B_tensor_eigenvector_2_ortho[2]     ? 
_reflns.pdbx_aniso_B_tensor_eigenvector_2_ortho[3]     ? 
_reflns.pdbx_aniso_B_tensor_eigenvector_3_ortho[1]     ? 
_reflns.pdbx_aniso_B_tensor_eigenvector_3_ortho[2]     ? 
_reflns.pdbx_aniso_B_tensor_eigenvector_3_ortho[3]     ? 
_reflns.pdbx_aniso_B_tensor_eigenvalue_1               ? 
_reflns.pdbx_aniso_B_tensor_eigenvalue_2               ? 
_reflns.pdbx_aniso_B_tensor_eigenvalue_3               ? 
_reflns.pdbx_orthogonalization_convention              ? 
_reflns.pdbx_percent_possible_ellipsoidal              ? 
_reflns.pdbx_percent_possible_spherical                ? 
_reflns.pdbx_percent_possible_ellipsoidal_anomalous    ? 
_reflns.pdbx_percent_possible_spherical_anomalous      ? 
_reflns.pdbx_redundancy_anomalous                      ? 
_reflns.pdbx_CC_half_anomalous                         ? 
_reflns.pdbx_absDiff_over_sigma_anomalous              ? 
_reflns.pdbx_percent_possible_anomalous                ? 
_reflns.pdbx_observed_signal_threshold                 ? 
_reflns.pdbx_signal_type                               ? 
_reflns.pdbx_signal_details                            ? 
_reflns.pdbx_signal_software_id                        ? 
# 
_reflns_shell.d_res_high                                    1.29 
_reflns_shell.d_res_low                                     1.31 
_reflns_shell.meanI_over_sigI_all                           ? 
_reflns_shell.meanI_over_sigI_obs                           19.471 
_reflns_shell.number_measured_all                           ? 
_reflns_shell.number_measured_obs                           ? 
_reflns_shell.number_possible                               ? 
_reflns_shell.number_unique_all                             ? 
_reflns_shell.number_unique_obs                             298 
_reflns_shell.percent_possible_obs                          ? 
_reflns_shell.Rmerge_F_all                                  ? 
_reflns_shell.Rmerge_F_obs                                  ? 
_reflns_shell.meanI_over_sigI_gt                            ? 
_reflns_shell.meanI_over_uI_all                             ? 
_reflns_shell.meanI_over_uI_gt                              ? 
_reflns_shell.number_measured_gt                            ? 
_reflns_shell.number_unique_gt                              ? 
_reflns_shell.percent_possible_gt                           ? 
_reflns_shell.Rmerge_F_gt                                   ? 
_reflns_shell.Rmerge_I_gt                                   ? 
_reflns_shell.pdbx_redundancy                               4.3 
_reflns_shell.pdbx_chi_squared                              ? 
_reflns_shell.pdbx_netI_over_sigmaI_all                     ? 
_reflns_shell.pdbx_netI_over_sigmaI_obs                     ? 
_reflns_shell.pdbx_Rrim_I_all                               ? 
_reflns_shell.pdbx_Rpim_I_all                               0.056 
_reflns_shell.pdbx_rejects                                  ? 
_reflns_shell.pdbx_ordinal                                  1 
_reflns_shell.pdbx_diffrn_id                                1 
_reflns_shell.pdbx_CC_half                                  0.986 
_reflns_shell.pdbx_CC_star                                  ? 
_reflns_shell.pdbx_R_split                                  ? 
_reflns_shell.percent_possible_all                          82.4 
_reflns_shell.Rmerge_I_all                                  ? 
_reflns_shell.Rmerge_I_obs                                  0.104 
_reflns_shell.pdbx_Rsym_value                               ? 
_reflns_shell.pdbx_percent_possible_ellipsoidal             ? 
_reflns_shell.pdbx_percent_possible_spherical               ? 
_reflns_shell.pdbx_percent_possible_ellipsoidal_anomalous   ? 
_reflns_shell.pdbx_percent_possible_spherical_anomalous     ? 
_reflns_shell.pdbx_redundancy_anomalous                     ? 
_reflns_shell.pdbx_CC_half_anomalous                        ? 
_reflns_shell.pdbx_absDiff_over_sigma_anomalous             ? 
_reflns_shell.pdbx_percent_possible_anomalous               ? 
# 
_refine.aniso_B[1][1]                            ? 
_refine.aniso_B[1][2]                            ? 
_refine.aniso_B[1][3]                            ? 
_refine.aniso_B[2][2]                            ? 
_refine.aniso_B[2][3]                            ? 
_refine.aniso_B[3][3]                            ? 
_refine.B_iso_max                                ? 
_refine.B_iso_mean                               ? 
_refine.B_iso_min                                ? 
_refine.correlation_coeff_Fo_to_Fc               ? 
_refine.correlation_coeff_Fo_to_Fc_free          ? 
_refine.details                                  ? 
_refine.diff_density_max                         ? 
_refine.diff_density_max_esd                     ? 
_refine.diff_density_min                         ? 
_refine.diff_density_min_esd                     ? 
_refine.diff_density_rms                         ? 
_refine.diff_density_rms_esd                     ? 
_refine.entry_id                                 9MUX 
_refine.pdbx_refine_id                           'X-RAY DIFFRACTION' 
_refine.ls_abs_structure_details                 ? 
_refine.ls_abs_structure_Flack                   ? 
_refine.ls_abs_structure_Flack_esd               ? 
_refine.ls_abs_structure_Rogers                  ? 
_refine.ls_abs_structure_Rogers_esd              ? 
_refine.ls_d_res_high                            1.29 
_refine.ls_d_res_low                             25.25 
_refine.ls_extinction_coef                       ? 
_refine.ls_extinction_coef_esd                   ? 
_refine.ls_extinction_expression                 ? 
_refine.ls_extinction_method                     ? 
_refine.ls_goodness_of_fit_all                   ? 
_refine.ls_goodness_of_fit_all_esd               ? 
_refine.ls_goodness_of_fit_obs                   ? 
_refine.ls_goodness_of_fit_obs_esd               ? 
_refine.ls_hydrogen_treatment                    ? 
_refine.ls_matrix_type                           ? 
_refine.ls_number_constraints                    ? 
_refine.ls_number_parameters                     ? 
_refine.ls_number_reflns_all                     ? 
_refine.ls_number_reflns_obs                     14057 
_refine.ls_number_reflns_R_free                  634 
_refine.ls_number_reflns_R_work                  ? 
_refine.ls_number_restraints                     ? 
_refine.ls_percent_reflns_obs                    94.24 
_refine.ls_percent_reflns_R_free                 4.51 
_refine.ls_R_factor_all                          ? 
_refine.ls_R_factor_obs                          0.1421 
_refine.ls_R_factor_R_free                       0.1507 
_refine.ls_R_factor_R_free_error                 ? 
_refine.ls_R_factor_R_free_error_details         ? 
_refine.ls_R_factor_R_work                       0.1417 
_refine.ls_R_Fsqd_factor_obs                     ? 
_refine.ls_R_I_factor_obs                        ? 
_refine.ls_redundancy_reflns_all                 ? 
_refine.ls_redundancy_reflns_obs                 ? 
_refine.ls_restrained_S_all                      ? 
_refine.ls_restrained_S_obs                      ? 
_refine.ls_shift_over_esd_max                    ? 
_refine.ls_shift_over_esd_mean                   ? 
_refine.ls_structure_factor_coef                 ? 
_refine.ls_weighting_details                     ? 
_refine.ls_weighting_scheme                      ? 
_refine.ls_wR_factor_all                         ? 
_refine.ls_wR_factor_obs                         ? 
_refine.ls_wR_factor_R_free                      ? 
_refine.ls_wR_factor_R_work                      ? 
_refine.occupancy_max                            ? 
_refine.occupancy_min                            ? 
_refine.solvent_model_details                    'FLAT BULK SOLVENT MODEL' 
_refine.solvent_model_param_bsol                 ? 
_refine.solvent_model_param_ksol                 ? 
_refine.pdbx_R_complete                          ? 
_refine.ls_R_factor_gt                           ? 
_refine.ls_goodness_of_fit_gt                    ? 
_refine.ls_goodness_of_fit_ref                   ? 
_refine.ls_shift_over_su_max                     ? 
_refine.ls_shift_over_su_max_lt                  ? 
_refine.ls_shift_over_su_mean                    ? 
_refine.ls_shift_over_su_mean_lt                 ? 
_refine.pdbx_ls_sigma_I                          ? 
_refine.pdbx_ls_sigma_F                          1.43 
_refine.pdbx_ls_sigma_Fsqd                       ? 
_refine.pdbx_data_cutoff_high_absF               ? 
_refine.pdbx_data_cutoff_high_rms_absF           ? 
_refine.pdbx_data_cutoff_low_absF                ? 
_refine.pdbx_isotropic_thermal_model             ? 
_refine.pdbx_ls_cross_valid_method               'FREE R-VALUE' 
_refine.pdbx_method_to_determine_struct          'MOLECULAR REPLACEMENT' 
_refine.pdbx_starting_model                      ? 
_refine.pdbx_stereochemistry_target_values       ML 
_refine.pdbx_R_Free_selection_details            ? 
_refine.pdbx_stereochem_target_val_spec_case     ? 
_refine.pdbx_overall_ESU_R                       ? 
_refine.pdbx_overall_ESU_R_Free                  ? 
_refine.pdbx_solvent_vdw_probe_radii             1.10 
_refine.pdbx_solvent_ion_probe_radii             ? 
_refine.pdbx_solvent_shrinkage_radii             0.90 
_refine.pdbx_real_space_R                        ? 
_refine.pdbx_density_correlation                 ? 
_refine.pdbx_pd_number_of_powder_patterns        ? 
_refine.pdbx_pd_number_of_points                 ? 
_refine.pdbx_pd_meas_number_of_points            ? 
_refine.pdbx_pd_proc_ls_prof_R_factor            ? 
_refine.pdbx_pd_proc_ls_prof_wR_factor           ? 
_refine.pdbx_pd_Marquardt_correlation_coeff      ? 
_refine.pdbx_pd_Fsqrd_R_factor                   ? 
_refine.pdbx_pd_ls_matrix_band_width             ? 
_refine.pdbx_overall_phase_error                 15.06 
_refine.pdbx_overall_SU_R_free_Cruickshank_DPI   ? 
_refine.pdbx_overall_SU_R_free_Blow_DPI          ? 
_refine.pdbx_overall_SU_R_Blow_DPI               ? 
_refine.pdbx_TLS_residual_ADP_flag               ? 
_refine.pdbx_diffrn_id                           1 
_refine.overall_SU_B                             ? 
_refine.overall_SU_ML                            0.10 
_refine.overall_SU_R_Cruickshank_DPI             ? 
_refine.overall_SU_R_free                        ? 
_refine.overall_FOM_free_R_set                   ? 
_refine.overall_FOM_work_R_set                   ? 
_refine.pdbx_average_fsc_overall                 ? 
_refine.pdbx_average_fsc_work                    ? 
_refine.pdbx_average_fsc_free                    ? 
# 
_refine_hist.pdbx_refine_id                   'X-RAY DIFFRACTION' 
_refine_hist.cycle_id                         LAST 
_refine_hist.details                          ? 
_refine_hist.d_res_high                       1.29 
_refine_hist.d_res_low                        25.25 
_refine_hist.number_atoms_solvent             81 
_refine_hist.number_atoms_total               699 
_refine_hist.number_reflns_all                ? 
_refine_hist.number_reflns_obs                ? 
_refine_hist.number_reflns_R_free             ? 
_refine_hist.number_reflns_R_work             ? 
_refine_hist.R_factor_all                     ? 
_refine_hist.R_factor_obs                     ? 
_refine_hist.R_factor_R_free                  ? 
_refine_hist.R_factor_R_work                  ? 
_refine_hist.pdbx_number_residues_total       ? 
_refine_hist.pdbx_B_iso_mean_ligand           ? 
_refine_hist.pdbx_B_iso_mean_solvent          ? 
_refine_hist.pdbx_number_atoms_protein        618 
_refine_hist.pdbx_number_atoms_nucleic_acid   0 
_refine_hist.pdbx_number_atoms_ligand         0 
_refine_hist.pdbx_number_atoms_lipid          ? 
_refine_hist.pdbx_number_atoms_carb           ? 
_refine_hist.pdbx_pseudo_atom_details         ? 
# 
loop_
_refine_ls_restr.pdbx_refine_id 
_refine_ls_restr.criterion 
_refine_ls_restr.dev_ideal 
_refine_ls_restr.dev_ideal_target 
_refine_ls_restr.number 
_refine_ls_restr.rejects 
_refine_ls_restr.type 
_refine_ls_restr.weight 
_refine_ls_restr.pdbx_restraint_function 
'X-RAY DIFFRACTION' ? 0.007  ? 646 ? f_bond_d           ? ? 
'X-RAY DIFFRACTION' ? 0.928  ? 876 ? f_angle_d          ? ? 
'X-RAY DIFFRACTION' ? 13.421 ? 229 ? f_dihedral_angle_d ? ? 
'X-RAY DIFFRACTION' ? 0.076  ? 89  ? f_chiral_restr     ? ? 
'X-RAY DIFFRACTION' ? 0.008  ? 117 ? f_plane_restr      ? ? 
# 
loop_
_refine_ls_shell.pdbx_refine_id 
_refine_ls_shell.d_res_high 
_refine_ls_shell.d_res_low 
_refine_ls_shell.number_reflns_all 
_refine_ls_shell.number_reflns_obs 
_refine_ls_shell.number_reflns_R_free 
_refine_ls_shell.number_reflns_R_work 
_refine_ls_shell.percent_reflns_obs 
_refine_ls_shell.percent_reflns_R_free 
_refine_ls_shell.R_factor_all 
_refine_ls_shell.R_factor_obs 
_refine_ls_shell.R_factor_R_free_error 
_refine_ls_shell.R_factor_R_work 
_refine_ls_shell.redundancy_reflns_all 
_refine_ls_shell.redundancy_reflns_obs 
_refine_ls_shell.wR_factor_all 
_refine_ls_shell.wR_factor_obs 
_refine_ls_shell.wR_factor_R_free 
_refine_ls_shell.wR_factor_R_work 
_refine_ls_shell.pdbx_R_complete 
_refine_ls_shell.pdbx_total_number_of_bins_used 
_refine_ls_shell.pdbx_phase_error 
_refine_ls_shell.pdbx_fsc_work 
_refine_ls_shell.pdbx_fsc_free 
_refine_ls_shell.R_factor_R_free 
'X-RAY DIFFRACTION' 1.29 1.39  . . 124 2412 86.00 . . . . 0.1609 . . . . . . . . . . . 0.1930 
'X-RAY DIFFRACTION' 1.39 1.53  . . 131 2659 94.00 . . . . 0.1454 . . . . . . . . . . . 0.1435 
'X-RAY DIFFRACTION' 1.53 1.75  . . 121 2718 96.00 . . . . 0.1272 . . . . . . . . . . . 0.1531 
'X-RAY DIFFRACTION' 1.75 2.20  . . 126 2772 97.00 . . . . 0.1444 . . . . . . . . . . . 0.1484 
'X-RAY DIFFRACTION' 2.21 25.25 . . 132 2862 98.00 . . . . 0.1411 . . . . . . . . . . . 0.1439 
# 
_struct.entry_id                     9MUX 
_struct.title                        'Structure of UBR1-RWA complex' 
_struct.pdbx_model_details           ? 
_struct.pdbx_formula_weight          ? 
_struct.pdbx_formula_weight_method   ? 
_struct.pdbx_model_type_details      ? 
_struct.pdbx_CASP_flag               N 
# 
_struct_keywords.entry_id        9MUX 
_struct_keywords.text            'UBR, E3 ligase, natural ligands, PROTEIN BINDING, LIGASE' 
_struct_keywords.pdbx_keywords   LIGASE 
# 
loop_
_struct_asym.id 
_struct_asym.pdbx_blank_PDB_chainid_flag 
_struct_asym.pdbx_modified 
_struct_asym.entity_id 
_struct_asym.details 
A N N 1 ? 
B N N 2 ? 
C N N 3 ? 
D N N 3 ? 
E N N 3 ? 
F N N 4 ? 
G N N 4 ? 
# 
loop_
_struct_ref.id 
_struct_ref.db_name 
_struct_ref.db_code 
_struct_ref.pdbx_db_accession 
_struct_ref.pdbx_db_isoform 
_struct_ref.entity_id 
_struct_ref.pdbx_seq_one_letter_code 
_struct_ref.pdbx_align_begin 
1 UNP UBR1_HUMAN Q8IWV7 ? 1 QLCGRVFKSGETTYSCRDCAIDPTCVLCMDCFQDSVHKNHRYKMHTSTGGGFCDCGDTEAWKTGPFCVNHEP 97 
2 PDB 9MUX       9MUX   ? 2 ?                                                                        1  
# 
loop_
_struct_ref_seq.align_id 
_struct_ref_seq.ref_id 
_struct_ref_seq.pdbx_PDB_id_code 
_struct_ref_seq.pdbx_strand_id 
_struct_ref_seq.seq_align_beg 
_struct_ref_seq.pdbx_seq_align_beg_ins_code 
_struct_ref_seq.seq_align_end 
_struct_ref_seq.pdbx_seq_align_end_ins_code 
_struct_ref_seq.pdbx_db_accession 
_struct_ref_seq.db_align_beg 
_struct_ref_seq.pdbx_db_align_beg_ins_code 
_struct_ref_seq.db_align_end 
_struct_ref_seq.pdbx_db_align_end_ins_code 
_struct_ref_seq.pdbx_auth_seq_align_beg 
_struct_ref_seq.pdbx_auth_seq_align_end 
1 1 9MUX A 6 ? 77 ? Q8IWV7 97 ? 168 ? 97 168 
2 2 9MUX D 1 ? 4  ? 9MUX   1  ? 4   ? 1  4   
# 
loop_
_struct_ref_seq_dif.align_id 
_struct_ref_seq_dif.pdbx_pdb_id_code 
_struct_ref_seq_dif.mon_id 
_struct_ref_seq_dif.pdbx_pdb_strand_id 
_struct_ref_seq_dif.seq_num 
_struct_ref_seq_dif.pdbx_pdb_ins_code 
_struct_ref_seq_dif.pdbx_seq_db_name 
_struct_ref_seq_dif.pdbx_seq_db_accession_code 
_struct_ref_seq_dif.db_mon_id 
_struct_ref_seq_dif.pdbx_seq_db_seq_num 
_struct_ref_seq_dif.details 
_struct_ref_seq_dif.pdbx_auth_seq_num 
_struct_ref_seq_dif.pdbx_ordinal 
1 9MUX GLY A 1 ? UNP Q8IWV7 ? ? 'expression tag' 92 1 
1 9MUX PRO A 2 ? UNP Q8IWV7 ? ? 'expression tag' 93 2 
1 9MUX LEU A 3 ? UNP Q8IWV7 ? ? 'expression tag' 94 3 
1 9MUX GLY A 4 ? UNP Q8IWV7 ? ? 'expression tag' 95 4 
1 9MUX SER A 5 ? UNP Q8IWV7 ? ? 'expression tag' 96 5 
# 
_pdbx_struct_assembly.id                   1 
_pdbx_struct_assembly.details              author_and_software_defined_assembly 
_pdbx_struct_assembly.method_details       PISA 
_pdbx_struct_assembly.oligomeric_details   dimeric 
_pdbx_struct_assembly.oligomeric_count     2 
# 
loop_
_pdbx_struct_assembly_prop.biol_id 
_pdbx_struct_assembly_prop.type 
_pdbx_struct_assembly_prop.value 
_pdbx_struct_assembly_prop.details 
1 'ABSA (A^2)' 750  ? 
1 MORE         -1   ? 
1 'SSA (A^2)'  5010 ? 
# 
_pdbx_struct_assembly_gen.assembly_id       1 
_pdbx_struct_assembly_gen.oper_expression   1 
_pdbx_struct_assembly_gen.asym_id_list      A,B,C,D,E,F,G 
# 
_pdbx_struct_assembly_auth_evidence.id                     1 
_pdbx_struct_assembly_auth_evidence.assembly_id            1 
_pdbx_struct_assembly_auth_evidence.experimental_support   'gel filtration' 
_pdbx_struct_assembly_auth_evidence.details                'Single peal observed during size exclusion chromatography purification' 
# 
_pdbx_struct_oper_list.id                   1 
_pdbx_struct_oper_list.type                 'identity operation' 
_pdbx_struct_oper_list.name                 1_555 
_pdbx_struct_oper_list.symmetry_operation   x,y,z 
_pdbx_struct_oper_list.matrix[1][1]         1.0000000000 
_pdbx_struct_oper_list.matrix[1][2]         0.0000000000 
_pdbx_struct_oper_list.matrix[1][3]         0.0000000000 
_pdbx_struct_oper_list.vector[1]            0.0000000000 
_pdbx_struct_oper_list.matrix[2][1]         0.0000000000 
_pdbx_struct_oper_list.matrix[2][2]         1.0000000000 
_pdbx_struct_oper_list.matrix[2][3]         0.0000000000 
_pdbx_struct_oper_list.vector[2]            0.0000000000 
_pdbx_struct_oper_list.matrix[3][1]         0.0000000000 
_pdbx_struct_oper_list.matrix[3][2]         0.0000000000 
_pdbx_struct_oper_list.matrix[3][3]         1.0000000000 
_pdbx_struct_oper_list.vector[3]            0.0000000000 
# 
loop_
_struct_conf.conf_type_id 
_struct_conf.id 
_struct_conf.pdbx_PDB_helix_id 
_struct_conf.beg_label_comp_id 
_struct_conf.beg_label_asym_id 
_struct_conf.beg_label_seq_id 
_struct_conf.pdbx_beg_PDB_ins_code 
_struct_conf.end_label_comp_id 
_struct_conf.end_label_asym_id 
_struct_conf.end_label_seq_id 
_struct_conf.pdbx_end_PDB_ins_code 
_struct_conf.beg_auth_comp_id 
_struct_conf.beg_auth_asym_id 
_struct_conf.beg_auth_seq_id 
_struct_conf.end_auth_comp_id 
_struct_conf.end_auth_asym_id 
_struct_conf.end_auth_seq_id 
_struct_conf.pdbx_PDB_helix_class 
_struct_conf.details 
_struct_conf.pdbx_PDB_helix_length 
HELX_P HELX_P1 AA1 CYS A 33 ? ASP A 39 ? CYS A 124 ASP A 130 1 ? 7 
HELX_P HELX_P2 AA2 SER A 40 ? HIS A 45 ? SER A 131 HIS A 136 5 ? 6 
# 
_struct_conf_type.id          HELX_P 
_struct_conf_type.criteria    ? 
_struct_conf_type.reference   ? 
# 
loop_
_struct_conn.id 
_struct_conn.conn_type_id 
_struct_conn.pdbx_leaving_atom_flag 
_struct_conn.pdbx_PDB_id 
_struct_conn.ptnr1_label_asym_id 
_struct_conn.ptnr1_label_comp_id 
_struct_conn.ptnr1_label_seq_id 
_struct_conn.ptnr1_label_atom_id 
_struct_conn.pdbx_ptnr1_label_alt_id 
_struct_conn.pdbx_ptnr1_PDB_ins_code 
_struct_conn.pdbx_ptnr1_standard_comp_id 
_struct_conn.ptnr1_symmetry 
_struct_conn.ptnr2_label_asym_id 
_struct_conn.ptnr2_label_comp_id 
_struct_conn.ptnr2_label_seq_id 
_struct_conn.ptnr2_label_atom_id 
_struct_conn.pdbx_ptnr2_label_alt_id 
_struct_conn.pdbx_ptnr2_PDB_ins_code 
_struct_conn.ptnr1_auth_asym_id 
_struct_conn.ptnr1_auth_comp_id 
_struct_conn.ptnr1_auth_seq_id 
_struct_conn.ptnr2_auth_asym_id 
_struct_conn.ptnr2_auth_comp_id 
_struct_conn.ptnr2_auth_seq_id 
_struct_conn.ptnr2_symmetry 
_struct_conn.pdbx_ptnr3_label_atom_id 
_struct_conn.pdbx_ptnr3_label_seq_id 
_struct_conn.pdbx_ptnr3_label_comp_id 
_struct_conn.pdbx_ptnr3_label_asym_id 
_struct_conn.pdbx_ptnr3_label_alt_id 
_struct_conn.pdbx_ptnr3_PDB_ins_code 
_struct_conn.details 
_struct_conn.pdbx_dist_value 
_struct_conn.pdbx_value_order 
_struct_conn.pdbx_role 
covale1  covale both ? B ALA 3  C   ? ? ? 1_555 B NH2 4 N  ? ? D ALA 3   D NH2 4   1_555 ? ? ? ? ? ? ? 1.330 ? ? 
metalc1  metalc ?    ? A CYS 8  SG  ? ? ? 1_555 C ZN  . ZN ? ? A CYS 99  A ZN  201 1_555 ? ? ? ? ? ? ? 2.290 ? ? 
metalc2  metalc ?    ? A CYS 21 SG  ? ? ? 1_555 E ZN  . ZN ? ? A CYS 112 A ZN  203 1_555 ? ? ? ? ? ? ? 2.298 ? ? 
metalc3  metalc ?    ? A CYS 24 SG  ? ? ? 1_555 E ZN  . ZN ? ? A CYS 115 A ZN  203 1_555 ? ? ? ? ? ? ? 2.301 ? ? 
metalc4  metalc ?    ? A CYS 33 SG  ? ? ? 1_555 C ZN  . ZN ? ? A CYS 124 A ZN  201 1_555 ? ? ? ? ? ? ? 2.341 ? ? 
metalc5  metalc ?    ? A CYS 36 SG  ? ? ? 1_555 C ZN  . ZN ? ? A CYS 127 A ZN  201 1_555 ? ? ? ? ? ? ? 2.381 ? ? 
metalc6  metalc ?    ? A CYS 36 SG  ? ? ? 1_555 D ZN  . ZN ? ? A CYS 127 A ZN  202 1_555 ? ? ? ? ? ? ? 2.364 ? ? 
metalc7  metalc ?    ? A HIS 42 ND1 ? ? ? 1_555 E ZN  . ZN ? ? A HIS 133 A ZN  203 1_555 ? ? ? ? ? ? ? 2.073 ? ? 
metalc8  metalc ?    ? A HIS 45 ND1 ? ? ? 1_555 E ZN  . ZN ? ? A HIS 136 A ZN  203 1_555 ? ? ? ? ? ? ? 2.022 ? ? 
metalc9  metalc ?    ? A CYS 58 SG  ? ? ? 1_555 C ZN  . ZN ? ? A CYS 149 A ZN  201 1_555 ? ? ? ? ? ? ? 2.321 ? ? 
metalc10 metalc ?    ? A CYS 60 SG  ? ? ? 1_555 D ZN  . ZN ? ? A CYS 151 A ZN  202 1_555 ? ? ? ? ? ? ? 2.295 ? ? 
metalc11 metalc ?    ? A CYS 72 SG  ? ? ? 1_555 D ZN  . ZN ? ? A CYS 163 A ZN  202 1_555 ? ? ? ? ? ? ? 2.300 ? ? 
metalc12 metalc ?    ? A HIS 75 ND1 ? ? ? 1_555 D ZN  . ZN ? ? A HIS 166 A ZN  202 1_555 ? ? ? ? ? ? ? 2.056 ? ? 
# 
loop_
_struct_conn_type.id 
_struct_conn_type.criteria 
_struct_conn_type.reference 
covale ? ? 
metalc ? ? 
# 
loop_
_pdbx_struct_conn_angle.id 
_pdbx_struct_conn_angle.ptnr1_label_atom_id 
_pdbx_struct_conn_angle.ptnr1_label_alt_id 
_pdbx_struct_conn_angle.ptnr1_label_asym_id 
_pdbx_struct_conn_angle.ptnr1_label_comp_id 
_pdbx_struct_conn_angle.ptnr1_label_seq_id 
_pdbx_struct_conn_angle.ptnr1_auth_atom_id 
_pdbx_struct_conn_angle.ptnr1_auth_asym_id 
_pdbx_struct_conn_angle.ptnr1_auth_comp_id 
_pdbx_struct_conn_angle.ptnr1_auth_seq_id 
_pdbx_struct_conn_angle.ptnr1_PDB_ins_code 
_pdbx_struct_conn_angle.ptnr1_symmetry 
_pdbx_struct_conn_angle.ptnr2_label_atom_id 
_pdbx_struct_conn_angle.ptnr2_label_alt_id 
_pdbx_struct_conn_angle.ptnr2_label_asym_id 
_pdbx_struct_conn_angle.ptnr2_label_comp_id 
_pdbx_struct_conn_angle.ptnr2_label_seq_id 
_pdbx_struct_conn_angle.ptnr2_auth_atom_id 
_pdbx_struct_conn_angle.ptnr2_auth_asym_id 
_pdbx_struct_conn_angle.ptnr2_auth_comp_id 
_pdbx_struct_conn_angle.ptnr2_auth_seq_id 
_pdbx_struct_conn_angle.ptnr2_PDB_ins_code 
_pdbx_struct_conn_angle.ptnr2_symmetry 
_pdbx_struct_conn_angle.ptnr3_label_atom_id 
_pdbx_struct_conn_angle.ptnr3_label_alt_id 
_pdbx_struct_conn_angle.ptnr3_label_asym_id 
_pdbx_struct_conn_angle.ptnr3_label_comp_id 
_pdbx_struct_conn_angle.ptnr3_label_seq_id 
_pdbx_struct_conn_angle.ptnr3_auth_atom_id 
_pdbx_struct_conn_angle.ptnr3_auth_asym_id 
_pdbx_struct_conn_angle.ptnr3_auth_comp_id 
_pdbx_struct_conn_angle.ptnr3_auth_seq_id 
_pdbx_struct_conn_angle.ptnr3_PDB_ins_code 
_pdbx_struct_conn_angle.ptnr3_symmetry 
_pdbx_struct_conn_angle.value 
_pdbx_struct_conn_angle.value_esd 
1  SG  ? A CYS 8  ? A CYS 99  ? 1_555 ZN ? C ZN . ? A ZN 201 ? 1_555 SG  ? A CYS 33 ? A CYS 124 ? 1_555 111.9 ? 
2  SG  ? A CYS 8  ? A CYS 99  ? 1_555 ZN ? C ZN . ? A ZN 201 ? 1_555 SG  ? A CYS 36 ? A CYS 127 ? 1_555 105.7 ? 
3  SG  ? A CYS 33 ? A CYS 124 ? 1_555 ZN ? C ZN . ? A ZN 201 ? 1_555 SG  ? A CYS 36 ? A CYS 127 ? 1_555 96.1  ? 
4  SG  ? A CYS 8  ? A CYS 99  ? 1_555 ZN ? C ZN . ? A ZN 201 ? 1_555 SG  ? A CYS 58 ? A CYS 149 ? 1_555 113.1 ? 
5  SG  ? A CYS 33 ? A CYS 124 ? 1_555 ZN ? C ZN . ? A ZN 201 ? 1_555 SG  ? A CYS 58 ? A CYS 149 ? 1_555 116.1 ? 
6  SG  ? A CYS 36 ? A CYS 127 ? 1_555 ZN ? C ZN . ? A ZN 201 ? 1_555 SG  ? A CYS 58 ? A CYS 149 ? 1_555 112.2 ? 
7  SG  ? A CYS 21 ? A CYS 112 ? 1_555 ZN ? E ZN . ? A ZN 203 ? 1_555 SG  ? A CYS 24 ? A CYS 115 ? 1_555 113.3 ? 
8  SG  ? A CYS 21 ? A CYS 112 ? 1_555 ZN ? E ZN . ? A ZN 203 ? 1_555 ND1 ? A HIS 42 ? A HIS 133 ? 1_555 110.3 ? 
9  SG  ? A CYS 24 ? A CYS 115 ? 1_555 ZN ? E ZN . ? A ZN 203 ? 1_555 ND1 ? A HIS 42 ? A HIS 133 ? 1_555 103.3 ? 
10 SG  ? A CYS 21 ? A CYS 112 ? 1_555 ZN ? E ZN . ? A ZN 203 ? 1_555 ND1 ? A HIS 45 ? A HIS 136 ? 1_555 111.6 ? 
11 SG  ? A CYS 24 ? A CYS 115 ? 1_555 ZN ? E ZN . ? A ZN 203 ? 1_555 ND1 ? A HIS 45 ? A HIS 136 ? 1_555 105.9 ? 
12 ND1 ? A HIS 42 ? A HIS 133 ? 1_555 ZN ? E ZN . ? A ZN 203 ? 1_555 ND1 ? A HIS 45 ? A HIS 136 ? 1_555 112.1 ? 
13 SG  ? A CYS 36 ? A CYS 127 ? 1_555 ZN ? D ZN . ? A ZN 202 ? 1_555 SG  ? A CYS 60 ? A CYS 151 ? 1_555 112.1 ? 
14 SG  ? A CYS 36 ? A CYS 127 ? 1_555 ZN ? D ZN . ? A ZN 202 ? 1_555 SG  ? A CYS 72 ? A CYS 163 ? 1_555 112.3 ? 
15 SG  ? A CYS 60 ? A CYS 151 ? 1_555 ZN ? D ZN . ? A ZN 202 ? 1_555 SG  ? A CYS 72 ? A CYS 163 ? 1_555 113.8 ? 
16 SG  ? A CYS 36 ? A CYS 127 ? 1_555 ZN ? D ZN . ? A ZN 202 ? 1_555 ND1 ? A HIS 75 ? A HIS 166 ? 1_555 106.0 ? 
17 SG  ? A CYS 60 ? A CYS 151 ? 1_555 ZN ? D ZN . ? A ZN 202 ? 1_555 ND1 ? A HIS 75 ? A HIS 166 ? 1_555 111.9 ? 
18 SG  ? A CYS 72 ? A CYS 163 ? 1_555 ZN ? D ZN . ? A ZN 202 ? 1_555 ND1 ? A HIS 75 ? A HIS 166 ? 1_555 99.7  ? 
# 
_pdbx_modification_feature.ordinal                            1 
_pdbx_modification_feature.label_comp_id                      NH2 
_pdbx_modification_feature.label_asym_id                      B 
_pdbx_modification_feature.label_seq_id                       4 
_pdbx_modification_feature.label_alt_id                       ? 
_pdbx_modification_feature.modified_residue_label_comp_id     ALA 
_pdbx_modification_feature.modified_residue_label_asym_id     B 
_pdbx_modification_feature.modified_residue_label_seq_id      3 
_pdbx_modification_feature.modified_residue_label_alt_id      ? 
_pdbx_modification_feature.auth_comp_id                       NH2 
_pdbx_modification_feature.auth_asym_id                       D 
_pdbx_modification_feature.auth_seq_id                        4 
_pdbx_modification_feature.PDB_ins_code                       ? 
_pdbx_modification_feature.symmetry                           1_555 
_pdbx_modification_feature.modified_residue_auth_comp_id      ALA 
_pdbx_modification_feature.modified_residue_auth_asym_id      D 
_pdbx_modification_feature.modified_residue_auth_seq_id       3 
_pdbx_modification_feature.modified_residue_PDB_ins_code      ? 
_pdbx_modification_feature.modified_residue_symmetry          1_555 
_pdbx_modification_feature.comp_id_linking_atom               . 
_pdbx_modification_feature.modified_residue_id_linking_atom   . 
_pdbx_modification_feature.modified_residue_id                ALA 
_pdbx_modification_feature.ref_pcm_id                         1 
_pdbx_modification_feature.ref_comp_id                        NH2 
_pdbx_modification_feature.type                               None 
_pdbx_modification_feature.category                           'Terminal amidation' 
# 
_struct_sheet.id               AA1 
_struct_sheet.type             ? 
_struct_sheet.number_strands   2 
_struct_sheet.details          ? 
# 
_struct_sheet_order.sheet_id     AA1 
_struct_sheet_order.range_id_1   1 
_struct_sheet_order.range_id_2   2 
_struct_sheet_order.offset       ? 
_struct_sheet_order.sense        anti-parallel 
# 
loop_
_struct_sheet_range.sheet_id 
_struct_sheet_range.id 
_struct_sheet_range.beg_label_comp_id 
_struct_sheet_range.beg_label_asym_id 
_struct_sheet_range.beg_label_seq_id 
_struct_sheet_range.pdbx_beg_PDB_ins_code 
_struct_sheet_range.end_label_comp_id 
_struct_sheet_range.end_label_asym_id 
_struct_sheet_range.end_label_seq_id 
_struct_sheet_range.pdbx_end_PDB_ins_code 
_struct_sheet_range.beg_auth_comp_id 
_struct_sheet_range.beg_auth_asym_id 
_struct_sheet_range.beg_auth_seq_id 
_struct_sheet_range.end_auth_comp_id 
_struct_sheet_range.end_auth_asym_id 
_struct_sheet_range.end_auth_seq_id 
AA1 1 THR A 17 ? CYS A 21 ? THR A 108 CYS A 112 
AA1 2 TYR A 47 ? THR A 51 ? TYR A 138 THR A 142 
# 
_pdbx_struct_sheet_hbond.sheet_id                AA1 
_pdbx_struct_sheet_hbond.range_id_1              1 
_pdbx_struct_sheet_hbond.range_id_2              2 
_pdbx_struct_sheet_hbond.range_1_label_atom_id   N 
_pdbx_struct_sheet_hbond.range_1_label_comp_id   SER 
_pdbx_struct_sheet_hbond.range_1_label_asym_id   A 
_pdbx_struct_sheet_hbond.range_1_label_seq_id    20 
_pdbx_struct_sheet_hbond.range_1_PDB_ins_code    ? 
_pdbx_struct_sheet_hbond.range_1_auth_atom_id    N 
_pdbx_struct_sheet_hbond.range_1_auth_comp_id    SER 
_pdbx_struct_sheet_hbond.range_1_auth_asym_id    A 
_pdbx_struct_sheet_hbond.range_1_auth_seq_id     111 
_pdbx_struct_sheet_hbond.range_2_label_atom_id   O 
_pdbx_struct_sheet_hbond.range_2_label_comp_id   LYS 
_pdbx_struct_sheet_hbond.range_2_label_asym_id   A 
_pdbx_struct_sheet_hbond.range_2_label_seq_id    48 
_pdbx_struct_sheet_hbond.range_2_PDB_ins_code    ? 
_pdbx_struct_sheet_hbond.range_2_auth_atom_id    O 
_pdbx_struct_sheet_hbond.range_2_auth_comp_id    LYS 
_pdbx_struct_sheet_hbond.range_2_auth_asym_id    A 
_pdbx_struct_sheet_hbond.range_2_auth_seq_id     139 
# 
_pdbx_entry_details.entry_id                   9MUX 
_pdbx_entry_details.nonpolymer_details         ? 
_pdbx_entry_details.sequence_details           ? 
_pdbx_entry_details.compound_details           ? 
_pdbx_entry_details.source_details             ? 
_pdbx_entry_details.has_ligand_of_interest     Y 
_pdbx_entry_details.has_protein_modification   Y 
# 
loop_
_chem_comp_atom.comp_id 
_chem_comp_atom.atom_id 
_chem_comp_atom.type_symbol 
_chem_comp_atom.pdbx_aromatic_flag 
_chem_comp_atom.pdbx_stereo_config 
_chem_comp_atom.pdbx_ordinal 
ALA N    N  N N 1   
ALA CA   C  N S 2   
ALA C    C  N N 3   
ALA O    O  N N 4   
ALA CB   C  N N 5   
ALA OXT  O  N N 6   
ALA H    H  N N 7   
ALA H2   H  N N 8   
ALA HA   H  N N 9   
ALA HB1  H  N N 10  
ALA HB2  H  N N 11  
ALA HB3  H  N N 12  
ALA HXT  H  N N 13  
ARG N    N  N N 14  
ARG CA   C  N S 15  
ARG C    C  N N 16  
ARG O    O  N N 17  
ARG CB   C  N N 18  
ARG CG   C  N N 19  
ARG CD   C  N N 20  
ARG NE   N  N N 21  
ARG CZ   C  N N 22  
ARG NH1  N  N N 23  
ARG NH2  N  N N 24  
ARG OXT  O  N N 25  
ARG H    H  N N 26  
ARG H2   H  N N 27  
ARG HA   H  N N 28  
ARG HB2  H  N N 29  
ARG HB3  H  N N 30  
ARG HG2  H  N N 31  
ARG HG3  H  N N 32  
ARG HD2  H  N N 33  
ARG HD3  H  N N 34  
ARG HE   H  N N 35  
ARG HH11 H  N N 36  
ARG HH12 H  N N 37  
ARG HH21 H  N N 38  
ARG HH22 H  N N 39  
ARG HXT  H  N N 40  
ASN N    N  N N 41  
ASN CA   C  N S 42  
ASN C    C  N N 43  
ASN O    O  N N 44  
ASN CB   C  N N 45  
ASN CG   C  N N 46  
ASN OD1  O  N N 47  
ASN ND2  N  N N 48  
ASN OXT  O  N N 49  
ASN H    H  N N 50  
ASN H2   H  N N 51  
ASN HA   H  N N 52  
ASN HB2  H  N N 53  
ASN HB3  H  N N 54  
ASN HD21 H  N N 55  
ASN HD22 H  N N 56  
ASN HXT  H  N N 57  
ASP N    N  N N 58  
ASP CA   C  N S 59  
ASP C    C  N N 60  
ASP O    O  N N 61  
ASP CB   C  N N 62  
ASP CG   C  N N 63  
ASP OD1  O  N N 64  
ASP OD2  O  N N 65  
ASP OXT  O  N N 66  
ASP H    H  N N 67  
ASP H2   H  N N 68  
ASP HA   H  N N 69  
ASP HB2  H  N N 70  
ASP HB3  H  N N 71  
ASP HD2  H  N N 72  
ASP HXT  H  N N 73  
CYS N    N  N N 74  
CYS CA   C  N R 75  
CYS C    C  N N 76  
CYS O    O  N N 77  
CYS CB   C  N N 78  
CYS SG   S  N N 79  
CYS OXT  O  N N 80  
CYS H    H  N N 81  
CYS H2   H  N N 82  
CYS HA   H  N N 83  
CYS HB2  H  N N 84  
CYS HB3  H  N N 85  
CYS HG   H  N N 86  
CYS HXT  H  N N 87  
GLN N    N  N N 88  
GLN CA   C  N S 89  
GLN C    C  N N 90  
GLN O    O  N N 91  
GLN CB   C  N N 92  
GLN CG   C  N N 93  
GLN CD   C  N N 94  
GLN OE1  O  N N 95  
GLN NE2  N  N N 96  
GLN OXT  O  N N 97  
GLN H    H  N N 98  
GLN H2   H  N N 99  
GLN HA   H  N N 100 
GLN HB2  H  N N 101 
GLN HB3  H  N N 102 
GLN HG2  H  N N 103 
GLN HG3  H  N N 104 
GLN HE21 H  N N 105 
GLN HE22 H  N N 106 
GLN HXT  H  N N 107 
GLU N    N  N N 108 
GLU CA   C  N S 109 
GLU C    C  N N 110 
GLU O    O  N N 111 
GLU CB   C  N N 112 
GLU CG   C  N N 113 
GLU CD   C  N N 114 
GLU OE1  O  N N 115 
GLU OE2  O  N N 116 
GLU OXT  O  N N 117 
GLU H    H  N N 118 
GLU H2   H  N N 119 
GLU HA   H  N N 120 
GLU HB2  H  N N 121 
GLU HB3  H  N N 122 
GLU HG2  H  N N 123 
GLU HG3  H  N N 124 
GLU HE2  H  N N 125 
GLU HXT  H  N N 126 
GLY N    N  N N 127 
GLY CA   C  N N 128 
GLY C    C  N N 129 
GLY O    O  N N 130 
GLY OXT  O  N N 131 
GLY H    H  N N 132 
GLY H2   H  N N 133 
GLY HA2  H  N N 134 
GLY HA3  H  N N 135 
GLY HXT  H  N N 136 
HIS N    N  N N 137 
HIS CA   C  N S 138 
HIS C    C  N N 139 
HIS O    O  N N 140 
HIS CB   C  N N 141 
HIS CG   C  Y N 142 
HIS ND1  N  Y N 143 
HIS CD2  C  Y N 144 
HIS CE1  C  Y N 145 
HIS NE2  N  Y N 146 
HIS OXT  O  N N 147 
HIS H    H  N N 148 
HIS H2   H  N N 149 
HIS HA   H  N N 150 
HIS HB2  H  N N 151 
HIS HB3  H  N N 152 
HIS HD1  H  N N 153 
HIS HD2  H  N N 154 
HIS HE1  H  N N 155 
HIS HE2  H  N N 156 
HIS HXT  H  N N 157 
HOH O    O  N N 158 
HOH H1   H  N N 159 
HOH H2   H  N N 160 
ILE N    N  N N 161 
ILE CA   C  N S 162 
ILE C    C  N N 163 
ILE O    O  N N 164 
ILE CB   C  N S 165 
ILE CG1  C  N N 166 
ILE CG2  C  N N 167 
ILE CD1  C  N N 168 
ILE OXT  O  N N 169 
ILE H    H  N N 170 
ILE H2   H  N N 171 
ILE HA   H  N N 172 
ILE HB   H  N N 173 
ILE HG12 H  N N 174 
ILE HG13 H  N N 175 
ILE HG21 H  N N 176 
ILE HG22 H  N N 177 
ILE HG23 H  N N 178 
ILE HD11 H  N N 179 
ILE HD12 H  N N 180 
ILE HD13 H  N N 181 
ILE HXT  H  N N 182 
LEU N    N  N N 183 
LEU CA   C  N S 184 
LEU C    C  N N 185 
LEU O    O  N N 186 
LEU CB   C  N N 187 
LEU CG   C  N N 188 
LEU CD1  C  N N 189 
LEU CD2  C  N N 190 
LEU OXT  O  N N 191 
LEU H    H  N N 192 
LEU H2   H  N N 193 
LEU HA   H  N N 194 
LEU HB2  H  N N 195 
LEU HB3  H  N N 196 
LEU HG   H  N N 197 
LEU HD11 H  N N 198 
LEU HD12 H  N N 199 
LEU HD13 H  N N 200 
LEU HD21 H  N N 201 
LEU HD22 H  N N 202 
LEU HD23 H  N N 203 
LEU HXT  H  N N 204 
LYS N    N  N N 205 
LYS CA   C  N S 206 
LYS C    C  N N 207 
LYS O    O  N N 208 
LYS CB   C  N N 209 
LYS CG   C  N N 210 
LYS CD   C  N N 211 
LYS CE   C  N N 212 
LYS NZ   N  N N 213 
LYS OXT  O  N N 214 
LYS H    H  N N 215 
LYS H2   H  N N 216 
LYS HA   H  N N 217 
LYS HB2  H  N N 218 
LYS HB3  H  N N 219 
LYS HG2  H  N N 220 
LYS HG3  H  N N 221 
LYS HD2  H  N N 222 
LYS HD3  H  N N 223 
LYS HE2  H  N N 224 
LYS HE3  H  N N 225 
LYS HZ1  H  N N 226 
LYS HZ2  H  N N 227 
LYS HZ3  H  N N 228 
LYS HXT  H  N N 229 
MET N    N  N N 230 
MET CA   C  N S 231 
MET C    C  N N 232 
MET O    O  N N 233 
MET CB   C  N N 234 
MET CG   C  N N 235 
MET SD   S  N N 236 
MET CE   C  N N 237 
MET OXT  O  N N 238 
MET H    H  N N 239 
MET H2   H  N N 240 
MET HA   H  N N 241 
MET HB2  H  N N 242 
MET HB3  H  N N 243 
MET HG2  H  N N 244 
MET HG3  H  N N 245 
MET HE1  H  N N 246 
MET HE2  H  N N 247 
MET HE3  H  N N 248 
MET HXT  H  N N 249 
NH2 N    N  N N 250 
NH2 HN1  H  N N 251 
NH2 HN2  H  N N 252 
PHE N    N  N N 253 
PHE CA   C  N S 254 
PHE C    C  N N 255 
PHE O    O  N N 256 
PHE CB   C  N N 257 
PHE CG   C  Y N 258 
PHE CD1  C  Y N 259 
PHE CD2  C  Y N 260 
PHE CE1  C  Y N 261 
PHE CE2  C  Y N 262 
PHE CZ   C  Y N 263 
PHE OXT  O  N N 264 
PHE H    H  N N 265 
PHE H2   H  N N 266 
PHE HA   H  N N 267 
PHE HB2  H  N N 268 
PHE HB3  H  N N 269 
PHE HD1  H  N N 270 
PHE HD2  H  N N 271 
PHE HE1  H  N N 272 
PHE HE2  H  N N 273 
PHE HZ   H  N N 274 
PHE HXT  H  N N 275 
PRO N    N  N N 276 
PRO CA   C  N S 277 
PRO C    C  N N 278 
PRO O    O  N N 279 
PRO CB   C  N N 280 
PRO CG   C  N N 281 
PRO CD   C  N N 282 
PRO OXT  O  N N 283 
PRO H    H  N N 284 
PRO HA   H  N N 285 
PRO HB2  H  N N 286 
PRO HB3  H  N N 287 
PRO HG2  H  N N 288 
PRO HG3  H  N N 289 
PRO HD2  H  N N 290 
PRO HD3  H  N N 291 
PRO HXT  H  N N 292 
SER N    N  N N 293 
SER CA   C  N S 294 
SER C    C  N N 295 
SER O    O  N N 296 
SER CB   C  N N 297 
SER OG   O  N N 298 
SER OXT  O  N N 299 
SER H    H  N N 300 
SER H2   H  N N 301 
SER HA   H  N N 302 
SER HB2  H  N N 303 
SER HB3  H  N N 304 
SER HG   H  N N 305 
SER HXT  H  N N 306 
THR N    N  N N 307 
THR CA   C  N S 308 
THR C    C  N N 309 
THR O    O  N N 310 
THR CB   C  N R 311 
THR OG1  O  N N 312 
THR CG2  C  N N 313 
THR OXT  O  N N 314 
THR H    H  N N 315 
THR H2   H  N N 316 
THR HA   H  N N 317 
THR HB   H  N N 318 
THR HG1  H  N N 319 
THR HG21 H  N N 320 
THR HG22 H  N N 321 
THR HG23 H  N N 322 
THR HXT  H  N N 323 
TRP N    N  N N 324 
TRP CA   C  N S 325 
TRP C    C  N N 326 
TRP O    O  N N 327 
TRP CB   C  N N 328 
TRP CG   C  Y N 329 
TRP CD1  C  Y N 330 
TRP CD2  C  Y N 331 
TRP NE1  N  Y N 332 
TRP CE2  C  Y N 333 
TRP CE3  C  Y N 334 
TRP CZ2  C  Y N 335 
TRP CZ3  C  Y N 336 
TRP CH2  C  Y N 337 
TRP OXT  O  N N 338 
TRP H    H  N N 339 
TRP H2   H  N N 340 
TRP HA   H  N N 341 
TRP HB2  H  N N 342 
TRP HB3  H  N N 343 
TRP HD1  H  N N 344 
TRP HE1  H  N N 345 
TRP HE3  H  N N 346 
TRP HZ2  H  N N 347 
TRP HZ3  H  N N 348 
TRP HH2  H  N N 349 
TRP HXT  H  N N 350 
TYR N    N  N N 351 
TYR CA   C  N S 352 
TYR C    C  N N 353 
TYR O    O  N N 354 
TYR CB   C  N N 355 
TYR CG   C  Y N 356 
TYR CD1  C  Y N 357 
TYR CD2  C  Y N 358 
TYR CE1  C  Y N 359 
TYR CE2  C  Y N 360 
TYR CZ   C  Y N 361 
TYR OH   O  N N 362 
TYR OXT  O  N N 363 
TYR H    H  N N 364 
TYR H2   H  N N 365 
TYR HA   H  N N 366 
TYR HB2  H  N N 367 
TYR HB3  H  N N 368 
TYR HD1  H  N N 369 
TYR HD2  H  N N 370 
TYR HE1  H  N N 371 
TYR HE2  H  N N 372 
TYR HH   H  N N 373 
TYR HXT  H  N N 374 
VAL N    N  N N 375 
VAL CA   C  N S 376 
VAL C    C  N N 377 
VAL O    O  N N 378 
VAL CB   C  N N 379 
VAL CG1  C  N N 380 
VAL CG2  C  N N 381 
VAL OXT  O  N N 382 
VAL H    H  N N 383 
VAL H2   H  N N 384 
VAL HA   H  N N 385 
VAL HB   H  N N 386 
VAL HG11 H  N N 387 
VAL HG12 H  N N 388 
VAL HG13 H  N N 389 
VAL HG21 H  N N 390 
VAL HG22 H  N N 391 
VAL HG23 H  N N 392 
VAL HXT  H  N N 393 
ZN  ZN   ZN N N 394 
# 
loop_
_chem_comp_bond.comp_id 
_chem_comp_bond.atom_id_1 
_chem_comp_bond.atom_id_2 
_chem_comp_bond.value_order 
_chem_comp_bond.pdbx_aromatic_flag 
_chem_comp_bond.pdbx_stereo_config 
_chem_comp_bond.pdbx_ordinal 
ALA N   CA   sing N N 1   
ALA N   H    sing N N 2   
ALA N   H2   sing N N 3   
ALA CA  C    sing N N 4   
ALA CA  CB   sing N N 5   
ALA CA  HA   sing N N 6   
ALA C   O    doub N N 7   
ALA C   OXT  sing N N 8   
ALA CB  HB1  sing N N 9   
ALA CB  HB2  sing N N 10  
ALA CB  HB3  sing N N 11  
ALA OXT HXT  sing N N 12  
ARG N   CA   sing N N 13  
ARG N   H    sing N N 14  
ARG N   H2   sing N N 15  
ARG CA  C    sing N N 16  
ARG CA  CB   sing N N 17  
ARG CA  HA   sing N N 18  
ARG C   O    doub N N 19  
ARG C   OXT  sing N N 20  
ARG CB  CG   sing N N 21  
ARG CB  HB2  sing N N 22  
ARG CB  HB3  sing N N 23  
ARG CG  CD   sing N N 24  
ARG CG  HG2  sing N N 25  
ARG CG  HG3  sing N N 26  
ARG CD  NE   sing N N 27  
ARG CD  HD2  sing N N 28  
ARG CD  HD3  sing N N 29  
ARG NE  CZ   sing N N 30  
ARG NE  HE   sing N N 31  
ARG CZ  NH1  sing N N 32  
ARG CZ  NH2  doub N N 33  
ARG NH1 HH11 sing N N 34  
ARG NH1 HH12 sing N N 35  
ARG NH2 HH21 sing N N 36  
ARG NH2 HH22 sing N N 37  
ARG OXT HXT  sing N N 38  
ASN N   CA   sing N N 39  
ASN N   H    sing N N 40  
ASN N   H2   sing N N 41  
ASN CA  C    sing N N 42  
ASN CA  CB   sing N N 43  
ASN CA  HA   sing N N 44  
ASN C   O    doub N N 45  
ASN C   OXT  sing N N 46  
ASN CB  CG   sing N N 47  
ASN CB  HB2  sing N N 48  
ASN CB  HB3  sing N N 49  
ASN CG  OD1  doub N N 50  
ASN CG  ND2  sing N N 51  
ASN ND2 HD21 sing N N 52  
ASN ND2 HD22 sing N N 53  
ASN OXT HXT  sing N N 54  
ASP N   CA   sing N N 55  
ASP N   H    sing N N 56  
ASP N   H2   sing N N 57  
ASP CA  C    sing N N 58  
ASP CA  CB   sing N N 59  
ASP CA  HA   sing N N 60  
ASP C   O    doub N N 61  
ASP C   OXT  sing N N 62  
ASP CB  CG   sing N N 63  
ASP CB  HB2  sing N N 64  
ASP CB  HB3  sing N N 65  
ASP CG  OD1  doub N N 66  
ASP CG  OD2  sing N N 67  
ASP OD2 HD2  sing N N 68  
ASP OXT HXT  sing N N 69  
CYS N   CA   sing N N 70  
CYS N   H    sing N N 71  
CYS N   H2   sing N N 72  
CYS CA  C    sing N N 73  
CYS CA  CB   sing N N 74  
CYS CA  HA   sing N N 75  
CYS C   O    doub N N 76  
CYS C   OXT  sing N N 77  
CYS CB  SG   sing N N 78  
CYS CB  HB2  sing N N 79  
CYS CB  HB3  sing N N 80  
CYS SG  HG   sing N N 81  
CYS OXT HXT  sing N N 82  
GLN N   CA   sing N N 83  
GLN N   H    sing N N 84  
GLN N   H2   sing N N 85  
GLN CA  C    sing N N 86  
GLN CA  CB   sing N N 87  
GLN CA  HA   sing N N 88  
GLN C   O    doub N N 89  
GLN C   OXT  sing N N 90  
GLN CB  CG   sing N N 91  
GLN CB  HB2  sing N N 92  
GLN CB  HB3  sing N N 93  
GLN CG  CD   sing N N 94  
GLN CG  HG2  sing N N 95  
GLN CG  HG3  sing N N 96  
GLN CD  OE1  doub N N 97  
GLN CD  NE2  sing N N 98  
GLN NE2 HE21 sing N N 99  
GLN NE2 HE22 sing N N 100 
GLN OXT HXT  sing N N 101 
GLU N   CA   sing N N 102 
GLU N   H    sing N N 103 
GLU N   H2   sing N N 104 
GLU CA  C    sing N N 105 
GLU CA  CB   sing N N 106 
GLU CA  HA   sing N N 107 
GLU C   O    doub N N 108 
GLU C   OXT  sing N N 109 
GLU CB  CG   sing N N 110 
GLU CB  HB2  sing N N 111 
GLU CB  HB3  sing N N 112 
GLU CG  CD   sing N N 113 
GLU CG  HG2  sing N N 114 
GLU CG  HG3  sing N N 115 
GLU CD  OE1  doub N N 116 
GLU CD  OE2  sing N N 117 
GLU OE2 HE2  sing N N 118 
GLU OXT HXT  sing N N 119 
GLY N   CA   sing N N 120 
GLY N   H    sing N N 121 
GLY N   H2   sing N N 122 
GLY CA  C    sing N N 123 
GLY CA  HA2  sing N N 124 
GLY CA  HA3  sing N N 125 
GLY C   O    doub N N 126 
GLY C   OXT  sing N N 127 
GLY OXT HXT  sing N N 128 
HIS N   CA   sing N N 129 
HIS N   H    sing N N 130 
HIS N   H2   sing N N 131 
HIS CA  C    sing N N 132 
HIS CA  CB   sing N N 133 
HIS CA  HA   sing N N 134 
HIS C   O    doub N N 135 
HIS C   OXT  sing N N 136 
HIS CB  CG   sing N N 137 
HIS CB  HB2  sing N N 138 
HIS CB  HB3  sing N N 139 
HIS CG  ND1  sing Y N 140 
HIS CG  CD2  doub Y N 141 
HIS ND1 CE1  doub Y N 142 
HIS ND1 HD1  sing N N 143 
HIS CD2 NE2  sing Y N 144 
HIS CD2 HD2  sing N N 145 
HIS CE1 NE2  sing Y N 146 
HIS CE1 HE1  sing N N 147 
HIS NE2 HE2  sing N N 148 
HIS OXT HXT  sing N N 149 
HOH O   H1   sing N N 150 
HOH O   H2   sing N N 151 
ILE N   CA   sing N N 152 
ILE N   H    sing N N 153 
ILE N   H2   sing N N 154 
ILE CA  C    sing N N 155 
ILE CA  CB   sing N N 156 
ILE CA  HA   sing N N 157 
ILE C   O    doub N N 158 
ILE C   OXT  sing N N 159 
ILE CB  CG1  sing N N 160 
ILE CB  CG2  sing N N 161 
ILE CB  HB   sing N N 162 
ILE CG1 CD1  sing N N 163 
ILE CG1 HG12 sing N N 164 
ILE CG1 HG13 sing N N 165 
ILE CG2 HG21 sing N N 166 
ILE CG2 HG22 sing N N 167 
ILE CG2 HG23 sing N N 168 
ILE CD1 HD11 sing N N 169 
ILE CD1 HD12 sing N N 170 
ILE CD1 HD13 sing N N 171 
ILE OXT HXT  sing N N 172 
LEU N   CA   sing N N 173 
LEU N   H    sing N N 174 
LEU N   H2   sing N N 175 
LEU CA  C    sing N N 176 
LEU CA  CB   sing N N 177 
LEU CA  HA   sing N N 178 
LEU C   O    doub N N 179 
LEU C   OXT  sing N N 180 
LEU CB  CG   sing N N 181 
LEU CB  HB2  sing N N 182 
LEU CB  HB3  sing N N 183 
LEU CG  CD1  sing N N 184 
LEU CG  CD2  sing N N 185 
LEU CG  HG   sing N N 186 
LEU CD1 HD11 sing N N 187 
LEU CD1 HD12 sing N N 188 
LEU CD1 HD13 sing N N 189 
LEU CD2 HD21 sing N N 190 
LEU CD2 HD22 sing N N 191 
LEU CD2 HD23 sing N N 192 
LEU OXT HXT  sing N N 193 
LYS N   CA   sing N N 194 
LYS N   H    sing N N 195 
LYS N   H2   sing N N 196 
LYS CA  C    sing N N 197 
LYS CA  CB   sing N N 198 
LYS CA  HA   sing N N 199 
LYS C   O    doub N N 200 
LYS C   OXT  sing N N 201 
LYS CB  CG   sing N N 202 
LYS CB  HB2  sing N N 203 
LYS CB  HB3  sing N N 204 
LYS CG  CD   sing N N 205 
LYS CG  HG2  sing N N 206 
LYS CG  HG3  sing N N 207 
LYS CD  CE   sing N N 208 
LYS CD  HD2  sing N N 209 
LYS CD  HD3  sing N N 210 
LYS CE  NZ   sing N N 211 
LYS CE  HE2  sing N N 212 
LYS CE  HE3  sing N N 213 
LYS NZ  HZ1  sing N N 214 
LYS NZ  HZ2  sing N N 215 
LYS NZ  HZ3  sing N N 216 
LYS OXT HXT  sing N N 217 
MET N   CA   sing N N 218 
MET N   H    sing N N 219 
MET N   H2   sing N N 220 
MET CA  C    sing N N 221 
MET CA  CB   sing N N 222 
MET CA  HA   sing N N 223 
MET C   O    doub N N 224 
MET C   OXT  sing N N 225 
MET CB  CG   sing N N 226 
MET CB  HB2  sing N N 227 
MET CB  HB3  sing N N 228 
MET CG  SD   sing N N 229 
MET CG  HG2  sing N N 230 
MET CG  HG3  sing N N 231 
MET SD  CE   sing N N 232 
MET CE  HE1  sing N N 233 
MET CE  HE2  sing N N 234 
MET CE  HE3  sing N N 235 
MET OXT HXT  sing N N 236 
NH2 N   HN1  sing N N 237 
NH2 N   HN2  sing N N 238 
PHE N   CA   sing N N 239 
PHE N   H    sing N N 240 
PHE N   H2   sing N N 241 
PHE CA  C    sing N N 242 
PHE CA  CB   sing N N 243 
PHE CA  HA   sing N N 244 
PHE C   O    doub N N 245 
PHE C   OXT  sing N N 246 
PHE CB  CG   sing N N 247 
PHE CB  HB2  sing N N 248 
PHE CB  HB3  sing N N 249 
PHE CG  CD1  doub Y N 250 
PHE CG  CD2  sing Y N 251 
PHE CD1 CE1  sing Y N 252 
PHE CD1 HD1  sing N N 253 
PHE CD2 CE2  doub Y N 254 
PHE CD2 HD2  sing N N 255 
PHE CE1 CZ   doub Y N 256 
PHE CE1 HE1  sing N N 257 
PHE CE2 CZ   sing Y N 258 
PHE CE2 HE2  sing N N 259 
PHE CZ  HZ   sing N N 260 
PHE OXT HXT  sing N N 261 
PRO N   CA   sing N N 262 
PRO N   CD   sing N N 263 
PRO N   H    sing N N 264 
PRO CA  C    sing N N 265 
PRO CA  CB   sing N N 266 
PRO CA  HA   sing N N 267 
PRO C   O    doub N N 268 
PRO C   OXT  sing N N 269 
PRO CB  CG   sing N N 270 
PRO CB  HB2  sing N N 271 
PRO CB  HB3  sing N N 272 
PRO CG  CD   sing N N 273 
PRO CG  HG2  sing N N 274 
PRO CG  HG3  sing N N 275 
PRO CD  HD2  sing N N 276 
PRO CD  HD3  sing N N 277 
PRO OXT HXT  sing N N 278 
SER N   CA   sing N N 279 
SER N   H    sing N N 280 
SER N   H2   sing N N 281 
SER CA  C    sing N N 282 
SER CA  CB   sing N N 283 
SER CA  HA   sing N N 284 
SER C   O    doub N N 285 
SER C   OXT  sing N N 286 
SER CB  OG   sing N N 287 
SER CB  HB2  sing N N 288 
SER CB  HB3  sing N N 289 
SER OG  HG   sing N N 290 
SER OXT HXT  sing N N 291 
THR N   CA   sing N N 292 
THR N   H    sing N N 293 
THR N   H2   sing N N 294 
THR CA  C    sing N N 295 
THR CA  CB   sing N N 296 
THR CA  HA   sing N N 297 
THR C   O    doub N N 298 
THR C   OXT  sing N N 299 
THR CB  OG1  sing N N 300 
THR CB  CG2  sing N N 301 
THR CB  HB   sing N N 302 
THR OG1 HG1  sing N N 303 
THR CG2 HG21 sing N N 304 
THR CG2 HG22 sing N N 305 
THR CG2 HG23 sing N N 306 
THR OXT HXT  sing N N 307 
TRP N   CA   sing N N 308 
TRP N   H    sing N N 309 
TRP N   H2   sing N N 310 
TRP CA  C    sing N N 311 
TRP CA  CB   sing N N 312 
TRP CA  HA   sing N N 313 
TRP C   O    doub N N 314 
TRP C   OXT  sing N N 315 
TRP CB  CG   sing N N 316 
TRP CB  HB2  sing N N 317 
TRP CB  HB3  sing N N 318 
TRP CG  CD1  doub Y N 319 
TRP CG  CD2  sing Y N 320 
TRP CD1 NE1  sing Y N 321 
TRP CD1 HD1  sing N N 322 
TRP CD2 CE2  doub Y N 323 
TRP CD2 CE3  sing Y N 324 
TRP NE1 CE2  sing Y N 325 
TRP NE1 HE1  sing N N 326 
TRP CE2 CZ2  sing Y N 327 
TRP CE3 CZ3  doub Y N 328 
TRP CE3 HE3  sing N N 329 
TRP CZ2 CH2  doub Y N 330 
TRP CZ2 HZ2  sing N N 331 
TRP CZ3 CH2  sing Y N 332 
TRP CZ3 HZ3  sing N N 333 
TRP CH2 HH2  sing N N 334 
TRP OXT HXT  sing N N 335 
TYR N   CA   sing N N 336 
TYR N   H    sing N N 337 
TYR N   H2   sing N N 338 
TYR CA  C    sing N N 339 
TYR CA  CB   sing N N 340 
TYR CA  HA   sing N N 341 
TYR C   O    doub N N 342 
TYR C   OXT  sing N N 343 
TYR CB  CG   sing N N 344 
TYR CB  HB2  sing N N 345 
TYR CB  HB3  sing N N 346 
TYR CG  CD1  doub Y N 347 
TYR CG  CD2  sing Y N 348 
TYR CD1 CE1  sing Y N 349 
TYR CD1 HD1  sing N N 350 
TYR CD2 CE2  doub Y N 351 
TYR CD2 HD2  sing N N 352 
TYR CE1 CZ   doub Y N 353 
TYR CE1 HE1  sing N N 354 
TYR CE2 CZ   sing Y N 355 
TYR CE2 HE2  sing N N 356 
TYR CZ  OH   sing N N 357 
TYR OH  HH   sing N N 358 
TYR OXT HXT  sing N N 359 
VAL N   CA   sing N N 360 
VAL N   H    sing N N 361 
VAL N   H2   sing N N 362 
VAL CA  C    sing N N 363 
VAL CA  CB   sing N N 364 
VAL CA  HA   sing N N 365 
VAL C   O    doub N N 366 
VAL C   OXT  sing N N 367 
VAL CB  CG1  sing N N 368 
VAL CB  CG2  sing N N 369 
VAL CB  HB   sing N N 370 
VAL CG1 HG11 sing N N 371 
VAL CG1 HG12 sing N N 372 
VAL CG1 HG13 sing N N 373 
VAL CG2 HG21 sing N N 374 
VAL CG2 HG22 sing N N 375 
VAL CG2 HG23 sing N N 376 
VAL OXT HXT  sing N N 377 
# 
loop_
_pdbx_audit_support.funding_organization 
_pdbx_audit_support.country 
_pdbx_audit_support.grant_number 
_pdbx_audit_support.ordinal 
'Department of Defense (DOD, United States)'                        'United States' HT9425-23-1-0560 1 
'Department of Defense (DOD, United States)'                        'United States' PA220024P1       2 
'National Institutes of Health/National Cancer Institute (NIH/NCI)' 'United States' 'RO1 CA212119'   3 
'National Institutes of Health/National Cancer Institute (NIH/NCI)' 'United States' 'RO1 CA265410'   4 
# 
_pdbx_initial_refinement_model.id               1 
_pdbx_initial_refinement_model.entity_id_list   ? 
_pdbx_initial_refinement_model.type             'experimental model' 
_pdbx_initial_refinement_model.source_name      PDB 
_pdbx_initial_refinement_model.accession_code   9DNO 
_pdbx_initial_refinement_model.details          ? 
# 
_atom_sites.entry_id                    9MUX 
_atom_sites.Cartn_transf_matrix[1][1]   ? 
_atom_sites.Cartn_transf_matrix[1][2]   ? 
_atom_sites.Cartn_transf_matrix[1][3]   ? 
_atom_sites.Cartn_transf_matrix[2][1]   ? 
_atom_sites.Cartn_transf_matrix[2][2]   ? 
_atom_sites.Cartn_transf_matrix[2][3]   ? 
_atom_sites.Cartn_transf_matrix[3][1]   ? 
_atom_sites.Cartn_transf_matrix[3][2]   ? 
_atom_sites.Cartn_transf_matrix[3][3]   ? 
_atom_sites.Cartn_transf_vector[1]      ? 
_atom_sites.Cartn_transf_vector[2]      ? 
_atom_sites.Cartn_transf_vector[3]      ? 
_atom_sites.Cartn_transform_axes        ? 
_atom_sites.fract_transf_matrix[1][1]   0.00284195 
_atom_sites.fract_transf_matrix[1][2]   0.01903680 
_atom_sites.fract_transf_matrix[1][3]   -0.03462025 
_atom_sites.fract_transf_matrix[2][1]   -0.01824893 
_atom_sites.fract_transf_matrix[2][2]   0.01259210 
_atom_sites.fract_transf_matrix[2][3]   0.00542603 
_atom_sites.fract_transf_matrix[3][1]   0.02305017 
_atom_sites.fract_transf_matrix[3][2]   0.03207541 
_atom_sites.fract_transf_matrix[3][3]   0.00308591 
_atom_sites.fract_transf_vector[1]      0.133639 
_atom_sites.fract_transf_vector[2]      0.093520 
_atom_sites.fract_transf_vector[3]      0.039281 
_atom_sites.solution_primary            ? 
_atom_sites.solution_secondary          ? 
_atom_sites.solution_hydrogens          ? 
_atom_sites.special_details             ? 
# 
loop_
_atom_type.symbol 
C  
N  
O  
S  
ZN 
# 
loop_
_atom_site.group_PDB 
_atom_site.id 
_atom_site.type_symbol 
_atom_site.label_atom_id 
_atom_site.label_alt_id 
_atom_site.label_comp_id 
_atom_site.label_asym_id 
_atom_site.label_entity_id 
_atom_site.label_seq_id 
_atom_site.pdbx_PDB_ins_code 
_atom_site.Cartn_x 
_atom_site.Cartn_y 
_atom_site.Cartn_z 
_atom_site.occupancy 
_atom_site.B_iso_or_equiv 
_atom_site.pdbx_formal_charge 
_atom_site.auth_seq_id 
_atom_site.auth_comp_id 
_atom_site.auth_asym_id 
_atom_site.auth_atom_id 
_atom_site.pdbx_PDB_model_num 
ATOM   1   N  N   . GLY A 1 1  ? -1.527  -20.114 3.325   1.00 17.55 ? 92  GLY A N   1 
ATOM   2   C  CA  . GLY A 1 1  ? -2.386  -20.395 4.461   1.00 15.79 ? 92  GLY A CA  1 
ATOM   3   C  C   . GLY A 1 1  ? -2.682  -19.145 5.264   1.00 15.20 ? 92  GLY A C   1 
ATOM   4   O  O   . GLY A 1 1  ? -2.367  -18.037 4.830   1.00 15.95 ? 92  GLY A O   1 
ATOM   5   N  N   . PRO A 1 2  ? -3.261  -19.314 6.452   1.00 10.79 ? 93  PRO A N   1 
ATOM   6   C  CA  . PRO A 1 2  ? -3.643  -18.137 7.249   1.00 11.54 ? 93  PRO A CA  1 
ATOM   7   C  C   . PRO A 1 2  ? -2.482  -17.230 7.618   1.00 12.95 ? 93  PRO A C   1 
ATOM   8   O  O   . PRO A 1 2  ? -2.661  -16.006 7.645   1.00 15.76 ? 93  PRO A O   1 
ATOM   9   C  CB  . PRO A 1 2  ? -4.334  -18.754 8.476   1.00 12.71 ? 93  PRO A CB  1 
ATOM   10  C  CG  . PRO A 1 2  ? -4.889  -20.031 7.961   1.00 14.17 ? 93  PRO A CG  1 
ATOM   11  C  CD  . PRO A 1 2  ? -3.798  -20.554 7.030   1.00 11.95 ? 93  PRO A CD  1 
ATOM   12  N  N   . LEU A 1 3  ? -1.293  -17.778 7.897   1.00 14.24 ? 94  LEU A N   1 
ATOM   13  C  CA  . LEU A 1 3  ? -0.159  -16.910 8.212   1.00 21.03 ? 94  LEU A CA  1 
ATOM   14  C  C   . LEU A 1 3  ? 0.227   -16.050 7.018   1.00 21.20 ? 94  LEU A C   1 
ATOM   15  O  O   . LEU A 1 3  ? 0.458   -14.844 7.157   1.00 27.78 ? 94  LEU A O   1 
ATOM   16  C  CB  . LEU A 1 3  ? 1.038   -17.733 8.680   1.00 23.43 ? 94  LEU A CB  1 
ATOM   17  C  CG  . LEU A 1 3  ? 1.053   -18.067 10.170  1.00 21.67 ? 94  LEU A CG  1 
ATOM   18  C  CD1 . LEU A 1 3  ? 2.376   -18.713 10.567  1.00 17.86 ? 94  LEU A CD1 1 
ATOM   19  C  CD2 . LEU A 1 3  ? 0.787   -16.825 11.016  1.00 22.31 ? 94  LEU A CD2 1 
ATOM   20  N  N   . GLY A 1 4  ? 0.286   -16.648 5.830   1.00 19.01 ? 95  GLY A N   1 
ATOM   21  C  CA  . GLY A 1 4  ? 0.659   -15.911 4.638   1.00 22.22 ? 95  GLY A CA  1 
ATOM   22  C  C   . GLY A 1 4  ? -0.347  -14.863 4.210   1.00 24.44 ? 95  GLY A C   1 
ATOM   23  O  O   . GLY A 1 4  ? -0.013  -13.997 3.395   1.00 24.35 ? 95  GLY A O   1 
ATOM   24  N  N   . SER A 1 5  ? -1.569  -14.916 4.737   1.00 19.26 ? 96  SER A N   1 
ATOM   25  C  CA  . SER A 1 5  ? -2.623  -13.997 4.320   1.00 21.58 ? 96  SER A CA  1 
ATOM   26  C  C   . SER A 1 5  ? -3.108  -13.090 5.444   1.00 19.49 ? 96  SER A C   1 
ATOM   27  O  O   . SER A 1 5  ? -4.095  -12.369 5.254   1.00 20.52 ? 96  SER A O   1 
ATOM   28  C  CB  . SER A 1 5  ? -3.797  -14.769 3.717   1.00 22.41 ? 96  SER A CB  1 
ATOM   29  O  OG  . SER A 1 5  ? -4.420  -15.565 4.706   1.00 30.90 ? 96  SER A OG  1 
ATOM   30  N  N   . GLN A 1 6  ? -2.436  -13.089 6.600   1.00 15.34 ? 97  GLN A N   1 
ATOM   31  C  CA  . GLN A 1 6  ? -2.826  -12.205 7.698   1.00 17.19 ? 97  GLN A CA  1 
ATOM   32  C  C   . GLN A 1 6  ? -2.695  -10.737 7.300   1.00 15.21 ? 97  GLN A C   1 
ATOM   33  O  O   . GLN A 1 6  ? -3.556  -9.915  7.631   1.00 17.55 ? 97  GLN A O   1 
ATOM   34  C  CB  . GLN A 1 6  ? -1.963  -12.501 8.928   1.00 24.36 ? 97  GLN A CB  1 
ATOM   35  C  CG  . GLN A 1 6  ? -0.458  -12.344 8.669   1.00 30.81 ? 97  GLN A CG  1 
ATOM   36  C  CD  . GLN A 1 6  ? 0.429   -12.740 9.840   1.00 35.82 ? 97  GLN A CD  1 
ATOM   37  O  OE1 . GLN A 1 6  ? -0.025  -13.352 10.809  1.00 32.69 ? 97  GLN A OE1 1 
ATOM   38  N  NE2 . GLN A 1 6  ? 1.711   -12.384 9.750   1.00 35.83 ? 97  GLN A NE2 1 
ATOM   39  N  N   . LEU A 1 7  ? -1.627  -10.397 6.595   1.00 12.76 ? 98  LEU A N   1 
ATOM   40  C  CA  . LEU A 1 7  ? -1.404  -9.070  6.058   1.00 10.87 ? 98  LEU A CA  1 
ATOM   41  C  C   . LEU A 1 7  ? -1.596  -9.143  4.555   1.00 10.68 ? 98  LEU A C   1 
ATOM   42  O  O   . LEU A 1 7  ? -1.687  -10.224 3.961   1.00 13.99 ? 98  LEU A O   1 
ATOM   43  C  CB  . LEU A 1 7  ? 0.008   -8.593  6.406   1.00 14.28 ? 98  LEU A CB  1 
ATOM   44  C  CG  . LEU A 1 7  ? 0.244   -8.575  7.916   1.00 16.96 ? 98  LEU A CG  1 
ATOM   45  C  CD1 . LEU A 1 7  ? 1.735   -8.714  8.217   1.00 18.40 ? 98  LEU A CD1 1 
ATOM   46  C  CD2 . LEU A 1 7  ? -0.343  -7.319  8.550   1.00 18.31 ? 98  LEU A CD2 1 
ATOM   47  N  N   . CYS A 1 8  ? -1.650  -7.978  3.933   1.00 8.69  ? 99  CYS A N   1 
ATOM   48  C  CA  . CYS A 1 8  ? -1.905  -7.939  2.505   1.00 8.95  ? 99  CYS A CA  1 
ATOM   49  C  C   . CYS A 1 8  ? -0.814  -8.627  1.696   1.00 11.89 ? 99  CYS A C   1 
ATOM   50  O  O   . CYS A 1 8  ? -1.054  -9.658  1.057   1.00 12.79 ? 99  CYS A O   1 
ATOM   51  C  CB  . CYS A 1 8  ? -2.035  -6.499  2.021   1.00 7.74  ? 99  CYS A CB  1 
ATOM   52  S  SG  . CYS A 1 8  ? -2.362  -6.524  0.258   1.00 7.92  ? 99  CYS A SG  1 
ATOM   53  N  N   . GLY A 1 9  ? 0.375   -8.034  1.693   1.00 9.80  ? 100 GLY A N   1 
ATOM   54  C  CA  . GLY A 1 9  ? 1.493   -8.569  0.932   1.00 14.48 ? 100 GLY A CA  1 
ATOM   55  C  C   . GLY A 1 9  ? 1.258   -8.739  -0.557  1.00 11.08 ? 100 GLY A C   1 
ATOM   56  O  O   . GLY A 1 9  ? 1.902   -9.597  -1.173  1.00 15.10 ? 100 GLY A O   1 
ATOM   57  N  N   . ARG A 1 10 ? 0.406   -7.929  -1.174  1.00 12.28 ? 101 ARG A N   1 
ATOM   58  C  CA  . ARG A 1 10 ? 0.192   -8.098  -2.607  1.00 12.04 ? 101 ARG A CA  1 
ATOM   59  C  C   . ARG A 1 10 ? 1.482   -7.758  -3.350  1.00 12.30 ? 101 ARG A C   1 
ATOM   60  O  O   . ARG A 1 10 ? 2.086   -6.709  -3.112  1.00 11.60 ? 101 ARG A O   1 
ATOM   61  C  CB  . ARG A 1 10 ? -0.940  -7.200  -3.103  1.00 12.34 ? 101 ARG A CB  1 
ATOM   62  C  CG  . ARG A 1 10 ? -1.335  -7.514  -4.550  1.00 15.79 ? 101 ARG A CG  1 
ATOM   63  C  CD  . ARG A 1 10 ? -2.299  -6.510  -5.143  1.00 18.68 ? 101 ARG A CD  1 
ATOM   64  N  NE  . ARG A 1 10 ? -2.737  -6.916  -6.473  1.00 16.47 ? 101 ARG A NE  1 
ATOM   65  C  CZ  . ARG A 1 10 ? -3.881  -7.530  -6.730  1.00 15.28 ? 101 ARG A CZ  1 
ATOM   66  N  NH1 . ARG A 1 10 ? -4.741  -7.811  -5.766  1.00 19.55 ? 101 ARG A NH1 1 
ATOM   67  N  NH2 . ARG A 1 10 ? -4.171  -7.861  -7.986  1.00 15.71 ? 101 ARG A NH2 1 
ATOM   68  N  N   . VAL A 1 11 ? 1.928   -8.656  -4.228  1.00 10.75 ? 102 VAL A N   1 
ATOM   69  C  CA  . VAL A 1 11 ? 3.080   -8.396  -5.091  1.00 7.86  ? 102 VAL A CA  1 
ATOM   70  C  C   . VAL A 1 11 ? 2.545   -7.906  -6.426  1.00 9.87  ? 102 VAL A C   1 
ATOM   71  O  O   . VAL A 1 11 ? 1.753   -8.597  -7.076  1.00 12.04 ? 102 VAL A O   1 
ATOM   72  C  CB  . VAL A 1 11 ? 3.941   -9.654  -5.284  1.00 10.23 ? 102 VAL A CB  1 
ATOM   73  C  CG1 . VAL A 1 11 ? 5.016   -9.408  -6.334  1.00 14.34 ? 102 VAL A CG1 1 
ATOM   74  C  CG2 . VAL A 1 11 ? 4.586   -10.052 -3.975  1.00 11.93 ? 102 VAL A CG2 1 
ATOM   75  N  N   . PHE A 1 12 ? 2.976   -6.725  -6.850  1.00 7.96  ? 103 PHE A N   1 
ATOM   76  C  CA  . PHE A 1 12 ? 2.425   -6.123  -8.057  1.00 9.52  ? 103 PHE A CA  1 
ATOM   77  C  C   . PHE A 1 12 ? 2.966   -6.779  -9.317  1.00 9.68  ? 103 PHE A C   1 
ATOM   78  O  O   . PHE A 1 12 ? 4.136   -7.155  -9.382  1.00 10.71 ? 103 PHE A O   1 
ATOM   79  C  CB  . PHE A 1 12 ? 2.739   -4.632  -8.076  1.00 8.40  ? 103 PHE A CB  1 
ATOM   80  C  CG  . PHE A 1 12 ? 2.119   -3.903  -6.944  1.00 9.39  ? 103 PHE A CG  1 
ATOM   81  C  CD1 . PHE A 1 12 ? 0.739   -3.775  -6.875  1.00 12.09 ? 103 PHE A CD1 1 
ATOM   82  C  CD2 . PHE A 1 12 ? 2.900   -3.372  -5.934  1.00 8.45  ? 103 PHE A CD2 1 
ATOM   83  C  CE1 . PHE A 1 12 ? 0.135   -3.114  -5.816  1.00 11.02 ? 103 PHE A CE1 1 
ATOM   84  C  CE2 . PHE A 1 12 ? 2.306   -2.702  -4.867  1.00 9.30  ? 103 PHE A CE2 1 
ATOM   85  C  CZ  . PHE A 1 12 ? 0.922   -2.575  -4.806  1.00 10.03 ? 103 PHE A CZ  1 
ATOM   86  N  N   . LYS A 1 13 ? 2.109   -6.893  -10.329 1.00 9.52  ? 104 LYS A N   1 
ATOM   87  C  CA  . LYS A 1 13 ? 2.528   -7.304  -11.659 1.00 9.44  ? 104 LYS A CA  1 
ATOM   88  C  C   . LYS A 1 13 ? 2.552   -6.079  -12.565 1.00 11.31 ? 104 LYS A C   1 
ATOM   89  O  O   . LYS A 1 13 ? 1.852   -5.093  -12.318 1.00 12.09 ? 104 LYS A O   1 
ATOM   90  C  CB  . LYS A 1 13 ? 1.561   -8.343  -12.235 1.00 14.32 ? 104 LYS A CB  1 
ATOM   91  C  CG  . LYS A 1 13 ? 1.527   -9.640  -11.448 1.00 19.98 ? 104 LYS A CG  1 
ATOM   92  C  CD  . LYS A 1 13 ? 1.029   -10.789 -12.294 1.00 23.13 ? 104 LYS A CD  1 
ATOM   93  C  CE  . LYS A 1 13 ? 1.164   -12.106 -11.552 1.00 25.96 ? 104 LYS A CE  1 
ATOM   94  N  NZ  . LYS A 1 13 ? 0.148   -12.264 -10.467 1.00 30.35 ? 104 LYS A NZ  1 
ATOM   95  N  N   A SER A 1 14 ? 3.356   -6.161  -13.624 0.18 11.21 ? 105 SER A N   1 
ATOM   96  N  N   B SER A 1 14 ? 3.393   -6.140  -13.598 0.82 11.08 ? 105 SER A N   1 
ATOM   97  C  CA  A SER A 1 14 ? 3.455   -5.074  -14.592 0.18 11.45 ? 105 SER A CA  1 
ATOM   98  C  CA  B SER A 1 14 ? 3.472   -5.063  -14.576 0.82 11.42 ? 105 SER A CA  1 
ATOM   99  C  C   A SER A 1 14 ? 2.074   -4.700  -15.108 0.18 10.94 ? 105 SER A C   1 
ATOM   100 C  C   B SER A 1 14 ? 2.075   -4.703  -15.068 0.82 10.86 ? 105 SER A C   1 
ATOM   101 O  O   A SER A 1 14 ? 1.294   -5.565  -15.516 0.18 11.28 ? 105 SER A O   1 
ATOM   102 O  O   B SER A 1 14 ? 1.278   -5.582  -15.402 0.82 11.23 ? 105 SER A O   1 
ATOM   103 C  CB  A SER A 1 14 ? 4.335   -5.518  -15.760 0.18 12.20 ? 105 SER A CB  1 
ATOM   104 C  CB  B SER A 1 14 ? 4.336   -5.538  -15.748 0.82 12.18 ? 105 SER A CB  1 
ATOM   105 O  OG  A SER A 1 14 ? 5.594   -5.975  -15.306 0.18 13.09 ? 105 SER A OG  1 
ATOM   106 O  OG  B SER A 1 14 ? 4.439   -4.532  -16.737 0.82 12.18 ? 105 SER A OG  1 
ATOM   107 N  N   . GLY A 1 15 ? 1.767   -3.406  -15.076 1.00 10.98 ? 106 GLY A N   1 
ATOM   108 C  CA  . GLY A 1 15 ? 0.480   -2.912  -15.501 1.00 11.44 ? 106 GLY A CA  1 
ATOM   109 C  C   . GLY A 1 15 ? -0.510  -2.646  -14.389 1.00 13.11 ? 106 GLY A C   1 
ATOM   110 O  O   . GLY A 1 15 ? -1.477  -1.919  -14.616 1.00 13.02 ? 106 GLY A O   1 
ATOM   111 N  N   . GLU A 1 16 ? -0.317  -3.233  -13.210 1.00 10.25 ? 107 GLU A N   1 
ATOM   112 C  CA  . GLU A 1 16 ? -1.182  -2.936  -12.077 1.00 11.29 ? 107 GLU A CA  1 
ATOM   113 C  C   . GLU A 1 16 ? -0.882  -1.552  -11.515 1.00 9.77  ? 107 GLU A C   1 
ATOM   114 O  O   . GLU A 1 16 ? 0.200   -0.997  -11.689 1.00 13.29 ? 107 GLU A O   1 
ATOM   115 C  CB  . GLU A 1 16 ? -1.014  -3.982  -10.980 1.00 10.17 ? 107 GLU A CB  1 
ATOM   116 C  CG  . GLU A 1 16 ? -1.559  -5.340  -11.391 1.00 14.09 ? 107 GLU A CG  1 
ATOM   117 C  CD  . GLU A 1 16 ? -1.584  -6.327  -10.250 1.00 22.19 ? 107 GLU A CD  1 
ATOM   118 O  OE1 . GLU A 1 16 ? -0.647  -6.302  -9.426  1.00 17.08 ? 107 GLU A OE1 1 
ATOM   119 O  OE2 . GLU A 1 16 ? -2.548  -7.128  -10.185 1.00 25.39 ? 107 GLU A OE2 1 
ATOM   120 N  N   . THR A 1 17 ? -1.864  -0.990  -10.837 1.00 10.34 ? 108 THR A N   1 
ATOM   121 C  CA  . THR A 1 17 ? -1.763  0.371   -10.326 1.00 11.21 ? 108 THR A CA  1 
ATOM   122 C  C   . THR A 1 17 ? -1.406  0.355   -8.845  1.00 10.41 ? 108 THR A C   1 
ATOM   123 O  O   . THR A 1 17 ? -2.071  -0.313  -8.049  1.00 13.56 ? 108 THR A O   1 
ATOM   124 C  CB  . THR A 1 17 ? -3.073  1.136   -10.527 1.00 14.86 ? 108 THR A CB  1 
ATOM   125 O  OG1 . THR A 1 17 ? -3.452  1.096   -11.909 1.00 15.23 ? 108 THR A OG1 1 
ATOM   126 C  CG2 . THR A 1 17 ? -2.899  2.597   -10.103 1.00 19.13 ? 108 THR A CG2 1 
ATOM   127 N  N   . THR A 1 18 ? -0.355  1.084   -8.484  1.00 10.56 ? 109 THR A N   1 
ATOM   128 C  CA  . THR A 1 18 ? 0.011   1.287   -7.087  1.00 10.23 ? 109 THR A CA  1 
ATOM   129 C  C   . THR A 1 18 ? -0.448  2.672   -6.631  1.00 8.05  ? 109 THR A C   1 
ATOM   130 O  O   . THR A 1 18 ? -0.633  3.581   -7.443  1.00 8.88  ? 109 THR A O   1 
ATOM   131 C  CB  . THR A 1 18 ? 1.522   1.124   -6.880  1.00 8.77  ? 109 THR A CB  1 
ATOM   132 O  OG1 . THR A 1 18 ? 2.221   2.262   -7.388  1.00 9.46  ? 109 THR A OG1 1 
ATOM   133 C  CG2 . THR A 1 18 ? 2.045   -0.149  -7.548  1.00 11.97 ? 109 THR A CG2 1 
ATOM   134 N  N   . TYR A 1 19 ? -0.590  2.833   -5.322  1.00 6.37  ? 110 TYR A N   1 
ATOM   135 C  CA  . TYR A 1 19 ? -1.037  4.084   -4.735  1.00 5.96  ? 110 TYR A CA  1 
ATOM   136 C  C   . TYR A 1 19 ? -0.109  4.452   -3.602  1.00 8.21  ? 110 TYR A C   1 
ATOM   137 O  O   . TYR A 1 19 ? 0.242   3.604   -2.786  1.00 11.73 ? 110 TYR A O   1 
ATOM   138 C  CB  . TYR A 1 19 ? -2.447  3.921   -4.154  1.00 9.28  ? 110 TYR A CB  1 
ATOM   139 C  CG  . TYR A 1 19 ? -3.507  3.788   -5.213  1.00 9.56  ? 110 TYR A CG  1 
ATOM   140 C  CD1 . TYR A 1 19 ? -3.718  2.592   -5.871  1.00 10.56 ? 110 TYR A CD1 1 
ATOM   141 C  CD2 . TYR A 1 19 ? -4.293  4.874   -5.558  1.00 12.41 ? 110 TYR A CD2 1 
ATOM   142 C  CE1 . TYR A 1 19 ? -4.699  2.493   -6.852  1.00 14.63 ? 110 TYR A CE1 1 
ATOM   143 C  CE2 . TYR A 1 19 ? -5.259  4.780   -6.518  1.00 14.76 ? 110 TYR A CE2 1 
ATOM   144 C  CZ  . TYR A 1 19 ? -5.453  3.600   -7.154  1.00 12.88 ? 110 TYR A CZ  1 
ATOM   145 O  OH  . TYR A 1 19 ? -6.439  3.526   -8.120  1.00 22.13 ? 110 TYR A OH  1 
ATOM   146 N  N   . SER A 1 20 ? 0.284   5.703   -3.533  1.00 7.96  ? 111 SER A N   1 
ATOM   147 C  CA  . SER A 1 20 ? 1.035   6.166   -2.383  1.00 8.85  ? 111 SER A CA  1 
ATOM   148 C  C   . SER A 1 20 ? 0.315   7.371   -1.817  1.00 8.37  ? 111 SER A C   1 
ATOM   149 O  O   . SER A 1 20 ? -0.202  8.203   -2.566  1.00 11.02 ? 111 SER A O   1 
ATOM   150 C  CB  . SER A 1 20 ? 2.467   6.525   -2.748  1.00 8.90  ? 111 SER A CB  1 
ATOM   151 O  OG  . SER A 1 20 ? 3.186   6.847   -1.568  1.00 10.05 ? 111 SER A OG  1 
ATOM   152 N  N   . CYS A 1 21 ? 0.237   7.444   -0.501  1.00 7.01  ? 112 CYS A N   1 
ATOM   153 C  CA  . CYS A 1 21 ? -0.294  8.636   0.135   1.00 6.66  ? 112 CYS A CA  1 
ATOM   154 C  C   . CYS A 1 21 ? 0.844   9.624   0.290   1.00 6.60  ? 112 CYS A C   1 
ATOM   155 O  O   . CYS A 1 21 ? 1.804   9.364   1.024   1.00 6.93  ? 112 CYS A O   1 
ATOM   156 C  CB  . CYS A 1 21 ? -0.869  8.330   1.510   1.00 6.43  ? 112 CYS A CB  1 
ATOM   157 S  SG  . CYS A 1 21 ? -1.562  9.844   2.154   1.00 6.27  ? 112 CYS A SG  1 
ATOM   158 N  N   . ARG A 1 22 ? 0.741   10.755  -0.393  1.00 7.40  ? 113 ARG A N   1 
ATOM   159 C  CA  . ARG A 1 22 ? 1.803   11.743  -0.285  1.00 7.76  ? 113 ARG A CA  1 
ATOM   160 C  C   . ARG A 1 22 ? 1.812   12.422  1.073   1.00 9.07  ? 113 ARG A C   1 
ATOM   161 O  O   . ARG A 1 22 ? 2.862   12.900  1.504   1.00 9.61  ? 113 ARG A O   1 
ATOM   162 C  CB  . ARG A 1 22 ? 1.667   12.758  -1.412  1.00 12.14 ? 113 ARG A CB  1 
ATOM   163 C  CG  . ARG A 1 22 ? 1.646   12.030  -2.740  1.00 15.14 ? 113 ARG A CG  1 
ATOM   164 C  CD  . ARG A 1 22 ? 1.651   12.953  -3.895  1.00 17.44 ? 113 ARG A CD  1 
ATOM   165 N  NE  . ARG A 1 22 ? 2.802   13.838  -3.839  1.00 18.31 ? 113 ARG A NE  1 
ATOM   166 C  CZ  . ARG A 1 22 ? 3.049   14.760  -4.752  1.00 13.78 ? 113 ARG A CZ  1 
ATOM   167 N  NH1 . ARG A 1 22 ? 2.232   14.941  -5.777  1.00 18.32 ? 113 ARG A NH1 1 
ATOM   168 N  NH2 . ARG A 1 22 ? 4.133   15.525  -4.624  1.00 15.52 ? 113 ARG A NH2 1 
ATOM   169 N  N   . ASP A 1 23 ? 0.674   12.467  1.762   1.00 7.68  ? 114 ASP A N   1 
ATOM   170 C  CA  . ASP A 1 23 ? 0.637   13.051  3.094   1.00 9.01  ? 114 ASP A CA  1 
ATOM   171 C  C   . ASP A 1 23 ? 1.252   12.142  4.145   1.00 7.97  ? 114 ASP A C   1 
ATOM   172 O  O   . ASP A 1 23 ? 1.819   12.636  5.123   1.00 10.01 ? 114 ASP A O   1 
ATOM   173 C  CB  . ASP A 1 23 ? -0.804  13.384  3.495   1.00 8.75  ? 114 ASP A CB  1 
ATOM   174 C  CG  . ASP A 1 23 ? -1.439  14.419  2.596   1.00 8.61  ? 114 ASP A CG  1 
ATOM   175 O  OD1 . ASP A 1 23 ? -0.709  15.320  2.134   1.00 11.04 ? 114 ASP A OD1 1 
ATOM   176 O  OD2 . ASP A 1 23 ? -2.652  14.308  2.348   1.00 9.90  ? 114 ASP A OD2 1 
ATOM   177 N  N   . CYS A 1 24 ? 1.134   10.821  3.994   1.00 6.14  ? 115 CYS A N   1 
ATOM   178 C  CA  . CYS A 1 24 ? 1.515   9.924   5.075   1.00 6.16  ? 115 CYS A CA  1 
ATOM   179 C  C   . CYS A 1 24 ? 2.708   9.036   4.774   1.00 7.68  ? 115 CYS A C   1 
ATOM   180 O  O   . CYS A 1 24 ? 3.263   8.465   5.711   1.00 8.15  ? 115 CYS A O   1 
ATOM   181 C  CB  . CYS A 1 24 ? 0.332   9.024   5.464   1.00 6.57  ? 115 CYS A CB  1 
ATOM   182 S  SG  . CYS A 1 24 ? -1.140  9.932   5.972   1.00 7.40  ? 115 CYS A SG  1 
ATOM   183 N  N   . ALA A 1 25 ? 3.095   8.881   3.512   1.00 6.99  ? 116 ALA A N   1 
ATOM   184 C  CA  . ALA A 1 25 ? 4.212   7.999   3.195   1.00 7.08  ? 116 ALA A CA  1 
ATOM   185 C  C   . ALA A 1 25 ? 5.485   8.514   3.843   1.00 7.35  ? 116 ALA A C   1 
ATOM   186 O  O   . ALA A 1 25 ? 5.801   9.708   3.766   1.00 10.06 ? 116 ALA A O   1 
ATOM   187 C  CB  . ALA A 1 25 ? 4.420   7.960   1.689   1.00 8.54  ? 116 ALA A CB  1 
ATOM   188 N  N   . ILE A 1 26 ? 6.231   7.615   4.478   1.00 7.19  ? 117 ILE A N   1 
ATOM   189 C  CA  . ILE A 1 26 ? 7.527   8.003   5.017   1.00 9.21  ? 117 ILE A CA  1 
ATOM   190 C  C   . ILE A 1 26 ? 8.496   8.353   3.889   1.00 10.23 ? 117 ILE A C   1 
ATOM   191 O  O   . ILE A 1 26 ? 9.308   9.277   4.015   1.00 11.97 ? 117 ILE A O   1 
ATOM   192 C  CB  . ILE A 1 26 ? 8.053   6.891   5.942   1.00 11.15 ? 117 ILE A CB  1 
ATOM   193 C  CG1 . ILE A 1 26 ? 7.202   6.836   7.209   1.00 15.85 ? 117 ILE A CG1 1 
ATOM   194 C  CG2 . ILE A 1 26 ? 9.519   7.106   6.293   1.00 16.06 ? 117 ILE A CG2 1 
ATOM   195 C  CD1 . ILE A 1 26 ? 7.341   8.074   8.065   1.00 18.01 ? 117 ILE A CD1 1 
ATOM   196 N  N   . ASP A 1 27 ? 8.446   7.626   2.784   1.00 9.01  ? 118 ASP A N   1 
ATOM   197 C  CA  . ASP A 1 27 ? 9.247   7.956   1.612   1.00 12.94 ? 118 ASP A CA  1 
ATOM   198 C  C   . ASP A 1 27 ? 8.477   7.494   0.388   1.00 10.41 ? 118 ASP A C   1 
ATOM   199 O  O   . ASP A 1 27 ? 7.436   6.832   0.513   1.00 9.40  ? 118 ASP A O   1 
ATOM   200 C  CB  . ASP A 1 27 ? 10.659  7.344   1.696   1.00 13.56 ? 118 ASP A CB  1 
ATOM   201 C  CG  . ASP A 1 27 ? 10.652  5.835   1.637   1.00 12.94 ? 118 ASP A CG  1 
ATOM   202 O  OD1 . ASP A 1 27 ? 10.034  5.272   0.725   1.00 13.27 ? 118 ASP A OD1 1 
ATOM   203 O  OD2 . ASP A 1 27 ? 11.289  5.215   2.496   1.00 17.14 ? 118 ASP A OD2 1 
ATOM   204 N  N   . PRO A 1 28 ? 8.925   7.864   -0.820  1.00 14.20 ? 119 PRO A N   1 
ATOM   205 C  CA  . PRO A 1 28 ? 8.107   7.576   -2.008  1.00 14.54 ? 119 PRO A CA  1 
ATOM   206 C  C   . PRO A 1 28 ? 7.976   6.098   -2.332  1.00 9.02  ? 119 PRO A C   1 
ATOM   207 O  O   . PRO A 1 28 ? 7.110   5.741   -3.143  1.00 12.88 ? 119 PRO A O   1 
ATOM   208 C  CB  . PRO A 1 28 ? 8.832   8.325   -3.136  1.00 18.32 ? 119 PRO A CB  1 
ATOM   209 C  CG  . PRO A 1 28 ? 9.614   9.355   -2.456  1.00 19.79 ? 119 PRO A CG  1 
ATOM   210 C  CD  . PRO A 1 28 ? 10.037  8.774   -1.153  1.00 17.93 ? 119 PRO A CD  1 
ATOM   211 N  N   . THR A 1 29 ? 8.805   5.243   -1.737  1.00 9.78  ? 120 THR A N   1 
ATOM   212 C  CA  . THR A 1 29 ? 8.693   3.810   -2.002  1.00 7.19  ? 120 THR A CA  1 
ATOM   213 C  C   . THR A 1 29 ? 7.574   3.142   -1.219  1.00 8.17  ? 120 THR A C   1 
ATOM   214 O  O   . THR A 1 29 ? 7.325   1.953   -1.440  1.00 7.03  ? 120 THR A O   1 
ATOM   215 C  CB  . THR A 1 29 ? 10.005  3.070   -1.718  1.00 8.26  ? 120 THR A CB  1 
ATOM   216 O  OG1 . THR A 1 29 ? 10.165  2.891   -0.316  1.00 9.37  ? 120 THR A OG1 1 
ATOM   217 C  CG2 . THR A 1 29 ? 11.211  3.823   -2.280  1.00 10.71 ? 120 THR A CG2 1 
ATOM   218 N  N   . CYS A 1 30 ? 6.905   3.868   -0.323  1.00 5.92  ? 121 CYS A N   1 
ATOM   219 C  CA  . CYS A 1 30 ? 5.802   3.319   0.456   1.00 6.24  ? 121 CYS A CA  1 
ATOM   220 C  C   . CYS A 1 30 ? 4.543   3.356   -0.389  1.00 6.67  ? 121 CYS A C   1 
ATOM   221 O  O   . CYS A 1 30 ? 4.121   4.428   -0.838  1.00 7.40  ? 121 CYS A O   1 
ATOM   222 C  CB  . CYS A 1 30 ? 5.629   4.136   1.732   1.00 5.88  ? 121 CYS A CB  1 
ATOM   223 S  SG  . CYS A 1 30 ? 7.103   4.099   2.774   1.00 7.57  ? 121 CYS A SG  1 
ATOM   224 N  N   A VAL A 1 31 ? 3.932   2.193   -0.603  0.00 5.35  ? 122 VAL A N   1 
ATOM   225 N  N   B VAL A 1 31 ? 3.944   2.192   -0.622  1.00 5.06  ? 122 VAL A N   1 
ATOM   226 C  CA  A VAL A 1 31 ? 2.870   2.060   -1.586  0.00 5.14  ? 122 VAL A CA  1 
ATOM   227 C  CA  B VAL A 1 31 ? 2.855   2.061   -1.583  1.00 4.87  ? 122 VAL A CA  1 
ATOM   228 C  C   A VAL A 1 31 ? 1.808   1.098   -1.069  0.00 5.61  ? 122 VAL A C   1 
ATOM   229 C  C   B VAL A 1 31 ? 1.796   1.123   -1.036  1.00 5.52  ? 122 VAL A C   1 
ATOM   230 O  O   A VAL A 1 31 ? 2.061   0.258   -0.204  0.00 6.07  ? 122 VAL A O   1 
ATOM   231 O  O   B VAL A 1 31 ? 2.044   0.310   -0.149  1.00 6.46  ? 122 VAL A O   1 
ATOM   232 C  CB  A VAL A 1 31 ? 3.438   1.614   -2.953  0.00 6.41  ? 122 VAL A CB  1 
ATOM   233 C  CB  B VAL A 1 31 ? 3.333   1.550   -2.962  1.00 6.36  ? 122 VAL A CB  1 
ATOM   234 C  CG1 A VAL A 1 31 ? 3.122   0.152   -3.232  0.00 6.78  ? 122 VAL A CG1 1 
ATOM   235 C  CG1 B VAL A 1 31 ? 4.195   2.599   -3.668  1.00 9.56  ? 122 VAL A CG1 1 
ATOM   236 C  CG2 A VAL A 1 31 ? 2.943   2.525   -4.057  0.00 7.32  ? 122 VAL A CG2 1 
ATOM   237 C  CG2 B VAL A 1 31 ? 4.087   0.210   -2.817  1.00 7.84  ? 122 VAL A CG2 1 
ATOM   238 N  N   . LEU A 1 32 ? 0.598   1.250   -1.599  1.00 5.23  ? 123 LEU A N   1 
ATOM   239 C  CA  . LEU A 1 32 ? -0.529  0.408   -1.255  1.00 5.78  ? 123 LEU A CA  1 
ATOM   240 C  C   . LEU A 1 32 ? -1.139  -0.133  -2.532  1.00 5.85  ? 123 LEU A C   1 
ATOM   241 O  O   . LEU A 1 32 ? -1.155  0.543   -3.566  1.00 6.09  ? 123 LEU A O   1 
ATOM   242 C  CB  . LEU A 1 32 ? -1.594  1.237   -0.542  1.00 6.93  ? 123 LEU A CB  1 
ATOM   243 C  CG  . LEU A 1 32 ? -1.243  1.770   0.862   1.00 5.80  ? 123 LEU A CG  1 
ATOM   244 C  CD1 . LEU A 1 32 ? -2.333  2.733   1.342   1.00 9.76  ? 123 LEU A CD1 1 
ATOM   245 C  CD2 . LEU A 1 32 ? -1.031  0.654   1.873   1.00 8.00  ? 123 LEU A CD2 1 
ATOM   246 N  N   . CYS A 1 33 ? -1.663  -1.354  -2.449  1.00 5.32  ? 124 CYS A N   1 
ATOM   247 C  CA  . CYS A 1 33 ? -2.496  -1.836  -3.536  1.00 5.74  ? 124 CYS A CA  1 
ATOM   248 C  C   . CYS A 1 33 ? -3.819  -1.075  -3.534  1.00 6.16  ? 124 CYS A C   1 
ATOM   249 O  O   . CYS A 1 33 ? -4.153  -0.351  -2.593  1.00 6.04  ? 124 CYS A O   1 
ATOM   250 C  CB  . CYS A 1 33 ? -2.739  -3.344  -3.415  1.00 7.75  ? 124 CYS A CB  1 
ATOM   251 S  SG  . CYS A 1 33 ? -3.844  -3.824  -2.029  1.00 6.20  ? 124 CYS A SG  1 
ATOM   252 N  N   . MET A 1 34 ? -4.558  -1.205  -4.635  1.00 7.26  ? 125 MET A N   1 
ATOM   253 C  CA  . MET A 1 34 ? -5.800  -0.459  -4.785  1.00 7.73  ? 125 MET A CA  1 
ATOM   254 C  C   . MET A 1 34 ? -6.788  -0.782  -3.671  1.00 5.74  ? 125 MET A C   1 
ATOM   255 O  O   . MET A 1 34 ? -7.428  0.123   -3.126  1.00 6.58  ? 125 MET A O   1 
ATOM   256 C  CB  . MET A 1 34 ? -6.430  -0.744  -6.148  1.00 10.50 ? 125 MET A CB  1 
ATOM   257 C  CG  . MET A 1 34 ? -7.662  0.107   -6.419  1.00 9.27  ? 125 MET A CG  1 
ATOM   258 S  SD  . MET A 1 34 ? -8.502  -0.367  -7.934  1.00 18.22 ? 125 MET A SD  1 
ATOM   259 C  CE  . MET A 1 34 ? -9.063  -1.993  -7.486  1.00 22.38 ? 125 MET A CE  1 
ATOM   260 N  N   . ASP A 1 35 ? -6.944  -2.068  -3.334  1.00 6.33  ? 126 ASP A N   1 
ATOM   261 C  CA  . ASP A 1 35 ? -7.918  -2.442  -2.308  1.00 8.71  ? 126 ASP A CA  1 
ATOM   262 C  C   . ASP A 1 35 ? -7.551  -1.849  -0.959  1.00 6.98  ? 126 ASP A C   1 
ATOM   263 O  O   . ASP A 1 35 ? -8.403  -1.275  -0.277  1.00 7.77  ? 126 ASP A O   1 
ATOM   264 C  CB  . ASP A 1 35 ? -8.022  -3.959  -2.180  1.00 9.92  ? 126 ASP A CB  1 
ATOM   265 C  CG  . ASP A 1 35 ? -8.604  -4.613  -3.400  1.00 15.93 ? 126 ASP A CG  1 
ATOM   266 O  OD1 . ASP A 1 35 ? -9.410  -3.973  -4.100  1.00 19.15 ? 126 ASP A OD1 1 
ATOM   267 O  OD2 . ASP A 1 35 ? -8.249  -5.778  -3.652  1.00 22.80 ? 126 ASP A OD2 1 
ATOM   268 N  N   . CYS A 1 36 ? -6.283  -1.968  -0.558  1.00 6.46  ? 127 CYS A N   1 
ATOM   269 C  CA  . CYS A 1 36 ? -5.888  -1.399  0.726   1.00 6.32  ? 127 CYS A CA  1 
ATOM   270 C  C   . CYS A 1 36 ? -6.023  0.114   0.719   1.00 6.19  ? 127 CYS A C   1 
ATOM   271 O  O   . CYS A 1 36 ? -6.487  0.700   1.705   1.00 7.01  ? 127 CYS A O   1 
ATOM   272 C  CB  . CYS A 1 36 ? -4.475  -1.838  1.100   1.00 5.79  ? 127 CYS A CB  1 
ATOM   273 S  SG  . CYS A 1 36 ? -4.374  -3.620  1.436   1.00 6.35  ? 127 CYS A SG  1 
ATOM   274 N  N   . PHE A 1 37 ? -5.653  0.766   -0.382  1.00 5.27  ? 128 PHE A N   1 
ATOM   275 C  CA  . PHE A 1 37 ? -5.826  2.211   -0.476  1.00 5.69  ? 128 PHE A CA  1 
ATOM   276 C  C   . PHE A 1 37 ? -7.285  2.594   -0.269  1.00 6.49  ? 128 PHE A C   1 
ATOM   277 O  O   . PHE A 1 37 ? -7.606  3.467   0.545   1.00 6.05  ? 128 PHE A O   1 
ATOM   278 C  CB  . PHE A 1 37 ? -5.344  2.690   -1.845  1.00 7.66  ? 128 PHE A CB  1 
ATOM   279 C  CG  . PHE A 1 37 ? -5.547  4.151   -2.073  1.00 8.14  ? 128 PHE A CG  1 
ATOM   280 C  CD1 . PHE A 1 37 ? -4.752  5.085   -1.428  1.00 8.07  ? 128 PHE A CD1 1 
ATOM   281 C  CD2 . PHE A 1 37 ? -6.532  4.595   -2.930  1.00 9.66  ? 128 PHE A CD2 1 
ATOM   282 C  CE1 . PHE A 1 37 ? -4.938  6.445   -1.642  1.00 10.56 ? 128 PHE A CE1 1 
ATOM   283 C  CE2 . PHE A 1 37 ? -6.715  5.955   -3.137  1.00 11.39 ? 128 PHE A CE2 1 
ATOM   284 C  CZ  . PHE A 1 37 ? -5.914  6.863   -2.496  1.00 11.98 ? 128 PHE A CZ  1 
ATOM   285 N  N   . GLN A 1 38 ? -8.186  1.955   -1.018  1.00 6.69  ? 129 GLN A N   1 
ATOM   286 C  CA  . GLN A 1 38 ? -9.598  2.295   -0.961  1.00 6.28  ? 129 GLN A CA  1 
ATOM   287 C  C   . GLN A 1 38 ? -10.228 1.914   0.367   1.00 6.27  ? 129 GLN A C   1 
ATOM   288 O  O   . GLN A 1 38 ? -11.269 2.482   0.720   1.00 9.14  ? 129 GLN A O   1 
ATOM   289 C  CB  . GLN A 1 38 ? -10.347 1.641   -2.123  1.00 9.25  ? 129 GLN A CB  1 
ATOM   290 C  CG  . GLN A 1 38 ? -10.033 2.216   -3.501  1.00 13.83 ? 129 GLN A CG  1 
ATOM   291 C  CD  . GLN A 1 38 ? -10.774 1.459   -4.622  1.00 22.17 ? 129 GLN A CD  1 
ATOM   292 O  OE1 . GLN A 1 38 ? -11.423 0.451   -4.371  1.00 27.89 ? 129 GLN A OE1 1 
ATOM   293 N  NE2 . GLN A 1 38 ? -10.695 1.964   -5.846  1.00 26.24 ? 129 GLN A NE2 1 
ATOM   294 N  N   . ASP A 1 39 ? -9.623  0.999   1.121   1.00 5.73  ? 130 ASP A N   1 
ATOM   295 C  CA  . ASP A 1 39 ? -10.113 0.593   2.434   1.00 6.50  ? 130 ASP A CA  1 
ATOM   296 C  C   . ASP A 1 39 ? -9.402  1.314   3.562   1.00 5.08  ? 130 ASP A C   1 
ATOM   297 O  O   . ASP A 1 39 ? -9.524  0.911   4.726   1.00 5.83  ? 130 ASP A O   1 
ATOM   298 C  CB  . ASP A 1 39 ? -9.968  -0.921  2.603   1.00 7.78  ? 130 ASP A CB  1 
ATOM   299 C  CG  . ASP A 1 39 ? -11.029 -1.695  1.857   1.00 13.36 ? 130 ASP A CG  1 
ATOM   300 O  OD1 . ASP A 1 39 ? -12.123 -1.145  1.608   1.00 16.67 ? 130 ASP A OD1 1 
ATOM   301 O  OD2 . ASP A 1 39 ? -10.770 -2.864  1.506   1.00 17.84 ? 130 ASP A OD2 1 
ATOM   302 N  N   . SER A 1 40 ? -8.648  2.360   3.243   1.00 5.33  ? 131 SER A N   1 
ATOM   303 C  CA  . SER A 1 40 ? -7.826  3.056   4.217   1.00 5.74  ? 131 SER A CA  1 
ATOM   304 C  C   . SER A 1 40 ? -8.217  4.525   4.270   1.00 5.45  ? 131 SER A C   1 
ATOM   305 O  O   . SER A 1 40 ? -8.867  5.057   3.370   1.00 5.93  ? 131 SER A O   1 
ATOM   306 C  CB  . SER A 1 40 ? -6.334  2.950   3.871   1.00 5.21  ? 131 SER A CB  1 
ATOM   307 O  OG  . SER A 1 40 ? -5.986  3.870   2.850   1.00 6.31  ? 131 SER A OG  1 
ATOM   308 N  N   . VAL A 1 41 ? -7.688  5.212   5.285   1.00 4.68  ? 132 VAL A N   1 
ATOM   309 C  CA  . VAL A 1 41 ? -7.932  6.636   5.434   1.00 5.73  ? 132 VAL A CA  1 
ATOM   310 C  C   . VAL A 1 41 ? -7.316  7.425   4.290   1.00 5.50  ? 132 VAL A C   1 
ATOM   311 O  O   . VAL A 1 41 ? -7.739  8.547   3.998   1.00 6.41  ? 132 VAL A O   1 
ATOM   312 C  CB  . VAL A 1 41 ? -7.387  7.125   6.796   1.00 5.37  ? 132 VAL A CB  1 
ATOM   313 C  CG1 . VAL A 1 41 ? -5.844  7.085   6.810   1.00 6.80  ? 132 VAL A CG1 1 
ATOM   314 C  CG2 . VAL A 1 41 ? -7.902  8.529   7.112   1.00 7.04  ? 132 VAL A CG2 1 
ATOM   315 N  N   . HIS A 1 42 ? -6.316  6.852   3.621   1.00 5.18  ? 133 HIS A N   1 
ATOM   316 C  CA  . HIS A 1 42 ? -5.534  7.601   2.646   1.00 5.40  ? 133 HIS A CA  1 
ATOM   317 C  C   . HIS A 1 42 ? -6.309  7.858   1.376   1.00 5.88  ? 133 HIS A C   1 
ATOM   318 O  O   . HIS A 1 42 ? -5.902  8.728   0.604   1.00 6.10  ? 133 HIS A O   1 
ATOM   319 C  CB  . HIS A 1 42 ? -4.214  6.879   2.363   1.00 4.63  ? 133 HIS A CB  1 
ATOM   320 C  CG  . HIS A 1 42 ? -3.501  6.491   3.610   1.00 4.92  ? 133 HIS A CG  1 
ATOM   321 N  ND1 . HIS A 1 42 ? -2.907  7.420   4.436   1.00 4.80  ? 133 HIS A ND1 1 
ATOM   322 C  CD2 . HIS A 1 42 ? -3.385  5.295   4.231   1.00 5.21  ? 133 HIS A CD2 1 
ATOM   323 C  CE1 . HIS A 1 42 ? -2.416  6.801   5.497   1.00 6.97  ? 133 HIS A CE1 1 
ATOM   324 N  NE2 . HIS A 1 42 ? -2.692  5.511   5.396   1.00 6.37  ? 133 HIS A NE2 1 
ATOM   325 N  N   . LYS A 1 43 ? -7.449  7.179   1.186   1.00 6.31  ? 134 LYS A N   1 
ATOM   326 C  CA  . LYS A 1 43 ? -8.334  7.516   0.078   1.00 6.79  ? 134 LYS A CA  1 
ATOM   327 C  C   . LYS A 1 43 ? -8.802  8.962   0.167   1.00 8.68  ? 134 LYS A C   1 
ATOM   328 O  O   . LYS A 1 43 ? -9.240  9.522   -0.841  1.00 10.49 ? 134 LYS A O   1 
ATOM   329 C  CB  . LYS A 1 43 ? -9.535  6.575   0.101   1.00 7.94  ? 134 LYS A CB  1 
ATOM   330 C  CG  . LYS A 1 43 ? -10.506 6.873   1.239   1.00 7.62  ? 134 LYS A CG  1 
ATOM   331 C  CD  . LYS A 1 43 ? -11.642 5.864   1.289   1.00 7.72  ? 134 LYS A CD  1 
ATOM   332 C  CE  . LYS A 1 43 ? -12.670 6.300   2.322   1.00 8.98  ? 134 LYS A CE  1 
ATOM   333 N  NZ  . LYS A 1 43 ? -13.879 5.431   2.273   1.00 8.35  ? 134 LYS A NZ  1 
ATOM   334 N  N   . ASN A 1 44 ? -8.698  9.582   1.341   1.00 6.95  ? 135 ASN A N   1 
ATOM   335 C  CA  . ASN A 1 44 ? -9.128  10.956  1.555   1.00 9.12  ? 135 ASN A CA  1 
ATOM   336 C  C   . ASN A 1 44 ? -7.963  11.931  1.573   1.00 8.78  ? 135 ASN A C   1 
ATOM   337 O  O   . ASN A 1 44 ? -8.158  13.110  1.891   1.00 12.57 ? 135 ASN A O   1 
ATOM   338 C  CB  . ASN A 1 44 ? -9.923  11.063  2.866   1.00 11.73 ? 135 ASN A CB  1 
ATOM   339 C  CG  . ASN A 1 44 ? -11.301 10.412  2.777   1.00 13.82 ? 135 ASN A CG  1 
ATOM   340 O  OD1 . ASN A 1 44 ? -11.777 10.090  1.692   1.00 13.12 ? 135 ASN A OD1 1 
ATOM   341 N  ND2 . ASN A 1 44 ? -11.943 10.228  3.927   1.00 14.21 ? 135 ASN A ND2 1 
ATOM   342 N  N   . HIS A 1 45 ? -6.754  11.475  1.258   1.00 8.43  ? 136 HIS A N   1 
ATOM   343 C  CA  . HIS A 1 45 ? -5.551  12.287  1.354   1.00 6.94  ? 136 HIS A CA  1 
ATOM   344 C  C   . HIS A 1 45 ? -5.014  12.618  -0.031  1.00 6.87  ? 136 HIS A C   1 
ATOM   345 O  O   . HIS A 1 45 ? -5.494  12.123  -1.043  1.00 8.89  ? 136 HIS A O   1 
ATOM   346 C  CB  . HIS A 1 45 ? -4.506  11.528  2.168   1.00 7.19  ? 136 HIS A CB  1 
ATOM   347 C  CG  . HIS A 1 45 ? -4.879  11.378  3.601   1.00 6.10  ? 136 HIS A CG  1 
ATOM   348 N  ND1 . HIS A 1 45 ? -4.187  10.566  4.474   1.00 8.23  ? 136 HIS A ND1 1 
ATOM   349 C  CD2 . HIS A 1 45 ? -5.863  11.962  4.326   1.00 7.22  ? 136 HIS A CD2 1 
ATOM   350 C  CE1 . HIS A 1 45 ? -4.735  10.654  5.674   1.00 8.32  ? 136 HIS A CE1 1 
ATOM   351 N  NE2 . HIS A 1 45 ? -5.755  11.492  5.609   1.00 7.42  ? 136 HIS A NE2 1 
ATOM   352 N  N   . ARG A 1 46 ? -3.979  13.443  -0.067  1.00 6.87  ? 137 ARG A N   1 
ATOM   353 C  CA  . ARG A 1 46 ? -3.268  13.678  -1.313  1.00 7.28  ? 137 ARG A CA  1 
ATOM   354 C  C   . ARG A 1 46 ? -2.515  12.409  -1.677  1.00 7.00  ? 137 ARG A C   1 
ATOM   355 O  O   . ARG A 1 46 ? -1.749  11.899  -0.864  1.00 8.79  ? 137 ARG A O   1 
ATOM   356 C  CB  . ARG A 1 46 ? -2.278  14.817  -1.105  1.00 8.29  ? 137 ARG A CB  1 
ATOM   357 C  CG  . ARG A 1 46 ? -1.526  15.267  -2.344  1.00 9.66  ? 137 ARG A CG  1 
ATOM   358 C  CD  . ARG A 1 46 ? -0.458  16.247  -1.936  1.00 12.98 ? 137 ARG A CD  1 
ATOM   359 N  NE  . ARG A 1 46 ? 0.258   16.805  -3.072  1.00 10.72 ? 137 ARG A NE  1 
ATOM   360 C  CZ  . ARG A 1 46 ? 1.464   17.341  -2.982  1.00 10.85 ? 137 ARG A CZ  1 
ATOM   361 N  NH1 . ARG A 1 46 ? 2.153   17.293  -1.858  1.00 12.69 ? 137 ARG A NH1 1 
ATOM   362 N  NH2 . ARG A 1 46 ? 1.989   17.933  -4.050  1.00 14.12 ? 137 ARG A NH2 1 
ATOM   363 N  N   . TYR A 1 47 ? -2.731  11.899  -2.883  1.00 7.00  ? 138 TYR A N   1 
ATOM   364 C  CA  . TYR A 1 47 ? -2.177  10.606  -3.266  1.00 6.79  ? 138 TYR A CA  1 
ATOM   365 C  C   . TYR A 1 47 ? -1.590  10.661  -4.665  1.00 8.60  ? 138 TYR A C   1 
ATOM   366 O  O   . TYR A 1 47 ? -1.885  11.552  -5.464  1.00 9.14  ? 138 TYR A O   1 
ATOM   367 C  CB  . TYR A 1 47 ? -3.220  9.477   -3.161  1.00 7.25  ? 138 TYR A CB  1 
ATOM   368 C  CG  . TYR A 1 47 ? -4.357  9.583   -4.146  1.00 8.85  ? 138 TYR A CG  1 
ATOM   369 C  CD1 . TYR A 1 47 ? -5.420  10.434  -3.906  1.00 10.44 ? 138 TYR A CD1 1 
ATOM   370 C  CD2 . TYR A 1 47 ? -4.367  8.826   -5.314  1.00 10.52 ? 138 TYR A CD2 1 
ATOM   371 C  CE1 . TYR A 1 47 ? -6.465  10.540  -4.784  1.00 9.94  ? 138 TYR A CE1 1 
ATOM   372 C  CE2 . TYR A 1 47 ? -5.420  8.921   -6.217  1.00 9.85  ? 138 TYR A CE2 1 
ATOM   373 C  CZ  . TYR A 1 47 ? -6.460  9.799   -5.941  1.00 11.07 ? 138 TYR A CZ  1 
ATOM   374 O  OH  . TYR A 1 47 ? -7.525  9.924   -6.804  1.00 13.44 ? 138 TYR A OH  1 
ATOM   375 N  N   . LYS A 1 48 ? -0.778  9.661   -4.959  1.00 8.95  ? 139 LYS A N   1 
ATOM   376 C  CA  . LYS A 1 48 ? -0.175  9.494   -6.269  1.00 9.55  ? 139 LYS A CA  1 
ATOM   377 C  C   . LYS A 1 48 ? -0.376  8.059   -6.725  1.00 10.70 ? 139 LYS A C   1 
ATOM   378 O  O   . LYS A 1 48 ? -0.048  7.118   -5.994  1.00 10.99 ? 139 LYS A O   1 
ATOM   379 C  CB  . LYS A 1 48 ? 1.325   9.809   -6.229  1.00 12.50 ? 139 LYS A CB  1 
ATOM   380 C  CG  . LYS A 1 48 ? 1.932   9.905   -7.612  1.00 17.83 ? 139 LYS A CG  1 
ATOM   381 C  CD  . LYS A 1 48 ? 3.383   10.348  -7.571  1.00 20.88 ? 139 LYS A CD  1 
ATOM   382 C  CE  . LYS A 1 48 ? 3.853   10.702  -8.981  1.00 28.37 ? 139 LYS A CE  1 
ATOM   383 N  NZ  . LYS A 1 48 ? 5.336   10.741  -9.090  1.00 35.57 ? 139 LYS A NZ  1 
ATOM   384 N  N   . MET A 1 49 ? -0.906  7.896   -7.927  1.00 9.21  ? 140 MET A N   1 
ATOM   385 C  CA  . MET A 1 49 ? -1.012  6.587   -8.555  1.00 10.25 ? 140 MET A CA  1 
ATOM   386 C  C   . MET A 1 49 ? 0.192   6.360   -9.451  1.00 10.91 ? 140 MET A C   1 
ATOM   387 O  O   . MET A 1 49 ? 0.671   7.285   -10.107 1.00 12.87 ? 140 MET A O   1 
ATOM   388 C  CB  . MET A 1 49 ? -2.234  6.523   -9.457  1.00 15.74 ? 140 MET A CB  1 
ATOM   389 C  CG  . MET A 1 49 ? -3.532  6.714   -8.778  1.00 18.56 ? 140 MET A CG  1 
ATOM   390 S  SD  . MET A 1 49 ? -4.856  6.332   -9.944  1.00 25.65 ? 140 MET A SD  1 
ATOM   391 C  CE  . MET A 1 49 ? -4.497  7.482   -11.266 1.00 22.36 ? 140 MET A CE  1 
ATOM   392 N  N   . HIS A 1 50 ? 0.680   5.124   -9.493  1.00 9.66  ? 141 HIS A N   1 
ATOM   393 C  CA  . HIS A 1 50 ? 1.836   4.843   -10.339 1.00 9.44  ? 141 HIS A CA  1 
ATOM   394 C  C   . HIS A 1 50 ? 1.740   3.419   -10.856 1.00 11.32 ? 141 HIS A C   1 
ATOM   395 O  O   . HIS A 1 50 ? 1.692   2.464   -10.077 1.00 10.60 ? 141 HIS A O   1 
ATOM   396 C  CB  . HIS A 1 50 ? 3.146   5.082   -9.581  1.00 12.38 ? 141 HIS A CB  1 
ATOM   397 C  CG  . HIS A 1 50 ? 4.364   5.134   -10.456 1.00 12.67 ? 141 HIS A CG  1 
ATOM   398 N  ND1 . HIS A 1 50 ? 5.433   5.965   -10.185 1.00 17.21 ? 141 HIS A ND1 1 
ATOM   399 C  CD2 . HIS A 1 50 ? 4.698   4.450   -11.576 1.00 15.82 ? 141 HIS A CD2 1 
ATOM   400 C  CE1 . HIS A 1 50 ? 6.367   5.793   -11.102 1.00 17.65 ? 141 HIS A CE1 1 
ATOM   401 N  NE2 . HIS A 1 50 ? 5.950   4.875   -11.955 1.00 14.45 ? 141 HIS A NE2 1 
ATOM   402 N  N   . THR A 1 51 ? 1.705   3.288   -12.175 1.00 10.91 ? 142 THR A N   1 
ATOM   403 C  CA  . THR A 1 51 ? 1.603   1.977   -12.802 1.00 10.67 ? 142 THR A CA  1 
ATOM   404 C  C   . THR A 1 51 ? 2.852   1.159   -12.511 1.00 9.49  ? 142 THR A C   1 
ATOM   405 O  O   . THR A 1 51 ? 3.977   1.627   -12.705 1.00 12.43 ? 142 THR A O   1 
ATOM   406 C  CB  . THR A 1 51 ? 1.452   2.157   -14.308 1.00 9.97  ? 142 THR A CB  1 
ATOM   407 O  OG1 . THR A 1 51 ? 0.262   2.904   -14.581 1.00 12.53 ? 142 THR A OG1 1 
ATOM   408 C  CG2 . THR A 1 51 ? 1.368   0.805   -14.991 1.00 13.62 ? 142 THR A CG2 1 
ATOM   409 N  N   . SER A 1 52 ? 2.657   -0.065  -12.040 1.00 10.72 ? 143 SER A N   1 
ATOM   410 C  CA  . SER A 1 52 ? 3.780   -0.928  -11.714 1.00 11.33 ? 143 SER A CA  1 
ATOM   411 C  C   . SER A 1 52 ? 4.467   -1.415  -12.984 1.00 11.70 ? 143 SER A C   1 
ATOM   412 O  O   . SER A 1 52 ? 3.810   -1.718  -13.984 1.00 12.64 ? 143 SER A O   1 
ATOM   413 C  CB  . SER A 1 52 ? 3.268   -2.147  -10.951 1.00 11.68 ? 143 SER A CB  1 
ATOM   414 O  OG  . SER A 1 52 ? 4.328   -3.043  -10.679 1.00 13.77 ? 143 SER A OG  1 
ATOM   415 N  N   . THR A 1 53 ? 5.795   -1.492  -12.936 1.00 13.65 ? 144 THR A N   1 
ATOM   416 C  CA  . THR A 1 53 ? 6.562   -2.220  -13.938 1.00 17.92 ? 144 THR A CA  1 
ATOM   417 C  C   . THR A 1 53 ? 6.754   -3.677  -13.550 1.00 16.05 ? 144 THR A C   1 
ATOM   418 O  O   . THR A 1 53 ? 7.546   -4.384  -14.183 1.00 21.68 ? 144 THR A O   1 
ATOM   419 C  CB  . THR A 1 53 ? 7.923   -1.551  -14.149 1.00 20.84 ? 144 THR A CB  1 
ATOM   420 O  OG1 . THR A 1 53 ? 8.622   -1.487  -12.899 1.00 22.33 ? 144 THR A OG1 1 
ATOM   421 C  CG2 . THR A 1 53 ? 7.743   -0.149  -14.694 1.00 21.07 ? 144 THR A CG2 1 
ATOM   422 N  N   . GLY A 1 54 ? 6.049   -4.138  -12.527 1.00 17.78 ? 145 GLY A N   1 
ATOM   423 C  CA  . GLY A 1 54 ? 6.220   -5.475  -12.006 1.00 17.32 ? 145 GLY A CA  1 
ATOM   424 C  C   . GLY A 1 54 ? 7.121   -5.462  -10.792 1.00 15.24 ? 145 GLY A C   1 
ATOM   425 O  O   . GLY A 1 54 ? 8.181   -4.829  -10.801 1.00 22.71 ? 145 GLY A O   1 
ATOM   426 N  N   . GLY A 1 55 ? 6.721   -6.155  -9.745  1.00 16.70 ? 146 GLY A N   1 
ATOM   427 C  CA  . GLY A 1 55 ? 7.515   -6.175  -8.541  1.00 17.69 ? 146 GLY A CA  1 
ATOM   428 C  C   . GLY A 1 55 ? 7.064   -5.123  -7.555  1.00 16.47 ? 146 GLY A C   1 
ATOM   429 O  O   . GLY A 1 55 ? 6.102   -4.385  -7.762  1.00 21.32 ? 146 GLY A O   1 
ATOM   430 N  N   . GLY A 1 56 ? 7.777   -5.075  -6.444  1.00 12.09 ? 147 GLY A N   1 
ATOM   431 C  CA  . GLY A 1 56 ? 7.314   -4.298  -5.315  1.00 11.70 ? 147 GLY A CA  1 
ATOM   432 C  C   . GLY A 1 56 ? 6.120   -4.961  -4.659  1.00 9.20  ? 147 GLY A C   1 
ATOM   433 O  O   . GLY A 1 56 ? 5.566   -5.956  -5.163  1.00 12.70 ? 147 GLY A O   1 
ATOM   434 N  N   . PHE A 1 57 ? 5.703   -4.413  -3.527  1.00 6.10  ? 148 PHE A N   1 
ATOM   435 C  CA  . PHE A 1 57 ? 4.671   -5.061  -2.744  1.00 5.60  ? 148 PHE A CA  1 
ATOM   436 C  C   . PHE A 1 57 ? 3.945   -4.021  -1.906  1.00 4.93  ? 148 PHE A C   1 
ATOM   437 O  O   . PHE A 1 57 ? 4.484   -2.959  -1.588  1.00 4.21  ? 148 PHE A O   1 
ATOM   438 C  CB  . PHE A 1 57 ? 5.240   -6.204  -1.892  1.00 6.57  ? 148 PHE A CB  1 
ATOM   439 C  CG  . PHE A 1 57 ? 6.279   -5.774  -0.896  1.00 5.99  ? 148 PHE A CG  1 
ATOM   440 C  CD1 . PHE A 1 57 ? 7.615   -5.740  -1.241  1.00 6.73  ? 148 PHE A CD1 1 
ATOM   441 C  CD2 . PHE A 1 57 ? 5.924   -5.444  0.408   1.00 7.79  ? 148 PHE A CD2 1 
ATOM   442 C  CE1 . PHE A 1 57 ? 8.585   -5.356  -0.307  1.00 7.77  ? 148 PHE A CE1 1 
ATOM   443 C  CE2 . PHE A 1 57 ? 6.881   -5.071  1.332   1.00 7.91  ? 148 PHE A CE2 1 
ATOM   444 C  CZ  . PHE A 1 57 ? 8.206   -5.041  0.971   1.00 8.24  ? 148 PHE A CZ  1 
ATOM   445 N  N   . CYS A 1 58 ? 2.705   -4.342  -1.564  1.00 6.11  ? 149 CYS A N   1 
ATOM   446 C  CA  . CYS A 1 58 ? 1.872   -3.470  -0.752  1.00 5.03  ? 149 CYS A CA  1 
ATOM   447 C  C   . CYS A 1 58 ? 2.402   -3.351  0.676   1.00 4.51  ? 149 CYS A C   1 
ATOM   448 O  O   . CYS A 1 58 ? 2.756   -4.347  1.312   1.00 6.40  ? 149 CYS A O   1 
ATOM   449 C  CB  . CYS A 1 58 ? 0.447   -4.027  -0.729  1.00 5.74  ? 149 CYS A CB  1 
ATOM   450 S  SG  . CYS A 1 58 ? -0.700  -3.054  0.246   1.00 5.94  ? 149 CYS A SG  1 
ATOM   451 N  N   . ASP A 1 59 ? 2.419   -2.120  1.189   1.00 4.71  ? 150 ASP A N   1 
ATOM   452 C  CA  . ASP A 1 59 ? 2.917   -1.811  2.524   1.00 5.10  ? 150 ASP A CA  1 
ATOM   453 C  C   . ASP A 1 59 ? 1.818   -1.654  3.556   1.00 5.77  ? 150 ASP A C   1 
ATOM   454 O  O   . ASP A 1 59 ? 2.071   -1.100  4.628   1.00 5.10  ? 150 ASP A O   1 
ATOM   455 C  CB  . ASP A 1 59 ? 3.767   -0.549  2.495   1.00 6.15  ? 150 ASP A CB  1 
ATOM   456 C  CG  . ASP A 1 59 ? 5.022   -0.737  1.685   1.00 5.14  ? 150 ASP A CG  1 
ATOM   457 O  OD1 . ASP A 1 59 ? 5.760   -1.720  1.961   1.00 5.62  ? 150 ASP A OD1 1 
ATOM   458 O  OD2 . ASP A 1 59 ? 5.277   0.048   0.751   1.00 5.91  ? 150 ASP A OD2 1 
ATOM   459 N  N   . CYS A 1 60 ? 0.615   -2.127  3.268   1.00 5.89  ? 151 CYS A N   1 
ATOM   460 C  CA  . CYS A 1 60 ? -0.425  -2.109  4.279   1.00 5.43  ? 151 CYS A CA  1 
ATOM   461 C  C   . CYS A 1 60 ? 0.067   -2.824  5.529   1.00 6.10  ? 151 CYS A C   1 
ATOM   462 O  O   . CYS A 1 60 ? 0.599   -3.940  5.455   1.00 6.89  ? 151 CYS A O   1 
ATOM   463 C  CB  . CYS A 1 60 ? -1.664  -2.813  3.735   1.00 5.69  ? 151 CYS A CB  1 
ATOM   464 S  SG  . CYS A 1 60 ? -3.015  -2.853  4.972   1.00 6.29  ? 151 CYS A SG  1 
ATOM   465 N  N   . GLY A 1 61 ? -0.051  -2.152  6.674   1.00 6.50  ? 152 GLY A N   1 
ATOM   466 C  CA  . GLY A 1 61 ? 0.279   -2.755  7.940   1.00 7.78  ? 152 GLY A CA  1 
ATOM   467 C  C   . GLY A 1 61 ? 1.641   -2.406  8.493   1.00 9.87  ? 152 GLY A C   1 
ATOM   468 O  O   . GLY A 1 61 ? 1.930   -2.777  9.638   1.00 12.49 ? 152 GLY A O   1 
ATOM   469 N  N   . ASP A 1 62 ? 2.485   -1.694  7.750   1.00 7.65  ? 153 ASP A N   1 
ATOM   470 C  CA  . ASP A 1 62 ? 3.831   -1.379  8.227   1.00 7.00  ? 153 ASP A CA  1 
ATOM   471 C  C   . ASP A 1 62 ? 3.819   -0.002  8.881   1.00 7.22  ? 153 ASP A C   1 
ATOM   472 O  O   . ASP A 1 62 ? 3.710   1.020   8.198   1.00 8.10  ? 153 ASP A O   1 
ATOM   473 C  CB  . ASP A 1 62 ? 4.834   -1.442  7.082   1.00 7.55  ? 153 ASP A CB  1 
ATOM   474 C  CG  . ASP A 1 62 ? 6.265   -1.338  7.554   1.00 9.65  ? 153 ASP A CG  1 
ATOM   475 O  OD1 . ASP A 1 62 ? 6.486   -1.126  8.760   1.00 9.90  ? 153 ASP A OD1 1 
ATOM   476 O  OD2 . ASP A 1 62 ? 7.190   -1.470  6.731   1.00 10.61 ? 153 ASP A OD2 1 
ATOM   477 N  N   . THR A 1 63 ? 3.993   0.028   10.209  1.00 7.83  ? 154 THR A N   1 
ATOM   478 C  CA  . THR A 1 63 ? 4.043   1.301   10.919  1.00 9.90  ? 154 THR A CA  1 
ATOM   479 C  C   . THR A 1 63 ? 5.200   2.162   10.450  1.00 8.99  ? 154 THR A C   1 
ATOM   480 O  O   . THR A 1 63 ? 5.151   3.391   10.595  1.00 11.33 ? 154 THR A O   1 
ATOM   481 C  CB  . THR A 1 63 ? 4.194   1.057   12.417  1.00 9.90  ? 154 THR A CB  1 
ATOM   482 O  OG1 . THR A 1 63 ? 5.380   0.290   12.657  1.00 9.50  ? 154 THR A OG1 1 
ATOM   483 C  CG2 . THR A 1 63 ? 2.995   0.335   12.971  1.00 9.73  ? 154 THR A CG2 1 
ATOM   484 N  N   . GLU A 1 64 ? 6.259   1.555   9.929   1.00 8.46  ? 155 GLU A N   1 
ATOM   485 C  CA  . GLU A 1 64 ? 7.425   2.314   9.498   1.00 9.60  ? 155 GLU A CA  1 
ATOM   486 C  C   . GLU A 1 64 ? 7.274   2.876   8.089   1.00 10.66 ? 155 GLU A C   1 
ATOM   487 O  O   . GLU A 1 64 ? 8.155   3.607   7.624   1.00 12.10 ? 155 GLU A O   1 
ATOM   488 C  CB  . GLU A 1 64 ? 8.698   1.474   9.651   1.00 12.30 ? 155 GLU A CB  1 
ATOM   489 C  CG  . GLU A 1 64 ? 8.839   0.877   11.062  1.00 16.37 ? 155 GLU A CG  1 
ATOM   490 C  CD  . GLU A 1 64 ? 8.620   1.914   12.166  1.00 17.95 ? 155 GLU A CD  1 
ATOM   491 O  OE1 . GLU A 1 64 ? 9.498   2.782   12.342  1.00 21.59 ? 155 GLU A OE1 1 
ATOM   492 O  OE2 . GLU A 1 64 ? 7.572   1.884   12.848  1.00 17.16 ? 155 GLU A OE2 1 
ATOM   493 N  N   . ALA A 1 65 ? 6.170   2.576   7.410   1.00 8.69  ? 156 ALA A N   1 
ATOM   494 C  CA  . ALA A 1 65 ? 5.903   3.133   6.093   1.00 8.09  ? 156 ALA A CA  1 
ATOM   495 C  C   . ALA A 1 65 ? 4.949   4.316   6.111   1.00 7.36  ? 156 ALA A C   1 
ATOM   496 O  O   . ALA A 1 65 ? 4.946   5.093   5.156   1.00 7.69  ? 156 ALA A O   1 
ATOM   497 C  CB  . ALA A 1 65 ? 5.316   2.062   5.172   1.00 7.43  ? 156 ALA A CB  1 
ATOM   498 N  N   . TRP A 1 66 ? 4.137   4.463   7.158   1.00 7.03  ? 157 TRP A N   1 
ATOM   499 C  CA  . TRP A 1 66 ? 3.021   5.404   7.165   1.00 6.64  ? 157 TRP A CA  1 
ATOM   500 C  C   . TRP A 1 66 ? 3.041   6.211   8.449   1.00 8.78  ? 157 TRP A C   1 
ATOM   501 O  O   . TRP A 1 66 ? 3.090   5.641   9.543   1.00 11.51 ? 157 TRP A O   1 
ATOM   502 C  CB  . TRP A 1 66 ? 1.672   4.664   7.041   1.00 7.71  ? 157 TRP A CB  1 
ATOM   503 C  CG  . TRP A 1 66 ? 1.672   3.735   5.869   1.00 4.51  ? 157 TRP A CG  1 
ATOM   504 C  CD1 . TRP A 1 66 ? 1.717   2.367   5.898   1.00 6.21  ? 157 TRP A CD1 1 
ATOM   505 C  CD2 . TRP A 1 66 ? 1.668   4.112   4.495   1.00 5.58  ? 157 TRP A CD2 1 
ATOM   506 N  NE1 . TRP A 1 66 ? 1.744   1.875   4.619   1.00 6.41  ? 157 TRP A NE1 1 
ATOM   507 C  CE2 . TRP A 1 66 ? 1.719   2.923   3.736   1.00 5.00  ? 157 TRP A CE2 1 
ATOM   508 C  CE3 . TRP A 1 66 ? 1.645   5.342   3.828   1.00 6.48  ? 157 TRP A CE3 1 
ATOM   509 C  CZ2 . TRP A 1 66 ? 1.752   2.926   2.349   1.00 5.32  ? 157 TRP A CZ2 1 
ATOM   510 C  CZ3 . TRP A 1 66 ? 1.681   5.349   2.455   1.00 7.75  ? 157 TRP A CZ3 1 
ATOM   511 C  CH2 . TRP A 1 66 ? 1.732   4.147   1.726   1.00 6.85  ? 157 TRP A CH2 1 
ATOM   512 N  N   . LYS A 1 67 ? 2.922   7.530   8.308   1.00 7.48  ? 158 LYS A N   1 
ATOM   513 C  CA  . LYS A 1 67 ? 2.905   8.402   9.484   1.00 10.11 ? 158 LYS A CA  1 
ATOM   514 C  C   . LYS A 1 67 ? 1.636   8.217   10.298  1.00 10.32 ? 158 LYS A C   1 
ATOM   515 O  O   . LYS A 1 67 ? 1.660   8.366   11.528  1.00 13.50 ? 158 LYS A O   1 
ATOM   516 C  CB  . LYS A 1 67 ? 3.055   9.855   9.052   1.00 14.35 ? 158 LYS A CB  1 
ATOM   517 C  CG  . LYS A 1 67 ? 4.425   10.139  8.475   1.00 18.20 ? 158 LYS A CG  1 
ATOM   518 C  CD  . LYS A 1 67 ? 4.709   11.617  8.390   1.00 24.46 ? 158 LYS A CD  1 
ATOM   519 C  CE  . LYS A 1 67 ? 4.342   12.164  7.025   1.00 23.76 ? 158 LYS A CE  1 
ATOM   520 N  NZ  . LYS A 1 67 ? 5.372   11.834  6.015   1.00 25.33 ? 158 LYS A NZ  1 
ATOM   521 N  N   . THR A 1 68 ? 0.525   7.891   9.644   1.00 9.04  ? 159 THR A N   1 
ATOM   522 C  CA  . THR A 1 68 ? -0.750  7.634   10.300  1.00 10.70 ? 159 THR A CA  1 
ATOM   523 C  C   . THR A 1 68 ? -1.457  6.561   9.491   1.00 8.35  ? 159 THR A C   1 
ATOM   524 O  O   . THR A 1 68 ? -1.197  6.394   8.299   1.00 8.47  ? 159 THR A O   1 
ATOM   525 C  CB  . THR A 1 68 ? -1.666  8.890   10.367  1.00 12.37 ? 159 THR A CB  1 
ATOM   526 O  OG1 . THR A 1 68 ? -2.393  9.048   9.137   1.00 18.72 ? 159 THR A OG1 1 
ATOM   527 C  CG2 . THR A 1 68 ? -0.882  10.168  10.633  1.00 18.98 ? 159 THR A CG2 1 
ATOM   528 N  N   . GLY A 1 69 ? -2.380  5.868   10.143  1.00 9.37  ? 160 GLY A N   1 
ATOM   529 C  CA  . GLY A 1 69 ? -3.252  4.913   9.487   1.00 7.90  ? 160 GLY A CA  1 
ATOM   530 C  C   . GLY A 1 69 ? -2.540  3.845   8.673   1.00 8.07  ? 160 GLY A C   1 
ATOM   531 O  O   . GLY A 1 69 ? -2.820  3.650   7.485   1.00 9.97  ? 160 GLY A O   1 
ATOM   532 N  N   . PRO A 1 70 ? -1.625  3.098   9.294   1.00 6.52  ? 161 PRO A N   1 
ATOM   533 C  CA  . PRO A 1 70 ? -0.843  2.135   8.511   1.00 6.84  ? 161 PRO A CA  1 
ATOM   534 C  C   . PRO A 1 70 ? -1.640  0.951   7.989   1.00 7.41  ? 161 PRO A C   1 
ATOM   535 O  O   . PRO A 1 70 ? -1.175  0.313   7.041   1.00 8.77  ? 161 PRO A O   1 
ATOM   536 C  CB  . PRO A 1 70 ? 0.231   1.676   9.495   1.00 8.03  ? 161 PRO A CB  1 
ATOM   537 C  CG  . PRO A 1 70 ? -0.398  1.869   10.833  1.00 8.75  ? 161 PRO A CG  1 
ATOM   538 C  CD  . PRO A 1 70 ? -1.228  3.104   10.716  1.00 6.62  ? 161 PRO A CD  1 
ATOM   539 N  N   . PHE A 1 71 ? -2.784  0.614   8.574   1.00 8.21  ? 162 PHE A N   1 
ATOM   540 C  CA  . PHE A 1 71 ? -3.595  -0.515  8.129   1.00 8.72  ? 162 PHE A CA  1 
ATOM   541 C  C   . PHE A 1 71 ? -4.862  -0.019  7.447   1.00 8.88  ? 162 PHE A C   1 
ATOM   542 O  O   . PHE A 1 71 ? -5.509  0.918   7.922   1.00 9.11  ? 162 PHE A O   1 
ATOM   543 C  CB  . PHE A 1 71 ? -4.059  -1.376  9.317   1.00 8.84  ? 162 PHE A CB  1 
ATOM   544 C  CG  . PHE A 1 71 ? -2.997  -2.251  9.926   1.00 9.78  ? 162 PHE A CG  1 
ATOM   545 C  CD1 . PHE A 1 71 ? -2.774  -3.529  9.447   1.00 10.91 ? 162 PHE A CD1 1 
ATOM   546 C  CD2 . PHE A 1 71 ? -2.282  -1.821  11.027  1.00 11.74 ? 162 PHE A CD2 1 
ATOM   547 C  CE1 . PHE A 1 71 ? -1.823  -4.352  10.035  1.00 11.78 ? 162 PHE A CE1 1 
ATOM   548 C  CE2 . PHE A 1 71 ? -1.325  -2.631  11.613  1.00 13.38 ? 162 PHE A CE2 1 
ATOM   549 C  CZ  . PHE A 1 71 ? -1.094  -3.891  11.114  1.00 11.83 ? 162 PHE A CZ  1 
ATOM   550 N  N   . CYS A 1 72 ? -5.254  -0.681  6.366   1.00 7.02  ? 163 CYS A N   1 
ATOM   551 C  CA  . CYS A 1 72 ? -6.619  -0.549  5.891   1.00 7.12  ? 163 CYS A CA  1 
ATOM   552 C  C   . CYS A 1 72 ? -7.564  -1.279  6.844   1.00 6.52  ? 163 CYS A C   1 
ATOM   553 O  O   . CYS A 1 72 ? -7.148  -2.059  7.699   1.00 7.80  ? 163 CYS A O   1 
ATOM   554 C  CB  . CYS A 1 72 ? -6.727  -1.108  4.470   1.00 6.61  ? 163 CYS A CB  1 
ATOM   555 S  SG  . CYS A 1 72 ? -6.815  -2.918  4.360   1.00 6.48  ? 163 CYS A SG  1 
ATOM   556 N  N   . VAL A 1 73 ? -8.867  -1.057  6.669   1.00 7.76  ? 164 VAL A N   1 
ATOM   557 C  CA  . VAL A 1 73 ? -9.801  -1.594  7.656   1.00 9.04  ? 164 VAL A CA  1 
ATOM   558 C  C   . VAL A 1 73 ? -9.805  -3.119  7.647   1.00 9.87  ? 164 VAL A C   1 
ATOM   559 O  O   . VAL A 1 73 ? -9.953  -3.752  8.705   1.00 11.01 ? 164 VAL A O   1 
ATOM   560 C  CB  . VAL A 1 73 ? -11.207 -0.986  7.481   1.00 10.28 ? 164 VAL A CB  1 
ATOM   561 C  CG1 . VAL A 1 73 ? -11.857 -1.437  6.185   1.00 12.21 ? 164 VAL A CG1 1 
ATOM   562 C  CG2 . VAL A 1 73 ? -12.096 -1.360  8.667   1.00 11.22 ? 164 VAL A CG2 1 
ATOM   563 N  N   . ASN A 1 74 ? -9.619  -3.725  6.473   1.00 8.22  ? 165 ASN A N   1 
ATOM   564 C  CA  . ASN A 1 74 ? -9.639  -5.179  6.346   1.00 10.54 ? 165 ASN A CA  1 
ATOM   565 C  C   . ASN A 1 74 ? -8.499  -5.813  7.132   1.00 13.08 ? 165 ASN A C   1 
ATOM   566 O  O   . ASN A 1 74 ? -8.687  -6.823  7.814   1.00 13.05 ? 165 ASN A O   1 
ATOM   567 C  CB  . ASN A 1 74 ? -9.458  -5.560  4.878   1.00 12.79 ? 165 ASN A CB  1 
ATOM   568 C  CG  . ASN A 1 74 ? -10.732 -5.504  4.068   1.00 26.42 ? 165 ASN A CG  1 
ATOM   569 O  OD1 . ASN A 1 74 ? -10.737 -5.912  2.898   1.00 34.98 ? 165 ASN A OD1 1 
ATOM   570 N  ND2 . ASN A 1 74 ? -11.802 -4.984  4.648   1.00 28.28 ? 165 ASN A ND2 1 
ATOM   571 N  N   . HIS A 1 75 ? -7.298  -5.248  7.034   1.00 7.79  ? 166 HIS A N   1 
ATOM   572 C  CA  . HIS A 1 75 ? -6.108  -5.853  7.619   1.00 7.50  ? 166 HIS A CA  1 
ATOM   573 C  C   . HIS A 1 75 ? -5.823  -5.399  9.035   1.00 8.84  ? 166 HIS A C   1 
ATOM   574 O  O   . HIS A 1 75 ? -5.013  -6.029  9.722   1.00 10.96 ? 166 HIS A O   1 
ATOM   575 C  CB  . HIS A 1 75 ? -4.893  -5.631  6.708   1.00 8.19  ? 166 HIS A CB  1 
ATOM   576 C  CG  . HIS A 1 75 ? -5.007  -6.364  5.416   1.00 6.99  ? 166 HIS A CG  1 
ATOM   577 N  ND1 . HIS A 1 75 ? -5.039  -5.735  4.189   1.00 6.42  ? 166 HIS A ND1 1 
ATOM   578 C  CD2 . HIS A 1 75 ? -5.169  -7.688  5.165   1.00 9.62  ? 166 HIS A CD2 1 
ATOM   579 C  CE1 . HIS A 1 75 ? -5.200  -6.642  3.238   1.00 8.73  ? 166 HIS A CE1 1 
ATOM   580 N  NE2 . HIS A 1 75 ? -5.281  -7.834  3.804   1.00 10.27 ? 166 HIS A NE2 1 
ATOM   581 N  N   . GLU A 1 76 ? -6.464  -4.334  9.478   1.00 8.77  ? 167 GLU A N   1 
ATOM   582 C  CA  . GLU A 1 76 ? -6.239  -3.803  10.798  1.00 9.08  ? 167 GLU A CA  1 
ATOM   583 C  C   . GLU A 1 76 ? -6.529  -4.873  11.839  1.00 12.99 ? 167 GLU A C   1 
ATOM   584 O  O   . GLU A 1 76 ? -7.611  -5.470  11.814  1.00 16.38 ? 167 GLU A O   1 
ATOM   585 C  CB  . GLU A 1 76 ? -7.226  -2.655  10.967  1.00 12.55 ? 167 GLU A CB  1 
ATOM   586 C  CG  . GLU A 1 76 ? -6.999  -1.776  12.167  1.00 20.14 ? 167 GLU A CG  1 
ATOM   587 C  CD  . GLU A 1 76 ? -7.651  -0.437  11.962  1.00 22.70 ? 167 GLU A CD  1 
ATOM   588 O  OE1 . GLU A 1 76 ? -8.890  -0.400  11.747  1.00 22.40 ? 167 GLU A OE1 1 
ATOM   589 O  OE2 . GLU A 1 76 ? -6.919  0.570   11.949  1.00 21.21 ? 167 GLU A OE2 1 
ATOM   590 N  N   . PRO A 1 77 ? -5.611  -5.131  12.777  1.00 15.16 ? 168 PRO A N   1 
ATOM   591 C  CA  . PRO A 1 77 ? -5.848  -6.072  13.876  1.00 20.48 ? 168 PRO A CA  1 
ATOM   592 C  C   . PRO A 1 77 ? -6.934  -5.542  14.795  1.00 20.63 ? 168 PRO A C   1 
ATOM   593 O  O   . PRO A 1 77 ? -7.781  -6.305  15.259  1.00 36.01 ? 168 PRO A O   1 
ATOM   594 C  CB  . PRO A 1 77 ? -4.509  -6.089  14.619  1.00 19.87 ? 168 PRO A CB  1 
ATOM   595 C  CG  . PRO A 1 77 ? -3.506  -5.612  13.625  1.00 19.21 ? 168 PRO A CG  1 
ATOM   596 C  CD  . PRO A 1 77 ? -4.239  -4.608  12.784  1.00 15.27 ? 168 PRO A CD  1 
ATOM   597 O  OXT . PRO A 1 77 ? -7.001  -4.342  15.071  1.00 25.36 ? 168 PRO A OXT 1 
ATOM   598 N  N   . ARG B 2 1  ? 6.924   -2.270  -0.393  1.00 5.01  ? 1   ARG D N   1 
ATOM   599 C  CA  . ARG B 2 1  ? 7.660   -1.114  -0.907  1.00 5.03  ? 1   ARG D CA  1 
ATOM   600 C  C   . ARG B 2 1  ? 7.847   -1.312  -2.384  1.00 6.05  ? 1   ARG D C   1 
ATOM   601 O  O   . ARG B 2 1  ? 7.800   -2.446  -2.867  1.00 5.44  ? 1   ARG D O   1 
ATOM   602 C  CB  . ARG B 2 1  ? 9.050   -1.007  -0.273  1.00 6.80  ? 1   ARG D CB  1 
ATOM   603 C  CG  . ARG B 2 1  ? 9.094   -0.909  1.242   1.00 8.32  ? 1   ARG D CG  1 
ATOM   604 C  CD  . ARG B 2 1  ? 8.555   0.442   1.726   1.00 8.14  ? 1   ARG D CD  1 
ATOM   605 N  NE  . ARG B 2 1  ? 8.948   0.749   3.103   1.00 8.37  ? 1   ARG D NE  1 
ATOM   606 C  CZ  . ARG B 2 1  ? 8.440   0.147   4.170   1.00 9.75  ? 1   ARG D CZ  1 
ATOM   607 N  NH1 . ARG B 2 1  ? 7.501   -0.779  4.060   1.00 9.00  ? 1   ARG D NH1 1 
ATOM   608 N  NH2 . ARG B 2 1  ? 8.872   0.494   5.381   1.00 9.74  ? 1   ARG D NH2 1 
ATOM   609 N  N   . TRP B 2 2  ? 8.088   -0.217  -3.097  1.00 6.31  ? 2   TRP D N   1 
ATOM   610 C  CA  . TRP B 2 2  ? 8.474   -0.285  -4.496  1.00 6.19  ? 2   TRP D CA  1 
ATOM   611 C  C   . TRP B 2 2  ? 9.333   0.931   -4.790  1.00 8.99  ? 2   TRP D C   1 
ATOM   612 O  O   . TRP B 2 2  ? 8.862   2.070   -4.689  1.00 8.48  ? 2   TRP D O   1 
ATOM   613 C  CB  . TRP B 2 2  ? 7.236   -0.302  -5.390  1.00 7.55  ? 2   TRP D CB  1 
ATOM   614 C  CG  . TRP B 2 2  ? 7.615   -0.377  -6.838  1.00 8.34  ? 2   TRP D CG  1 
ATOM   615 C  CD1 . TRP B 2 2  ? 8.677   -1.061  -7.369  1.00 10.48 ? 2   TRP D CD1 1 
ATOM   616 C  CD2 . TRP B 2 2  ? 6.977   0.288   -7.937  1.00 10.38 ? 2   TRP D CD2 1 
ATOM   617 N  NE1 . TRP B 2 2  ? 8.720   -0.878  -8.733  1.00 11.48 ? 2   TRP D NE1 1 
ATOM   618 C  CE2 . TRP B 2 2  ? 7.690   -0.056  -9.105  1.00 10.34 ? 2   TRP D CE2 1 
ATOM   619 C  CE3 . TRP B 2 2  ? 5.849   1.108   -8.055  1.00 13.30 ? 2   TRP D CE3 1 
ATOM   620 C  CZ2 . TRP B 2 2  ? 7.335   0.416   -10.371 1.00 13.38 ? 2   TRP D CZ2 1 
ATOM   621 C  CZ3 . TRP B 2 2  ? 5.499   1.587   -9.317  1.00 13.87 ? 2   TRP D CZ3 1 
ATOM   622 C  CH2 . TRP B 2 2  ? 6.240   1.233   -10.455 1.00 13.17 ? 2   TRP D CH2 1 
ATOM   623 N  N   . ALA B 2 3  ? 10.592  0.699   -5.138  1.00 8.05  ? 3   ALA D N   1 
ATOM   624 C  CA  . ALA B 2 3  ? 11.512  1.796   -5.408  1.00 7.80  ? 3   ALA D CA  1 
ATOM   625 C  C   . ALA B 2 3  ? 11.720  2.007   -6.893  1.00 11.26 ? 3   ALA D C   1 
ATOM   626 O  O   . ALA B 2 3  ? 11.822  3.150   -7.347  1.00 12.40 ? 3   ALA D O   1 
ATOM   627 C  CB  . ALA B 2 3  ? 12.851  1.555   -4.714  1.00 10.02 ? 3   ALA D CB  1 
HETATM 628 N  N   . NH2 B 2 4  ? 11.845  0.914   -7.641  1.00 12.39 ? 4   NH2 D N   1 
HETATM 629 ZN ZN  . ZN  C 3 .  ? -2.648  -4.276  -0.068  1.00 6.36  ? 201 ZN  A ZN  1 
HETATM 630 ZN ZN  . ZN  D 3 .  ? -4.752  -3.744  3.766   1.00 6.33  ? 202 ZN  A ZN  1 
HETATM 631 ZN ZN  . ZN  E 3 .  ? -2.527  9.445   4.201   1.00 6.53  ? 203 ZN  A ZN  1 
HETATM 632 O  O   . HOH F 4 .  ? -9.013  14.659  3.589   1.00 24.58 ? 301 HOH A O   1 
HETATM 633 O  O   . HOH F 4 .  ? 11.491  2.802   10.835  1.00 32.67 ? 302 HOH A O   1 
HETATM 634 O  O   . HOH F 4 .  ? -10.587 -2.275  11.616  1.00 13.94 ? 303 HOH A O   1 
HETATM 635 O  O   . HOH F 4 .  ? 5.243   -2.086  -8.425  1.00 19.10 ? 304 HOH A O   1 
HETATM 636 O  O   . HOH F 4 .  ? 10.952  2.860   3.407   1.00 18.92 ? 305 HOH A O   1 
HETATM 637 O  O   . HOH F 4 .  ? 5.508   -9.252  -9.847  1.00 33.03 ? 306 HOH A O   1 
HETATM 638 O  O   . HOH F 4 .  ? 2.283   8.750   -11.448 1.00 31.18 ? 307 HOH A O   1 
HETATM 639 O  O   . HOH F 4 .  ? -7.347  8.431   -8.957  1.00 24.21 ? 308 HOH A O   1 
HETATM 640 O  O   . HOH F 4 .  ? -1.941  1.556   -14.078 1.00 20.52 ? 309 HOH A O   1 
HETATM 641 O  O   . HOH F 4 .  ? -3.768  -8.333  10.017  1.00 20.59 ? 310 HOH A O   1 
HETATM 642 O  O   . HOH F 4 .  ? -8.753  3.787   -6.028  1.00 29.60 ? 311 HOH A O   1 
HETATM 643 O  O   . HOH F 4 .  ? -5.089  -14.932 7.948   1.00 18.61 ? 312 HOH A O   1 
HETATM 644 O  O   . HOH F 4 .  ? 7.889   11.837  5.109   1.00 31.46 ? 313 HOH A O   1 
HETATM 645 O  O   . HOH F 4 .  ? 4.252   9.306   -1.498  1.00 19.95 ? 314 HOH A O   1 
HETATM 646 O  O   . HOH F 4 .  ? -8.458  -4.199  1.823   1.00 15.79 ? 315 HOH A O   1 
HETATM 647 O  O   . HOH F 4 .  ? 8.646   -2.328  9.825   1.00 19.29 ? 316 HOH A O   1 
HETATM 648 O  O   . HOH F 4 .  ? 4.875   12.248  3.401   1.00 28.89 ? 317 HOH A O   1 
HETATM 649 O  O   . HOH F 4 .  ? 2.291   4.213   11.694  1.00 17.32 ? 318 HOH A O   1 
HETATM 650 O  O   . HOH F 4 .  ? -0.785  -8.648  -8.008  1.00 19.13 ? 319 HOH A O   1 
HETATM 651 O  O   . HOH F 4 .  ? -3.377  -2.419  -6.900  1.00 11.01 ? 320 HOH A O   1 
HETATM 652 O  O   . HOH F 4 .  ? -2.031  -21.619 1.102   1.00 33.55 ? 321 HOH A O   1 
HETATM 653 O  O   . HOH F 4 .  ? -3.886  -1.379  -13.441 1.00 20.55 ? 322 HOH A O   1 
HETATM 654 O  O   . HOH F 4 .  ? 1.481   16.229  0.771   1.00 15.21 ? 323 HOH A O   1 
HETATM 655 O  O   . HOH F 4 .  ? -8.133  12.283  -1.752  1.00 13.88 ? 324 HOH A O   1 
HETATM 656 O  O   . HOH F 4 .  ? 12.263  1.168   0.049   1.00 18.32 ? 325 HOH A O   1 
HETATM 657 O  O   . HOH F 4 .  ? -13.958 0.292   3.087   1.00 18.21 ? 326 HOH A O   1 
HETATM 658 O  O   . HOH F 4 .  ? 2.258   -14.029 12.207  1.00 24.81 ? 327 HOH A O   1 
HETATM 659 O  O   . HOH F 4 .  ? 5.148   7.459   -7.873  1.00 23.00 ? 328 HOH A O   1 
HETATM 660 O  O   . HOH F 4 .  ? -14.836 6.650   -0.022  1.00 20.14 ? 329 HOH A O   1 
HETATM 661 O  O   . HOH F 4 .  ? -13.029 2.831   2.835   1.00 10.91 ? 330 HOH A O   1 
HETATM 662 O  O   . HOH F 4 .  ? -14.848 6.732   4.524   1.00 8.65  ? 331 HOH A O   1 
HETATM 663 O  O   . HOH F 4 .  ? 2.402   -5.522  9.463   1.00 15.85 ? 332 HOH A O   1 
HETATM 664 O  O   . HOH F 4 .  ? -0.252  13.668  -6.335  1.00 22.11 ? 333 HOH A O   1 
HETATM 665 O  O   . HOH F 4 .  ? 0.245   16.692  4.396   1.00 24.89 ? 334 HOH A O   1 
HETATM 666 O  O   . HOH F 4 .  ? 13.375  3.867   1.158   1.00 39.25 ? 335 HOH A O   1 
HETATM 667 O  O   . HOH F 4 .  ? -2.352  17.515  1.470   1.00 12.75 ? 336 HOH A O   1 
HETATM 668 O  O   . HOH F 4 .  ? 1.233   -5.770  3.216   1.00 10.08 ? 337 HOH A O   1 
HETATM 669 O  O   . HOH F 4 .  ? -1.700  -5.754  5.672   1.00 9.91  ? 338 HOH A O   1 
HETATM 670 O  O   . HOH F 4 .  ? 6.143   5.917   11.445  1.00 31.66 ? 339 HOH A O   1 
HETATM 671 O  O   . HOH F 4 .  ? 7.902   4.016   -13.837 1.00 38.93 ? 340 HOH A O   1 
HETATM 672 O  O   . HOH F 4 .  ? 3.393   -4.497  5.392   1.00 10.67 ? 341 HOH A O   1 
HETATM 673 O  O   . HOH F 4 .  ? -7.920  1.664   9.275   1.00 30.67 ? 342 HOH A O   1 
HETATM 674 O  O   . HOH F 4 .  ? -6.196  3.744   7.257   1.00 11.71 ? 343 HOH A O   1 
HETATM 675 O  O   . HOH F 4 .  ? -1.758  10.202  -9.438  1.00 22.93 ? 344 HOH A O   1 
HETATM 676 O  O   . HOH F 4 .  ? 1.776   -11.220 -8.286  1.00 24.86 ? 345 HOH A O   1 
HETATM 677 O  O   . HOH F 4 .  ? -6.430  -10.376 7.671   1.00 23.21 ? 346 HOH A O   1 
HETATM 678 O  O   . HOH F 4 .  ? -4.101  12.272  -7.222  1.00 25.43 ? 347 HOH A O   1 
HETATM 679 O  O   . HOH F 4 .  ? -4.916  -6.465  -11.814 1.00 26.90 ? 348 HOH A O   1 
HETATM 680 O  O   . HOH F 4 .  ? -12.540 3.922   -1.520  1.00 22.22 ? 349 HOH A O   1 
HETATM 681 O  O   . HOH F 4 .  ? 4.696   -1.071  -16.724 1.00 30.87 ? 350 HOH A O   1 
HETATM 682 O  O   . HOH F 4 .  ? 0.271   -11.077 -4.561  1.00 18.46 ? 351 HOH A O   1 
HETATM 683 O  O   . HOH F 4 .  ? -5.786  -4.328  -4.846  1.00 14.27 ? 352 HOH A O   1 
HETATM 684 O  O   . HOH F 4 .  ? 2.239   4.949   -6.155  1.00 13.38 ? 353 HOH A O   1 
HETATM 685 O  O   . HOH F 4 .  ? -2.328  5.521   13.086  1.00 18.83 ? 354 HOH A O   1 
HETATM 686 O  O   . HOH F 4 .  ? -0.354  17.579  -5.870  1.00 17.80 ? 355 HOH A O   1 
HETATM 687 O  O   . HOH F 4 .  ? -14.627 9.368   1.267   1.00 16.62 ? 356 HOH A O   1 
HETATM 688 O  O   . HOH F 4 .  ? -5.194  -6.772  -2.992  1.00 19.86 ? 357 HOH A O   1 
HETATM 689 O  O   . HOH F 4 .  ? -4.462  1.952   10.699  1.00 15.43 ? 358 HOH A O   1 
HETATM 690 O  O   . HOH F 4 .  ? -4.499  13.587  -4.673  1.00 13.91 ? 359 HOH A O   1 
HETATM 691 O  O   . HOH F 4 .  ? -12.316 0.439   -7.917  1.00 26.30 ? 360 HOH A O   1 
HETATM 692 O  O   . HOH F 4 .  ? -3.496  -11.379 1.744   1.00 31.69 ? 361 HOH A O   1 
HETATM 693 O  O   . HOH F 4 .  ? -2.481  -17.780 1.505   1.00 34.39 ? 362 HOH A O   1 
HETATM 694 O  O   . HOH F 4 .  ? -0.305  9.739   -11.957 1.00 25.30 ? 363 HOH A O   1 
HETATM 695 O  O   . HOH F 4 .  ? -0.448  -14.830 -12.434 1.00 35.89 ? 364 HOH A O   1 
HETATM 696 O  O   . HOH F 4 .  ? -14.288 -3.501  2.616   1.00 30.97 ? 365 HOH A O   1 
HETATM 697 O  O   . HOH F 4 .  ? -13.923 -4.526  7.313   1.00 23.99 ? 366 HOH A O   1 
HETATM 698 O  O   . HOH F 4 .  ? 8.139   -8.110  -4.412  1.00 19.66 ? 367 HOH A O   1 
HETATM 699 O  O   . HOH F 4 .  ? -8.342  -9.654  5.856   1.00 40.23 ? 368 HOH A O   1 
HETATM 700 O  O   . HOH F 4 .  ? 9.318   11.678  1.522   1.00 35.44 ? 369 HOH A O   1 
HETATM 701 O  O   . HOH F 4 .  ? -7.037  13.955  -3.646  1.00 18.35 ? 370 HOH A O   1 
HETATM 702 O  O   . HOH F 4 .  ? -5.364  -7.802  0.234   1.00 26.36 ? 371 HOH A O   1 
HETATM 703 O  O   . HOH F 4 .  ? 8.256   -9.282  -8.908  1.00 31.37 ? 372 HOH A O   1 
HETATM 704 O  O   . HOH F 4 .  ? -3.632  11.031  12.146  1.00 30.70 ? 373 HOH A O   1 
HETATM 705 O  O   . HOH F 4 .  ? 0.231   5.340   13.427  1.00 27.65 ? 374 HOH A O   1 
HETATM 706 O  O   . HOH F 4 .  ? 6.294   10.774  -0.785  1.00 31.43 ? 375 HOH A O   1 
HETATM 707 O  O   . HOH F 4 .  ? -3.033  15.347  -6.075  1.00 35.14 ? 376 HOH A O   1 
HETATM 708 O  O   . HOH F 4 .  ? -6.192  -4.262  -7.429  1.00 42.07 ? 377 HOH A O   1 
HETATM 709 O  O   . HOH F 4 .  ? -5.606  -3.124  -14.435 1.00 29.72 ? 378 HOH A O   1 
HETATM 710 O  O   . HOH G 4 .  ? 12.313  1.016   -10.465 1.00 17.09 ? 101 HOH D O   1 
HETATM 711 O  O   . HOH G 4 .  ? 11.750  -1.372  6.383   1.00 36.76 ? 102 HOH D O   1 
HETATM 712 O  O   . HOH G 4 .  ? 12.606  0.454   2.666   1.00 21.68 ? 103 HOH D O   1 
# 
